data_5SZL
#
_entry.id   5SZL
#
_cell.length_a   107.867
_cell.length_b   107.867
_cell.length_c   463.081
_cell.angle_alpha   90.00
_cell.angle_beta   90.00
_cell.angle_gamma   120.00
#
_symmetry.space_group_name_H-M   'P 31 2 1'
#
loop_
_entity.id
_entity.type
_entity.pdbx_description
1 polymer 'PROTOCADHERIN GAMMA A1 EXTRACELLULAR CADHERIN DOMAINS 1-4, Protein Pcdhga1'
2 branched beta-D-mannopyranose-(1-4)-2-acetamido-2-deoxy-beta-D-glucopyranose-(1-4)-2-acetamido-2-deoxy-beta-D-glucopyranose
3 branched 2-acetamido-2-deoxy-beta-D-glucopyranose-(1-4)-2-acetamido-2-deoxy-beta-D-glucopyranose
4 branched beta-D-mannopyranose-(1-4)-2-acetamido-2-deoxy-beta-D-glucopyranose-(1-4)-[alpha-L-fucopyranose-(1-6)]2-acetamido-2-deoxy-beta-D-glucopyranose
5 non-polymer alpha-D-mannopyranose
6 non-polymer 'CALCIUM ION'
7 non-polymer 2-acetamido-2-deoxy-beta-D-glucopyranose
#
_entity_poly.entity_id   1
_entity_poly.type   'polypeptide(L)'
_entity_poly.pdbx_seq_one_letter_code
;GNIRYSVPEETDKGSFVGSIAKDLGLETRELMERGIRIVSRGRSQLFSLNPRSGSLVTAGRIDREELCAQSTPCVVSFNI
LMEDEMKLLPIEVEIIDINDNTPQFQLEELELKMSEITTPGTRIPLPLGQDLDVGINSLQSYQLSANPHFSLDVQQGPEG
PQQPEMVLQRPLDREKDAVHYLVLTASDGGSPIHSGTLQIHVQVVDVNDNPPAFTKAEYHVSVPENVPLGTRLLKVNATD
PDEGANGRVTYSFHKVDHSVVRKFQLDAYTGELSNKEPLDFEEYKVYPMEIQAQDGAGLMARAKVLVTVLDVNDNAPEVG
ITSVTNTVPENFPPGTTIALISVHDQDADNNGHITCSIPGNLPFKLEKLVDNYYRLVTERTLDREQSSRHNITITATDQG
TPPLSTQAHISLLVTDINDHHHHHHHH
;
_entity_poly.pdbx_strand_id   A,B,C,D
#
loop_
_chem_comp.id
_chem_comp.type
_chem_comp.name
_chem_comp.formula
BMA D-saccharide, beta linking beta-D-mannopyranose 'C6 H12 O6'
CA non-polymer 'CALCIUM ION' 'Ca 2'
FUC L-saccharide, alpha linking alpha-L-fucopyranose 'C6 H12 O5'
MAN D-saccharide, alpha linking alpha-D-mannopyranose 'C6 H12 O6'
NAG D-saccharide, beta linking 2-acetamido-2-deoxy-beta-D-glucopyranose 'C8 H15 N O6'
#
# COMPACT_ATOMS: atom_id res chain seq x y z
N ASN A 2 -2.47 12.97 76.62
CA ASN A 2 -3.15 13.12 75.34
C ASN A 2 -4.22 12.07 75.14
N ILE A 3 -5.47 12.52 75.15
CA ILE A 3 -6.60 11.63 74.93
C ILE A 3 -7.13 11.86 73.53
N ARG A 4 -7.33 10.78 72.78
CA ARG A 4 -7.79 10.84 71.40
C ARG A 4 -9.08 10.06 71.19
N TYR A 5 -10.07 10.73 70.65
CA TYR A 5 -11.38 10.22 70.30
C TYR A 5 -11.56 10.29 68.78
N SER A 6 -12.69 9.77 68.28
CA SER A 6 -12.92 9.76 66.83
C SER A 6 -14.40 9.96 66.51
N VAL A 7 -14.70 10.95 65.67
CA VAL A 7 -16.07 11.21 65.22
C VAL A 7 -16.07 11.38 63.71
N PRO A 8 -17.02 10.79 62.99
CA PRO A 8 -17.11 10.98 61.54
C PRO A 8 -17.50 12.41 61.17
N GLU A 9 -17.34 12.73 59.89
CA GLU A 9 -17.74 14.04 59.41
C GLU A 9 -19.26 14.11 59.22
N GLU A 10 -19.76 15.34 59.12
CA GLU A 10 -21.17 15.61 58.82
C GLU A 10 -22.09 14.98 59.86
N THR A 11 -21.66 14.98 61.12
CA THR A 11 -22.45 14.40 62.21
C THR A 11 -23.52 15.37 62.71
N ASP A 12 -24.58 14.79 63.26
CA ASP A 12 -25.65 15.57 63.88
C ASP A 12 -25.11 16.28 65.13
N LYS A 13 -25.73 17.42 65.44
CA LYS A 13 -25.30 18.21 66.60
C LYS A 13 -25.56 17.45 67.89
N GLY A 14 -24.54 17.37 68.75
CA GLY A 14 -24.67 16.67 70.00
C GLY A 14 -24.31 15.20 69.97
N SER A 15 -23.64 14.75 68.91
CA SER A 15 -23.34 13.33 68.76
C SER A 15 -22.21 12.89 69.68
N PHE A 16 -22.35 11.67 70.19
CA PHE A 16 -21.43 11.11 71.17
C PHE A 16 -20.10 10.74 70.55
N VAL A 17 -19.02 11.09 71.24
CA VAL A 17 -17.69 10.73 70.81
C VAL A 17 -17.13 9.78 71.87
N GLY A 18 -17.00 10.30 73.09
CA GLY A 18 -16.58 9.55 74.26
C GLY A 18 -17.00 10.34 75.48
N SER A 19 -17.14 9.65 76.60
CA SER A 19 -17.48 10.32 77.86
C SER A 19 -16.17 10.71 78.53
N ILE A 20 -15.91 12.02 78.56
CA ILE A 20 -14.69 12.50 79.20
C ILE A 20 -14.74 12.22 80.69
N ALA A 21 -15.93 12.29 81.29
CA ALA A 21 -16.06 11.92 82.70
C ALA A 21 -15.67 10.47 82.91
N LYS A 22 -16.04 9.60 81.97
CA LYS A 22 -15.71 8.18 82.12
C LYS A 22 -14.22 7.97 81.97
N ASP A 23 -13.59 8.70 81.06
CA ASP A 23 -12.18 8.45 80.81
C ASP A 23 -11.28 9.11 81.85
N LEU A 24 -11.73 10.19 82.46
CA LEU A 24 -10.92 10.89 83.44
C LEU A 24 -11.12 10.30 84.82
N GLY A 25 -11.98 9.29 84.91
CA GLY A 25 -12.27 8.61 86.15
C GLY A 25 -13.05 9.48 87.11
N LEU A 26 -13.57 10.59 86.60
CA LEU A 26 -14.31 11.58 87.37
C LEU A 26 -15.81 11.43 87.12
N GLU A 27 -16.61 11.62 88.16
CA GLU A 27 -18.05 11.57 88.04
C GLU A 27 -18.59 12.89 87.48
N THR A 28 -19.90 13.06 87.58
CA THR A 28 -20.54 14.32 87.18
C THR A 28 -20.13 15.44 88.12
N ARG A 29 -20.24 15.17 89.42
CA ARG A 29 -19.91 16.16 90.44
C ARG A 29 -18.44 16.56 90.40
N GLU A 30 -17.55 15.57 90.35
CA GLU A 30 -16.11 15.85 90.45
C GLU A 30 -15.63 16.74 89.31
N LEU A 31 -16.08 16.47 88.08
CA LEU A 31 -15.72 17.36 86.98
C LEU A 31 -16.34 18.73 87.19
N MET A 32 -17.55 18.79 87.75
CA MET A 32 -18.12 20.12 87.99
C MET A 32 -17.27 20.89 88.99
N GLU A 33 -16.70 20.19 89.98
CA GLU A 33 -15.81 20.84 90.94
C GLU A 33 -14.53 21.29 90.26
N ARG A 34 -13.99 20.48 89.34
CA ARG A 34 -12.80 20.86 88.60
C ARG A 34 -13.06 22.09 87.74
N GLY A 35 -14.30 22.34 87.38
CA GLY A 35 -14.64 23.45 86.52
C GLY A 35 -14.12 23.21 85.12
N ILE A 36 -14.42 22.03 84.56
CA ILE A 36 -13.98 21.71 83.23
C ILE A 36 -14.78 22.53 82.23
N ARG A 37 -14.10 23.12 81.26
CA ARG A 37 -14.74 24.01 80.30
C ARG A 37 -13.97 23.98 79.00
N ILE A 38 -14.61 24.49 77.95
CA ILE A 38 -14.02 24.44 76.63
C ILE A 38 -12.97 25.53 76.50
N VAL A 39 -11.77 25.15 76.08
CA VAL A 39 -10.78 26.11 75.64
C VAL A 39 -11.12 26.40 74.18
N SER A 40 -11.45 27.66 73.89
CA SER A 40 -12.06 28.03 72.60
C SER A 40 -11.02 28.41 71.58
N ARG A 41 -10.63 27.44 70.74
CA ARG A 41 -9.76 27.65 69.59
C ARG A 41 -10.56 28.15 68.40
N GLY A 42 -9.85 28.67 67.41
CA GLY A 42 -10.49 29.25 66.24
C GLY A 42 -11.63 28.42 65.66
N ARG A 43 -11.43 27.11 65.56
CA ARG A 43 -12.45 26.20 65.04
C ARG A 43 -13.13 25.35 66.14
N SER A 44 -12.97 25.70 67.42
CA SER A 44 -13.48 24.90 68.53
C SER A 44 -14.98 25.02 68.82
N GLN A 45 -15.69 25.94 68.18
CA GLN A 45 -17.13 26.08 68.37
C GLN A 45 -17.95 24.98 67.69
N LEU A 46 -17.33 24.20 66.77
CA LEU A 46 -17.98 23.03 66.22
C LEU A 46 -18.09 21.93 67.24
N PHE A 47 -17.30 22.00 68.33
CA PHE A 47 -17.35 21.05 69.44
C PHE A 47 -18.22 21.66 70.54
N SER A 48 -19.06 20.83 71.15
CA SER A 48 -19.94 21.28 72.22
C SER A 48 -19.75 20.36 73.41
N LEU A 49 -19.38 20.94 74.54
CA LEU A 49 -19.20 20.18 75.76
C LEU A 49 -20.35 20.54 76.69
N ASN A 50 -21.09 19.54 77.13
CA ASN A 50 -22.13 19.80 78.10
C ASN A 50 -21.54 19.56 79.48
N PRO A 51 -21.53 20.57 80.37
CA PRO A 51 -20.78 20.42 81.63
C PRO A 51 -21.46 19.52 82.64
N ARG A 52 -22.62 18.98 82.30
CA ARG A 52 -23.41 18.12 83.17
C ARG A 52 -23.32 16.64 82.83
N SER A 53 -23.35 16.28 81.55
CA SER A 53 -23.23 14.88 81.15
C SER A 53 -21.80 14.36 81.18
N GLY A 54 -20.81 15.26 81.13
CA GLY A 54 -19.42 14.86 81.10
C GLY A 54 -18.98 14.27 79.78
N SER A 55 -19.77 14.40 78.73
CA SER A 55 -19.47 13.87 77.41
C SER A 55 -19.27 15.05 76.46
N LEU A 56 -18.03 15.26 76.02
CA LEU A 56 -17.77 16.22 74.96
C LEU A 56 -18.36 15.70 73.65
N VAL A 57 -19.40 16.36 73.16
CA VAL A 57 -20.11 15.95 71.95
C VAL A 57 -19.92 17.01 70.87
N THR A 58 -20.56 16.80 69.72
CA THR A 58 -20.47 17.74 68.61
C THR A 58 -21.41 18.93 68.77
N ALA A 59 -21.03 20.06 68.18
CA ALA A 59 -21.85 21.25 68.19
C ALA A 59 -22.44 21.62 66.84
N GLY A 60 -21.91 21.09 65.75
CA GLY A 60 -22.42 21.43 64.45
C GLY A 60 -21.92 20.48 63.38
N ARG A 61 -21.97 20.96 62.15
CA ARG A 61 -21.52 20.18 61.01
C ARG A 61 -19.99 20.18 60.98
N ILE A 62 -19.40 18.99 60.93
CA ILE A 62 -17.94 18.85 60.88
C ILE A 62 -17.61 18.47 59.45
N ASP A 63 -17.39 19.48 58.61
CA ASP A 63 -17.04 19.27 57.21
C ASP A 63 -15.51 19.24 57.12
N ARG A 64 -14.94 18.03 57.10
CA ARG A 64 -13.50 17.88 57.08
C ARG A 64 -12.89 18.31 55.75
N GLU A 65 -13.64 18.20 54.66
CA GLU A 65 -13.12 18.69 53.38
C GLU A 65 -12.90 20.20 53.46
N GLU A 66 -13.72 20.87 54.26
CA GLU A 66 -13.49 22.28 54.57
C GLU A 66 -12.32 22.43 55.54
N LEU A 67 -12.11 21.43 56.40
CA LEU A 67 -11.06 21.50 57.41
C LEU A 67 -9.69 21.16 56.82
N CYS A 68 -9.49 19.89 56.44
CA CYS A 68 -8.17 19.44 56.02
C CYS A 68 -8.05 19.25 54.51
N ALA A 69 -9.12 19.50 53.74
CA ALA A 69 -9.09 19.38 52.28
C ALA A 69 -8.64 18.00 51.84
N GLN A 70 -7.35 17.85 51.54
CA GLN A 70 -6.78 16.60 51.04
C GLN A 70 -5.71 16.04 51.96
N SER A 71 -5.56 16.59 53.16
CA SER A 71 -4.50 16.15 54.05
C SER A 71 -4.93 14.90 54.81
N THR A 72 -3.94 14.24 55.40
CA THR A 72 -4.17 12.99 56.14
C THR A 72 -3.05 12.73 57.14
N PRO A 73 -3.39 12.46 58.41
CA PRO A 73 -4.76 12.38 58.93
C PRO A 73 -5.29 13.74 59.40
N CYS A 74 -6.62 13.83 59.55
CA CYS A 74 -7.27 15.07 59.98
C CYS A 74 -7.66 14.91 61.45
N VAL A 75 -6.88 15.54 62.33
CA VAL A 75 -7.06 15.42 63.78
C VAL A 75 -7.22 16.82 64.36
N VAL A 76 -8.32 17.04 65.07
CA VAL A 76 -8.59 18.34 65.70
C VAL A 76 -8.10 18.29 67.15
N SER A 77 -7.22 19.22 67.50
CA SER A 77 -6.62 19.31 68.83
C SER A 77 -7.08 20.56 69.56
N PHE A 78 -7.70 20.39 70.74
CA PHE A 78 -8.05 21.53 71.57
C PHE A 78 -7.82 21.14 73.03
N ASN A 79 -7.68 22.14 73.88
CA ASN A 79 -7.37 21.90 75.30
C ASN A 79 -8.62 21.91 76.17
N ILE A 80 -8.59 21.05 77.19
CA ILE A 80 -9.57 21.04 78.26
C ILE A 80 -8.86 21.60 79.50
N LEU A 81 -9.35 22.72 80.01
CA LEU A 81 -8.75 23.38 81.16
C LEU A 81 -9.45 22.92 82.44
N MET A 82 -8.68 22.34 83.36
CA MET A 82 -9.19 22.01 84.69
C MET A 82 -8.75 23.13 85.64
N GLU A 83 -9.73 23.87 86.15
CA GLU A 83 -9.46 25.05 86.96
C GLU A 83 -8.89 24.69 88.32
N ASP A 84 -9.05 23.44 88.76
CA ASP A 84 -8.60 23.04 90.08
C ASP A 84 -7.09 23.13 90.17
N GLU A 85 -6.37 22.28 89.44
CA GLU A 85 -4.92 22.36 89.40
C GLU A 85 -4.42 23.33 88.34
N MET A 86 -5.33 24.05 87.69
CA MET A 86 -5.00 24.94 86.57
C MET A 86 -4.23 24.17 85.49
N LYS A 87 -4.70 22.96 85.19
CA LYS A 87 -3.98 22.02 84.34
C LYS A 87 -4.67 21.92 82.98
N LEU A 88 -3.89 22.02 81.91
CA LEU A 88 -4.42 21.86 80.58
C LEU A 88 -4.25 20.42 80.10
N LEU A 89 -5.26 19.91 79.41
CA LEU A 89 -5.24 18.54 78.88
C LEU A 89 -5.73 18.56 77.45
N PRO A 90 -4.88 18.29 76.46
CA PRO A 90 -5.31 18.34 75.06
C PRO A 90 -6.09 17.10 74.64
N ILE A 91 -7.27 17.33 74.08
CA ILE A 91 -8.13 16.29 73.53
C ILE A 91 -8.01 16.41 72.01
N GLU A 92 -7.72 15.29 71.35
CA GLU A 92 -7.64 15.20 69.90
C GLU A 92 -8.76 14.31 69.41
N VAL A 93 -9.52 14.80 68.43
CA VAL A 93 -10.64 14.07 67.86
C VAL A 93 -10.39 13.93 66.36
N GLU A 94 -10.30 12.69 65.91
CA GLU A 94 -10.07 12.40 64.49
C GLU A 94 -11.39 12.43 63.74
N ILE A 95 -11.41 13.11 62.60
CA ILE A 95 -12.63 13.25 61.80
C ILE A 95 -12.63 12.16 60.74
N ILE A 96 -13.53 11.19 60.89
CA ILE A 96 -13.64 10.10 59.93
C ILE A 96 -14.37 10.61 58.70
N ASP A 97 -13.88 10.22 57.52
CA ASP A 97 -14.39 10.74 56.25
C ASP A 97 -15.54 9.90 55.72
N ILE A 98 -16.47 10.58 55.03
CA ILE A 98 -17.58 9.94 54.34
C ILE A 98 -17.52 10.42 52.89
N ASN A 99 -18.39 9.87 52.05
CA ASN A 99 -18.42 10.16 50.61
C ASN A 99 -19.67 10.98 50.31
N ASP A 100 -19.49 12.28 50.11
CA ASP A 100 -20.61 13.16 49.78
C ASP A 100 -20.35 14.00 48.52
N ASN A 101 -19.30 13.70 47.77
CA ASN A 101 -18.93 14.48 46.60
C ASN A 101 -18.61 13.57 45.42
N THR A 102 -18.92 14.06 44.23
CA THR A 102 -18.67 13.50 42.91
C THR A 102 -17.45 14.17 42.28
N PRO A 103 -16.54 13.40 41.69
CA PRO A 103 -15.39 14.01 41.01
C PRO A 103 -15.82 15.00 39.93
N GLN A 104 -15.24 16.20 39.98
CA GLN A 104 -15.62 17.31 39.12
C GLN A 104 -14.48 17.64 38.17
N PHE A 105 -14.78 17.63 36.87
CA PHE A 105 -13.83 18.12 35.89
C PHE A 105 -13.94 19.65 35.76
N GLN A 106 -12.81 20.28 35.45
CA GLN A 106 -12.74 21.73 35.31
C GLN A 106 -13.28 22.23 33.97
N LEU A 107 -13.95 21.38 33.20
CA LEU A 107 -14.57 21.78 31.94
C LEU A 107 -15.68 20.78 31.62
N GLU A 108 -16.31 20.96 30.46
CA GLU A 108 -17.39 20.08 30.06
C GLU A 108 -17.10 19.29 28.79
N GLU A 109 -16.35 19.83 27.84
CA GLU A 109 -16.01 19.12 26.62
C GLU A 109 -14.60 19.49 26.18
N LEU A 110 -13.74 18.49 26.04
CA LEU A 110 -12.38 18.70 25.54
C LEU A 110 -12.39 18.38 24.05
N GLU A 111 -12.14 19.39 23.23
CA GLU A 111 -12.19 19.26 21.78
C GLU A 111 -10.78 19.38 21.22
N LEU A 112 -10.39 18.40 20.40
CA LEU A 112 -9.04 18.35 19.85
C LEU A 112 -9.09 18.07 18.36
N LYS A 113 -8.06 18.54 17.66
CA LYS A 113 -7.91 18.33 16.23
C LYS A 113 -6.67 17.47 16.00
N MET A 114 -6.86 16.32 15.34
CA MET A 114 -5.78 15.38 15.09
C MET A 114 -5.81 14.98 13.63
N SER A 115 -4.65 15.08 12.97
CA SER A 115 -4.56 14.70 11.57
C SER A 115 -4.78 13.21 11.40
N GLU A 116 -5.26 12.84 10.21
CA GLU A 116 -5.51 11.42 9.92
C GLU A 116 -4.22 10.64 9.74
N ILE A 117 -3.09 11.32 9.55
CA ILE A 117 -1.79 10.67 9.42
C ILE A 117 -1.03 10.62 10.74
N THR A 118 -1.70 10.90 11.86
CA THR A 118 -1.06 10.86 13.17
C THR A 118 -0.47 9.49 13.47
N THR A 119 0.82 9.48 13.80
CA THR A 119 1.53 8.25 14.13
C THR A 119 0.87 7.58 15.33
N PRO A 120 0.52 6.29 15.24
CA PRO A 120 -0.11 5.61 16.38
C PRO A 120 0.85 5.60 17.55
N GLY A 121 0.28 5.64 18.76
CA GLY A 121 1.07 5.78 19.96
C GLY A 121 1.19 7.19 20.48
N THR A 122 0.60 8.17 19.81
CA THR A 122 0.64 9.54 20.32
C THR A 122 -0.20 9.65 21.59
N ARG A 123 0.33 10.36 22.58
CA ARG A 123 -0.29 10.47 23.89
C ARG A 123 -0.84 11.88 24.07
N ILE A 124 -1.95 11.98 24.78
CA ILE A 124 -2.57 13.28 25.09
C ILE A 124 -2.93 13.32 26.57
N PRO A 125 -2.29 14.17 27.36
CA PRO A 125 -2.67 14.28 28.77
C PRO A 125 -4.07 14.87 28.90
N LEU A 126 -4.89 14.24 29.73
CA LEU A 126 -6.28 14.62 29.84
C LEU A 126 -6.51 15.51 31.05
N PRO A 127 -7.56 16.33 31.02
CA PRO A 127 -7.87 17.20 32.15
C PRO A 127 -8.17 16.38 33.41
N LEU A 128 -7.66 16.86 34.54
CA LEU A 128 -7.81 16.19 35.81
C LEU A 128 -9.21 16.38 36.39
N GLY A 129 -9.80 15.29 36.86
CA GLY A 129 -11.03 15.37 37.63
C GLY A 129 -10.71 15.38 39.12
N GLN A 130 -11.39 16.26 39.85
CA GLN A 130 -11.08 16.52 41.25
C GLN A 130 -12.26 16.13 42.12
N ASP A 131 -12.05 15.15 42.99
CA ASP A 131 -13.03 14.75 44.00
C ASP A 131 -12.70 15.42 45.33
N LEU A 132 -13.68 16.09 45.93
CA LEU A 132 -13.44 16.82 47.17
C LEU A 132 -13.20 15.88 48.35
N ASP A 133 -13.77 14.68 48.29
CA ASP A 133 -13.62 13.72 49.38
C ASP A 133 -12.18 13.21 49.47
N VAL A 134 -11.92 12.42 50.51
CA VAL A 134 -10.58 11.89 50.78
C VAL A 134 -10.68 10.37 50.91
N GLY A 135 -9.51 9.72 50.93
CA GLY A 135 -9.46 8.29 51.18
C GLY A 135 -9.99 7.51 50.00
N ILE A 136 -10.85 6.54 50.32
CA ILE A 136 -11.49 5.73 49.28
C ILE A 136 -12.58 6.51 48.58
N ASN A 137 -13.03 7.62 49.17
CA ASN A 137 -14.10 8.43 48.62
C ASN A 137 -13.56 9.50 47.67
N SER A 138 -12.25 9.54 47.46
CA SER A 138 -11.64 10.46 46.51
C SER A 138 -11.57 9.79 45.14
N LEU A 139 -10.95 10.45 44.17
CA LEU A 139 -10.84 9.90 42.84
C LEU A 139 -10.12 8.56 42.87
N GLN A 140 -10.71 7.56 42.23
CA GLN A 140 -10.18 6.21 42.28
C GLN A 140 -9.91 5.58 40.92
N SER A 141 -10.65 5.95 39.88
CA SER A 141 -10.44 5.30 38.60
C SER A 141 -10.91 6.19 37.46
N TYR A 142 -10.20 6.07 36.34
CA TYR A 142 -10.61 6.65 35.06
C TYR A 142 -11.09 5.54 34.14
N GLN A 143 -12.04 5.88 33.27
CA GLN A 143 -12.57 4.93 32.29
C GLN A 143 -12.81 5.69 30.99
N LEU A 144 -12.09 5.32 29.94
CA LEU A 144 -12.33 5.88 28.62
C LEU A 144 -13.34 5.02 27.88
N SER A 145 -14.28 5.68 27.21
CA SER A 145 -15.32 4.96 26.49
C SER A 145 -14.71 4.12 25.38
N ALA A 146 -15.37 3.01 25.06
CA ALA A 146 -14.84 2.07 24.09
C ALA A 146 -14.68 2.72 22.73
N ASN A 147 -13.51 2.51 22.11
CA ASN A 147 -13.22 3.03 20.78
C ASN A 147 -12.05 2.24 20.24
N PRO A 148 -12.02 1.95 18.94
CA PRO A 148 -10.94 1.11 18.40
C PRO A 148 -9.64 1.87 18.25
N HIS A 149 -9.73 3.19 18.09
CA HIS A 149 -8.55 3.98 17.78
C HIS A 149 -7.83 4.49 19.01
N PHE A 150 -8.48 4.53 20.16
CA PHE A 150 -7.90 5.11 21.36
C PHE A 150 -8.04 4.19 22.56
N SER A 151 -7.13 4.34 23.50
CA SER A 151 -7.12 3.59 24.74
C SER A 151 -6.72 4.53 25.87
N LEU A 152 -6.89 4.06 27.10
CA LEU A 152 -6.65 4.86 28.29
C LEU A 152 -5.40 4.34 28.99
N ASP A 153 -4.53 5.25 29.41
CA ASP A 153 -3.32 4.90 30.13
C ASP A 153 -3.25 5.84 31.32
N VAL A 154 -3.24 5.28 32.53
CA VAL A 154 -3.31 6.09 33.73
C VAL A 154 -2.09 5.80 34.59
N GLN A 155 -1.38 6.85 35.01
CA GLN A 155 -0.25 6.58 35.88
C GLN A 155 -0.76 6.51 37.32
N GLN A 156 -0.49 5.42 38.01
CA GLN A 156 -1.07 5.32 39.34
C GLN A 156 -0.12 5.94 40.35
N GLY A 157 -0.70 6.45 41.43
CA GLY A 157 0.07 6.99 42.52
C GLY A 157 -0.18 6.20 43.78
N PRO A 158 0.65 6.39 44.81
CA PRO A 158 0.37 5.72 46.09
C PRO A 158 -0.98 6.17 46.61
N GLU A 159 -1.28 7.47 46.50
CA GLU A 159 -2.58 8.00 46.89
C GLU A 159 -3.66 7.73 45.83
N GLY A 160 -3.29 7.78 44.54
CA GLY A 160 -4.27 7.55 43.49
C GLY A 160 -3.80 7.86 42.08
N PRO A 161 -4.75 7.93 41.14
CA PRO A 161 -4.38 8.14 39.73
C PRO A 161 -3.96 9.56 39.40
N GLN A 162 -2.86 9.66 38.65
CA GLN A 162 -2.31 10.90 38.17
C GLN A 162 -1.97 10.80 36.68
N GLN A 163 -2.09 11.95 36.02
CA GLN A 163 -1.81 12.20 34.61
C GLN A 163 -2.51 11.20 33.71
N PRO A 164 -3.84 11.23 33.59
CA PRO A 164 -4.49 10.33 32.64
C PRO A 164 -4.13 10.74 31.21
N GLU A 165 -3.92 9.73 30.36
CA GLU A 165 -3.44 9.98 29.02
C GLU A 165 -4.22 9.14 28.02
N MET A 166 -4.55 9.76 26.88
CA MET A 166 -5.25 9.10 25.80
C MET A 166 -4.27 8.78 24.68
N VAL A 167 -4.19 7.51 24.30
CA VAL A 167 -3.24 7.03 23.31
C VAL A 167 -3.97 6.57 22.06
N LEU A 168 -3.42 6.93 20.90
CA LEU A 168 -3.97 6.52 19.61
C LEU A 168 -3.45 5.14 19.27
N GLN A 169 -4.36 4.17 19.13
CA GLN A 169 -3.94 2.81 18.81
C GLN A 169 -4.04 2.55 17.31
N ARG A 170 -5.25 2.32 16.81
CA ARG A 170 -5.41 2.09 15.37
C ARG A 170 -5.41 3.42 14.61
N PRO A 171 -4.70 3.50 13.50
CA PRO A 171 -4.58 4.78 12.78
C PRO A 171 -5.92 5.32 12.32
N LEU A 172 -6.05 6.65 12.38
CA LEU A 172 -7.28 7.33 12.01
C LEU A 172 -7.48 7.36 10.49
N ASP A 173 -8.74 7.48 10.09
CA ASP A 173 -9.12 7.60 8.69
C ASP A 173 -10.25 8.63 8.60
N ARG A 174 -9.95 9.80 8.06
CA ARG A 174 -10.97 10.84 7.95
C ARG A 174 -12.01 10.47 6.90
N GLU A 175 -11.61 9.69 5.89
CA GLU A 175 -12.54 9.28 4.86
C GLU A 175 -13.59 8.32 5.39
N LYS A 176 -13.30 7.65 6.50
CA LYS A 176 -14.26 6.78 7.18
C LYS A 176 -14.92 7.49 8.35
N ASP A 177 -14.13 7.99 9.29
CA ASP A 177 -14.62 8.69 10.47
C ASP A 177 -13.91 10.02 10.59
N ALA A 178 -14.69 11.10 10.50
CA ALA A 178 -14.13 12.44 10.61
C ALA A 178 -14.21 13.01 12.01
N VAL A 179 -15.11 12.50 12.85
CA VAL A 179 -15.32 12.98 14.20
C VAL A 179 -15.48 11.77 15.12
N HIS A 180 -14.73 11.75 16.23
CA HIS A 180 -14.81 10.69 17.22
C HIS A 180 -15.23 11.30 18.55
N TYR A 181 -16.33 10.82 19.10
CA TYR A 181 -16.81 11.25 20.41
C TYR A 181 -16.50 10.18 21.45
N LEU A 182 -15.81 10.59 22.52
CA LEU A 182 -15.47 9.70 23.62
C LEU A 182 -16.04 10.26 24.91
N VAL A 183 -16.06 9.42 25.94
CA VAL A 183 -16.62 9.78 27.25
C VAL A 183 -15.63 9.32 28.31
N LEU A 184 -14.96 10.26 28.97
CA LEU A 184 -14.02 9.97 30.05
C LEU A 184 -14.74 10.07 31.39
N THR A 185 -14.99 8.94 32.02
CA THR A 185 -15.70 8.90 33.30
C THR A 185 -14.71 8.71 34.44
N ALA A 186 -14.76 9.60 35.42
CA ALA A 186 -13.95 9.51 36.63
C ALA A 186 -14.84 9.06 37.79
N SER A 187 -14.41 8.04 38.53
CA SER A 187 -15.21 7.44 39.57
C SER A 187 -14.42 7.28 40.86
N ASP A 188 -15.10 7.48 41.99
CA ASP A 188 -14.49 7.27 43.30
C ASP A 188 -14.67 5.82 43.74
N GLY A 189 -14.74 5.58 45.05
CA GLY A 189 -14.83 4.22 45.55
C GLY A 189 -15.85 4.00 46.65
N GLY A 190 -16.85 4.87 46.72
CA GLY A 190 -17.88 4.76 47.72
C GLY A 190 -18.93 3.71 47.38
N SER A 191 -20.07 3.80 48.06
CA SER A 191 -21.19 2.91 47.80
C SER A 191 -22.50 3.66 48.03
N PRO A 192 -23.19 4.03 46.95
CA PRO A 192 -22.80 3.77 45.55
C PRO A 192 -21.67 4.66 45.06
N ILE A 193 -21.11 4.32 43.90
CA ILE A 193 -20.00 5.07 43.32
C ILE A 193 -20.57 6.18 42.45
N HIS A 194 -20.03 7.39 42.59
CA HIS A 194 -20.45 8.53 41.80
C HIS A 194 -19.40 8.83 40.72
N SER A 195 -19.86 8.96 39.48
CA SER A 195 -18.98 9.17 38.34
C SER A 195 -19.27 10.54 37.72
N GLY A 196 -18.22 11.29 37.42
CA GLY A 196 -18.31 12.52 36.65
C GLY A 196 -17.79 12.28 35.24
N THR A 197 -18.45 12.88 34.26
CA THR A 197 -18.19 12.61 32.85
C THR A 197 -17.57 13.81 32.15
N LEU A 198 -16.61 13.54 31.27
CA LEU A 198 -15.99 14.54 30.42
C LEU A 198 -16.17 14.11 28.97
N GLN A 199 -17.00 14.86 28.22
CA GLN A 199 -17.19 14.59 26.81
C GLN A 199 -15.94 14.98 26.03
N ILE A 200 -15.55 14.13 25.08
CA ILE A 200 -14.35 14.34 24.28
C ILE A 200 -14.73 14.37 22.80
N HIS A 201 -14.30 15.43 22.11
CA HIS A 201 -14.58 15.64 20.69
C HIS A 201 -13.27 15.68 19.91
N VAL A 202 -12.91 14.57 19.29
CA VAL A 202 -11.68 14.48 18.50
C VAL A 202 -12.05 14.66 17.03
N GLN A 203 -11.61 15.76 16.44
CA GLN A 203 -11.85 16.05 15.03
C GLN A 203 -10.64 15.65 14.20
N VAL A 204 -10.89 15.03 13.04
CA VAL A 204 -9.85 14.55 12.15
C VAL A 204 -9.70 15.52 10.99
N VAL A 205 -8.47 15.99 10.76
CA VAL A 205 -8.13 16.93 9.69
C VAL A 205 -7.77 16.13 8.44
N ASP A 206 -8.11 16.68 7.27
CA ASP A 206 -7.96 15.95 6.03
C ASP A 206 -6.52 15.95 5.53
N VAL A 207 -6.12 14.84 4.91
CA VAL A 207 -4.82 14.68 4.27
C VAL A 207 -5.03 13.92 2.97
N ASN A 208 -4.37 14.38 1.90
CA ASN A 208 -4.52 13.70 0.61
C ASN A 208 -3.93 12.30 0.64
N ASP A 209 -4.75 11.31 0.98
CA ASP A 209 -4.31 9.93 1.08
C ASP A 209 -5.11 9.00 0.17
N ASN A 210 -5.81 9.55 -0.82
CA ASN A 210 -6.61 8.73 -1.72
C ASN A 210 -6.52 9.25 -3.14
N PRO A 211 -6.01 8.45 -4.08
CA PRO A 211 -5.92 8.87 -5.47
C PRO A 211 -7.26 8.72 -6.16
N PRO A 212 -7.44 9.34 -7.32
CA PRO A 212 -8.72 9.20 -8.04
C PRO A 212 -8.97 7.76 -8.44
N ALA A 213 -10.23 7.48 -8.80
CA ALA A 213 -10.65 6.13 -9.16
C ALA A 213 -11.64 6.21 -10.30
N PHE A 214 -11.25 5.73 -11.48
CA PHE A 214 -12.14 5.72 -12.62
C PHE A 214 -13.23 4.67 -12.45
N THR A 215 -14.32 4.85 -13.19
CA THR A 215 -15.40 3.88 -13.18
C THR A 215 -15.09 2.68 -14.06
N LYS A 216 -14.31 2.87 -15.13
CA LYS A 216 -13.91 1.77 -16.00
C LYS A 216 -12.43 1.89 -16.31
N ALA A 217 -11.75 0.75 -16.38
CA ALA A 217 -10.32 0.74 -16.69
C ALA A 217 -10.05 0.97 -18.16
N GLU A 218 -10.93 0.48 -19.04
CA GLU A 218 -10.79 0.65 -20.47
C GLU A 218 -12.12 1.08 -21.06
N TYR A 219 -12.11 2.20 -21.77
CA TYR A 219 -13.32 2.75 -22.38
C TYR A 219 -13.33 2.40 -23.87
N HIS A 220 -14.26 1.54 -24.26
CA HIS A 220 -14.40 1.13 -25.64
C HIS A 220 -15.62 1.83 -26.23
N VAL A 221 -15.50 2.24 -27.49
CA VAL A 221 -16.58 2.93 -28.17
C VAL A 221 -16.38 2.78 -29.67
N SER A 222 -17.48 2.75 -30.41
CA SER A 222 -17.47 2.65 -31.86
C SER A 222 -18.26 3.80 -32.44
N VAL A 223 -17.67 4.52 -33.40
CA VAL A 223 -18.30 5.71 -33.96
C VAL A 223 -18.12 5.66 -35.47
N PRO A 224 -19.11 6.09 -36.25
CA PRO A 224 -18.96 6.07 -37.71
C PRO A 224 -17.85 6.99 -38.16
N GLU A 225 -17.24 6.70 -39.30
CA GLU A 225 -16.14 7.56 -39.78
C GLU A 225 -16.61 8.95 -40.17
N ASN A 226 -17.86 9.09 -40.65
CA ASN A 226 -18.35 10.39 -41.08
C ASN A 226 -18.87 11.24 -39.94
N VAL A 227 -18.51 10.92 -38.71
CA VAL A 227 -19.06 11.66 -37.55
C VAL A 227 -18.69 13.13 -37.65
N PRO A 228 -19.62 14.05 -37.43
CA PRO A 228 -19.31 15.48 -37.52
C PRO A 228 -18.41 15.94 -36.39
N LEU A 229 -17.79 17.11 -36.60
CA LEU A 229 -16.92 17.68 -35.59
C LEU A 229 -17.72 18.11 -34.37
N GLY A 230 -17.17 17.85 -33.19
CA GLY A 230 -17.81 18.26 -31.95
C GLY A 230 -18.96 17.39 -31.49
N THR A 231 -19.03 16.15 -31.94
CA THR A 231 -20.06 15.23 -31.49
C THR A 231 -19.62 14.54 -30.21
N ARG A 232 -20.47 14.57 -29.19
CA ARG A 232 -20.18 13.98 -27.89
C ARG A 232 -19.86 12.48 -28.01
N LEU A 233 -18.59 12.12 -27.85
CA LEU A 233 -18.19 10.73 -27.95
C LEU A 233 -18.35 9.94 -26.66
N LEU A 234 -18.01 10.51 -25.50
CA LEU A 234 -18.02 9.73 -24.27
C LEU A 234 -18.01 10.65 -23.06
N LYS A 235 -18.27 10.07 -21.89
CA LYS A 235 -18.15 10.76 -20.61
C LYS A 235 -17.55 9.81 -19.58
N VAL A 236 -16.40 10.17 -19.01
CA VAL A 236 -15.76 9.38 -17.98
C VAL A 236 -16.18 9.90 -16.60
N ASN A 237 -15.93 9.12 -15.56
CA ASN A 237 -16.33 9.51 -14.20
C ASN A 237 -15.31 9.00 -13.20
N ALA A 238 -14.78 9.90 -12.37
CA ALA A 238 -13.82 9.54 -11.33
C ALA A 238 -14.23 10.21 -10.03
N THR A 239 -14.24 9.44 -8.95
CA THR A 239 -14.64 9.93 -7.63
C THR A 239 -13.46 9.87 -6.68
N ASP A 240 -13.48 10.79 -5.71
CA ASP A 240 -12.48 10.87 -4.65
C ASP A 240 -13.12 11.17 -3.30
N PRO A 241 -12.90 10.32 -2.30
CA PRO A 241 -13.54 10.53 -0.99
C PRO A 241 -12.87 11.58 -0.13
N ASP A 242 -11.74 12.14 -0.55
CA ASP A 242 -11.05 13.15 0.24
C ASP A 242 -11.89 14.42 0.33
N GLU A 243 -11.41 15.36 1.14
CA GLU A 243 -12.17 16.57 1.48
C GLU A 243 -11.67 17.74 0.67
N GLY A 244 -12.61 18.51 0.13
CA GLY A 244 -12.27 19.80 -0.49
C GLY A 244 -11.51 19.62 -1.78
N ALA A 245 -10.41 20.37 -1.91
CA ALA A 245 -9.62 20.35 -3.13
C ALA A 245 -9.01 18.97 -3.39
N ASN A 246 -8.80 18.19 -2.33
CA ASN A 246 -8.26 16.86 -2.51
C ASN A 246 -9.27 15.88 -3.08
N GLY A 247 -10.56 16.23 -3.14
CA GLY A 247 -11.57 15.27 -3.56
C GLY A 247 -12.43 15.56 -4.77
N ARG A 248 -12.13 16.65 -5.47
CA ARG A 248 -12.76 16.96 -6.75
C ARG A 248 -11.71 16.78 -7.85
N VAL A 249 -12.07 16.04 -8.89
CA VAL A 249 -11.12 15.61 -9.91
C VAL A 249 -11.24 16.48 -11.15
N THR A 250 -10.14 16.56 -11.90
CA THR A 250 -10.07 17.22 -13.19
C THR A 250 -9.36 16.28 -14.16
N TYR A 251 -9.92 16.13 -15.37
CA TYR A 251 -9.43 15.17 -16.34
C TYR A 251 -8.54 15.84 -17.38
N SER A 252 -7.62 15.06 -17.94
CA SER A 252 -6.72 15.58 -18.97
C SER A 252 -6.10 14.42 -19.73
N PHE A 253 -5.48 14.75 -20.86
CA PHE A 253 -4.79 13.76 -21.69
C PHE A 253 -3.38 13.52 -21.17
N HIS A 254 -3.00 12.25 -21.07
CA HIS A 254 -1.60 11.92 -20.81
C HIS A 254 -0.77 12.24 -22.04
N LYS A 255 0.30 13.02 -21.84
CA LYS A 255 1.14 13.44 -22.96
C LYS A 255 1.94 12.26 -23.50
N VAL A 256 1.40 11.60 -24.52
CA VAL A 256 2.09 10.49 -25.18
C VAL A 256 2.36 10.89 -26.63
N ASP A 257 1.39 10.62 -27.51
CA ASP A 257 1.45 11.04 -28.90
C ASP A 257 0.43 12.14 -29.12
N HIS A 258 0.91 13.35 -29.38
CA HIS A 258 0.00 14.47 -29.61
C HIS A 258 -0.61 14.46 -31.00
N SER A 259 -0.03 13.72 -31.95
CA SER A 259 -0.64 13.61 -33.27
C SER A 259 -1.97 12.87 -33.22
N VAL A 260 -2.21 12.06 -32.20
CA VAL A 260 -3.50 11.40 -32.02
C VAL A 260 -4.42 12.22 -31.13
N VAL A 261 -3.87 12.83 -30.08
CA VAL A 261 -4.67 13.61 -29.15
C VAL A 261 -5.24 14.85 -29.83
N ARG A 262 -4.46 15.46 -30.73
CA ARG A 262 -4.87 16.70 -31.39
C ARG A 262 -6.16 16.55 -32.17
N LYS A 263 -6.56 15.33 -32.51
CA LYS A 263 -7.79 15.09 -33.25
C LYS A 263 -9.02 15.02 -32.36
N PHE A 264 -8.88 15.33 -31.07
CA PHE A 264 -9.97 15.17 -30.12
C PHE A 264 -10.02 16.36 -29.17
N GLN A 265 -11.07 16.38 -28.37
CA GLN A 265 -11.36 17.45 -27.42
C GLN A 265 -11.93 16.82 -26.16
N LEU A 266 -11.27 17.04 -25.02
CA LEU A 266 -11.71 16.48 -23.75
C LEU A 266 -11.89 17.62 -22.75
N ASP A 267 -13.13 17.84 -22.33
CA ASP A 267 -13.40 18.85 -21.31
C ASP A 267 -12.77 18.41 -19.99
N ALA A 268 -11.99 19.30 -19.38
CA ALA A 268 -11.24 18.91 -18.20
C ALA A 268 -12.14 18.70 -16.99
N TYR A 269 -13.26 19.44 -16.90
CA TYR A 269 -14.10 19.41 -15.71
C TYR A 269 -15.25 18.42 -15.84
N THR A 270 -15.99 18.46 -16.95
CA THR A 270 -17.10 17.53 -17.14
C THR A 270 -16.63 16.19 -17.69
N GLY A 271 -15.44 16.14 -18.29
CA GLY A 271 -14.89 14.88 -18.77
C GLY A 271 -15.54 14.32 -20.00
N GLU A 272 -16.27 15.13 -20.76
CA GLU A 272 -16.96 14.64 -21.94
C GLU A 272 -16.04 14.79 -23.16
N LEU A 273 -15.69 13.66 -23.75
CA LEU A 273 -14.82 13.62 -24.92
C LEU A 273 -15.65 13.70 -26.19
N SER A 274 -15.28 14.63 -27.06
CA SER A 274 -15.87 14.81 -28.38
C SER A 274 -14.73 14.99 -29.37
N ASN A 275 -15.06 14.96 -30.66
CA ASN A 275 -14.04 15.07 -31.69
C ASN A 275 -13.79 16.51 -32.07
N LYS A 276 -12.52 16.84 -32.29
CA LYS A 276 -12.11 18.18 -32.71
C LYS A 276 -11.71 18.26 -34.17
N GLU A 277 -11.26 17.16 -34.74
CA GLU A 277 -10.82 17.09 -36.12
C GLU A 277 -11.50 15.90 -36.77
N PRO A 278 -11.60 15.89 -38.10
CA PRO A 278 -12.31 14.78 -38.77
C PRO A 278 -11.66 13.44 -38.48
N LEU A 279 -12.49 12.40 -38.51
CA LEU A 279 -12.06 11.03 -38.23
C LEU A 279 -12.16 10.27 -39.55
N ASP A 280 -11.02 9.86 -40.08
CA ASP A 280 -10.96 9.15 -41.34
C ASP A 280 -10.60 7.70 -41.02
N PHE A 281 -11.40 6.75 -41.53
CA PHE A 281 -11.11 5.35 -41.26
C PHE A 281 -9.74 4.98 -41.78
N GLU A 282 -9.33 5.63 -42.87
CA GLU A 282 -8.01 5.50 -43.43
C GLU A 282 -7.02 6.12 -42.47
N GLU A 283 -5.75 5.74 -42.59
CA GLU A 283 -4.70 6.20 -41.68
C GLU A 283 -4.87 5.66 -40.26
N TYR A 284 -6.08 5.78 -39.70
CA TYR A 284 -6.38 5.27 -38.37
C TYR A 284 -7.67 4.50 -38.41
N LYS A 285 -7.59 3.19 -38.14
CA LYS A 285 -8.77 2.37 -37.98
C LYS A 285 -9.37 2.57 -36.59
N VAL A 286 -8.51 2.55 -35.56
CA VAL A 286 -8.90 2.79 -34.19
C VAL A 286 -8.10 3.99 -33.66
N TYR A 287 -8.52 4.47 -32.49
CA TYR A 287 -7.87 5.60 -31.83
C TYR A 287 -7.65 5.25 -30.36
N PRO A 288 -6.46 4.81 -29.99
CA PRO A 288 -6.16 4.54 -28.58
C PRO A 288 -5.62 5.77 -27.86
N MET A 289 -6.12 6.00 -26.65
CA MET A 289 -5.71 7.17 -25.88
C MET A 289 -5.64 6.84 -24.40
N GLU A 290 -4.69 7.48 -23.71
CA GLU A 290 -4.51 7.38 -22.27
C GLU A 290 -4.97 8.67 -21.61
N ILE A 291 -5.86 8.55 -20.62
CA ILE A 291 -6.39 9.71 -19.92
C ILE A 291 -5.98 9.64 -18.44
N GLN A 292 -5.96 10.82 -17.83
CA GLN A 292 -5.42 11.03 -16.48
C GLN A 292 -6.40 11.86 -15.67
N ALA A 293 -6.58 11.47 -14.41
CA ALA A 293 -7.45 12.16 -13.47
C ALA A 293 -6.61 12.72 -12.33
N GLN A 294 -6.65 14.04 -12.15
CA GLN A 294 -5.85 14.73 -11.15
C GLN A 294 -6.76 15.34 -10.09
N ASP A 295 -6.44 15.09 -8.82
CA ASP A 295 -7.12 15.83 -7.75
C ASP A 295 -6.42 17.17 -7.58
N GLY A 296 -6.43 17.69 -6.36
CA GLY A 296 -5.79 18.97 -6.10
C GLY A 296 -4.41 18.92 -5.48
N ALA A 297 -3.87 17.74 -5.21
CA ALA A 297 -2.63 17.62 -4.46
C ALA A 297 -1.73 16.54 -5.03
N GLY A 298 -1.55 16.55 -6.35
CA GLY A 298 -0.50 15.77 -6.96
C GLY A 298 -0.79 14.30 -7.15
N LEU A 299 -1.95 13.82 -6.72
CA LEU A 299 -2.34 12.44 -6.98
C LEU A 299 -3.05 12.35 -8.32
N MET A 300 -2.98 11.16 -8.92
CA MET A 300 -3.44 10.98 -10.28
C MET A 300 -3.89 9.54 -10.49
N ALA A 301 -4.72 9.36 -11.51
CA ALA A 301 -5.19 8.05 -11.92
C ALA A 301 -5.13 7.98 -13.44
N ARG A 302 -5.13 6.76 -13.96
CA ARG A 302 -5.02 6.53 -15.40
C ARG A 302 -6.22 5.71 -15.88
N ALA A 303 -6.54 5.86 -17.16
CA ALA A 303 -7.58 5.07 -17.79
C ALA A 303 -7.33 5.04 -19.29
N LYS A 304 -7.90 4.04 -19.95
CA LYS A 304 -7.75 3.87 -21.39
C LYS A 304 -9.07 4.13 -22.10
N VAL A 305 -8.98 4.77 -23.26
CA VAL A 305 -10.14 5.09 -24.08
C VAL A 305 -9.82 4.67 -25.51
N LEU A 306 -10.65 3.80 -26.07
CA LEU A 306 -10.47 3.29 -27.42
C LEU A 306 -11.65 3.75 -28.27
N VAL A 307 -11.38 4.60 -29.24
CA VAL A 307 -12.39 5.12 -30.14
C VAL A 307 -12.21 4.40 -31.47
N THR A 308 -13.02 3.37 -31.70
CA THR A 308 -12.93 2.59 -32.92
C THR A 308 -13.76 3.26 -34.01
N VAL A 309 -13.16 3.42 -35.18
CA VAL A 309 -13.82 4.05 -36.31
C VAL A 309 -14.52 2.97 -37.12
N LEU A 310 -15.78 3.22 -37.47
CA LEU A 310 -16.46 2.30 -38.33
C LEU A 310 -16.02 2.56 -39.77
N ASP A 311 -16.18 1.57 -40.63
CA ASP A 311 -15.78 1.71 -42.02
C ASP A 311 -17.02 1.95 -42.87
N VAL A 312 -16.90 2.86 -43.83
CA VAL A 312 -18.01 3.24 -44.69
C VAL A 312 -17.45 3.61 -46.06
N ASN A 313 -18.14 3.23 -47.13
CA ASN A 313 -17.60 3.50 -48.46
C ASN A 313 -17.66 5.02 -48.69
N ASP A 314 -16.52 5.70 -48.52
CA ASP A 314 -16.48 7.14 -48.74
C ASP A 314 -15.33 7.59 -49.62
N ASN A 315 -14.41 6.70 -49.96
CA ASN A 315 -13.28 6.99 -50.83
C ASN A 315 -13.46 6.21 -52.12
N ALA A 316 -13.52 6.93 -53.23
CA ALA A 316 -13.63 6.32 -54.54
C ALA A 316 -12.27 5.82 -55.01
N PRO A 317 -12.24 4.76 -55.80
CA PRO A 317 -10.98 4.33 -56.38
C PRO A 317 -10.40 5.43 -57.24
N GLU A 318 -9.09 5.41 -57.40
CA GLU A 318 -8.36 6.42 -58.17
C GLU A 318 -7.66 5.74 -59.34
N VAL A 319 -7.75 6.37 -60.51
CA VAL A 319 -7.17 5.85 -61.74
C VAL A 319 -5.98 6.72 -62.09
N GLY A 320 -4.82 6.08 -62.20
CA GLY A 320 -3.63 6.76 -62.65
C GLY A 320 -3.25 6.29 -64.04
N ILE A 321 -3.17 7.23 -64.97
CA ILE A 321 -2.75 6.92 -66.34
C ILE A 321 -1.25 6.70 -66.30
N THR A 322 -0.84 5.54 -65.77
CA THR A 322 0.57 5.29 -65.57
C THR A 322 1.30 5.00 -66.88
N SER A 323 0.57 4.62 -67.92
CA SER A 323 1.17 4.36 -69.21
C SER A 323 0.23 4.82 -70.30
N VAL A 324 0.78 5.48 -71.30
CA VAL A 324 0.04 5.86 -72.49
C VAL A 324 1.03 5.89 -73.64
N THR A 325 0.74 5.13 -74.69
CA THR A 325 1.50 5.21 -75.93
C THR A 325 0.63 5.98 -76.92
N ASN A 326 0.90 7.27 -77.04
CA ASN A 326 0.06 8.17 -77.83
C ASN A 326 0.14 7.85 -79.30
N THR A 327 1.32 7.49 -79.80
CA THR A 327 1.49 7.23 -81.22
C THR A 327 1.22 5.76 -81.46
N VAL A 328 0.22 5.49 -82.30
CA VAL A 328 -0.30 4.16 -82.51
C VAL A 328 -0.41 3.97 -84.02
N PRO A 329 0.13 2.89 -84.55
CA PRO A 329 0.15 2.71 -86.00
C PRO A 329 -1.24 2.57 -86.60
N GLU A 330 -1.32 2.87 -87.89
CA GLU A 330 -2.57 2.74 -88.62
C GLU A 330 -2.93 1.27 -88.79
N ASN A 331 -1.94 0.41 -88.94
CA ASN A 331 -2.12 -1.00 -89.20
C ASN A 331 -1.81 -1.89 -87.99
N PHE A 332 -2.09 -1.43 -86.78
CA PHE A 332 -1.77 -2.23 -85.61
C PHE A 332 -2.68 -3.47 -85.54
N PRO A 333 -2.15 -4.62 -85.10
CA PRO A 333 -2.94 -5.85 -85.08
C PRO A 333 -3.80 -5.93 -83.83
N PRO A 334 -4.81 -6.80 -83.83
CA PRO A 334 -5.62 -6.95 -82.61
C PRO A 334 -4.84 -7.66 -81.51
N GLY A 335 -4.95 -7.12 -80.30
CA GLY A 335 -4.24 -7.64 -79.16
C GLY A 335 -3.10 -6.78 -78.65
N THR A 336 -2.95 -5.57 -79.17
CA THR A 336 -1.84 -4.69 -78.80
C THR A 336 -2.31 -3.69 -77.75
N THR A 337 -1.56 -3.59 -76.66
CA THR A 337 -1.89 -2.64 -75.61
C THR A 337 -1.56 -1.22 -76.03
N ILE A 338 -2.54 -0.33 -75.94
CA ILE A 338 -2.34 1.07 -76.25
C ILE A 338 -2.11 1.91 -75.00
N ALA A 339 -2.60 1.46 -73.84
CA ALA A 339 -2.42 2.18 -72.59
C ALA A 339 -2.58 1.20 -71.43
N LEU A 340 -1.80 1.44 -70.38
CA LEU A 340 -1.86 0.66 -69.15
C LEU A 340 -2.21 1.60 -68.01
N ILE A 341 -3.24 1.24 -67.25
CA ILE A 341 -3.71 2.10 -66.17
C ILE A 341 -3.51 1.40 -64.84
N SER A 342 -3.26 2.20 -63.81
CA SER A 342 -3.06 1.70 -62.45
C SER A 342 -4.13 2.33 -61.56
N VAL A 343 -5.07 1.51 -61.12
CA VAL A 343 -6.20 1.97 -60.31
C VAL A 343 -6.06 1.39 -58.91
N HIS A 344 -6.63 2.11 -57.93
CA HIS A 344 -6.44 1.77 -56.52
C HIS A 344 -7.56 2.37 -55.67
N ASP A 345 -8.26 1.54 -54.90
CA ASP A 345 -9.32 1.98 -54.01
C ASP A 345 -8.82 1.94 -52.58
N GLN A 346 -9.09 3.01 -51.82
CA GLN A 346 -8.55 3.19 -50.49
C GLN A 346 -9.29 2.43 -49.38
N ASP A 347 -10.40 1.75 -49.67
CA ASP A 347 -11.12 0.98 -48.67
C ASP A 347 -10.78 -0.50 -48.81
N ALA A 348 -11.40 -1.35 -47.99
CA ALA A 348 -11.18 -2.79 -48.06
C ALA A 348 -12.51 -3.51 -48.24
N ASP A 349 -12.44 -4.84 -48.32
CA ASP A 349 -13.58 -5.75 -48.47
C ASP A 349 -14.29 -5.44 -49.79
N ASN A 350 -15.61 -5.65 -49.82
CA ASN A 350 -16.39 -5.36 -51.02
C ASN A 350 -16.37 -3.88 -51.36
N ASN A 351 -16.02 -3.02 -50.41
CA ASN A 351 -15.91 -1.60 -50.67
C ASN A 351 -14.58 -1.22 -51.32
N GLY A 352 -13.72 -2.19 -51.60
CA GLY A 352 -12.38 -1.93 -52.07
C GLY A 352 -12.01 -2.63 -53.37
N HIS A 353 -12.94 -3.41 -53.92
CA HIS A 353 -12.70 -4.09 -55.18
C HIS A 353 -12.98 -3.14 -56.34
N ILE A 354 -12.18 -3.26 -57.40
CA ILE A 354 -12.12 -2.25 -58.44
C ILE A 354 -12.61 -2.84 -59.76
N THR A 355 -13.60 -2.18 -60.37
CA THR A 355 -14.06 -2.53 -61.71
C THR A 355 -13.82 -1.39 -62.68
N CYS A 356 -13.56 -1.76 -63.94
CA CYS A 356 -13.26 -0.80 -65.00
C CYS A 356 -14.32 -0.87 -66.09
N SER A 357 -14.69 0.30 -66.61
CA SER A 357 -15.71 0.42 -67.66
C SER A 357 -15.17 1.30 -68.78
N ILE A 358 -15.32 0.83 -70.01
CA ILE A 358 -14.87 1.52 -71.22
C ILE A 358 -15.97 1.44 -72.26
N PRO A 359 -15.99 2.39 -73.21
CA PRO A 359 -17.05 2.37 -74.23
C PRO A 359 -17.03 1.07 -75.03
N GLY A 360 -18.18 0.41 -75.09
CA GLY A 360 -18.29 -0.87 -75.75
C GLY A 360 -18.48 -0.82 -77.25
N ASN A 361 -18.77 0.35 -77.81
CA ASN A 361 -18.94 0.47 -79.25
C ASN A 361 -17.60 0.33 -79.96
N LEU A 362 -16.57 1.01 -79.45
CA LEU A 362 -15.26 0.94 -80.07
C LEU A 362 -14.66 -0.45 -79.90
N PRO A 363 -13.82 -0.88 -80.84
CA PRO A 363 -13.30 -2.26 -80.78
C PRO A 363 -12.44 -2.53 -79.57
N PHE A 364 -11.64 -1.56 -79.13
CA PHE A 364 -10.72 -1.77 -78.02
C PHE A 364 -11.47 -2.16 -76.74
N LYS A 365 -10.85 -3.04 -75.96
CA LYS A 365 -11.45 -3.51 -74.72
C LYS A 365 -10.36 -3.57 -73.65
N LEU A 366 -10.78 -3.57 -72.39
CA LEU A 366 -9.86 -3.60 -71.27
C LEU A 366 -9.84 -4.97 -70.62
N GLU A 367 -8.64 -5.52 -70.43
CA GLU A 367 -8.47 -6.77 -69.72
C GLU A 367 -7.61 -6.55 -68.49
N LYS A 368 -7.90 -7.28 -67.42
CA LYS A 368 -7.15 -7.15 -66.19
C LYS A 368 -5.85 -7.96 -66.26
N LEU A 369 -4.75 -7.37 -65.78
CA LEU A 369 -3.50 -8.12 -65.63
C LEU A 369 -3.13 -8.26 -64.15
N VAL A 370 -1.86 -8.07 -63.80
CA VAL A 370 -1.40 -8.29 -62.43
C VAL A 370 -2.10 -7.34 -61.47
N ASP A 371 -2.53 -7.88 -60.33
CA ASP A 371 -3.09 -7.12 -59.23
C ASP A 371 -4.26 -6.24 -59.68
N ASN A 372 -4.00 -4.93 -59.72
CA ASN A 372 -5.00 -3.90 -59.98
C ASN A 372 -4.76 -3.16 -61.28
N TYR A 373 -3.83 -3.64 -62.12
CA TYR A 373 -3.49 -2.99 -63.37
C TYR A 373 -4.41 -3.43 -64.48
N TYR A 374 -4.74 -2.50 -65.37
CA TYR A 374 -5.68 -2.77 -66.45
C TYR A 374 -5.05 -2.38 -67.78
N ARG A 375 -5.15 -3.27 -68.76
CA ARG A 375 -4.54 -3.10 -70.07
C ARG A 375 -5.60 -2.85 -71.12
N LEU A 376 -5.42 -1.80 -71.91
CA LEU A 376 -6.33 -1.45 -73.01
C LEU A 376 -5.80 -2.13 -74.27
N VAL A 377 -6.43 -3.24 -74.64
CA VAL A 377 -6.00 -4.06 -75.76
C VAL A 377 -6.92 -3.87 -76.95
N THR A 378 -6.37 -4.12 -78.14
CA THR A 378 -7.08 -4.00 -79.40
C THR A 378 -7.70 -5.34 -79.79
N GLU A 379 -8.88 -5.30 -80.41
CA GLU A 379 -9.53 -6.52 -80.87
C GLU A 379 -9.89 -6.48 -82.36
N ARG A 380 -10.09 -5.29 -82.90
CA ARG A 380 -10.43 -5.13 -84.31
C ARG A 380 -9.68 -3.92 -84.86
N THR A 381 -9.89 -3.62 -86.13
CA THR A 381 -9.22 -2.51 -86.78
C THR A 381 -10.15 -1.33 -86.95
N LEU A 382 -9.60 -0.12 -86.78
CA LEU A 382 -10.34 1.10 -87.01
C LEU A 382 -9.71 1.87 -88.17
N ASP A 383 -10.55 2.46 -89.00
CA ASP A 383 -10.08 3.26 -90.13
C ASP A 383 -9.76 4.66 -89.66
N ARG A 384 -8.67 5.23 -90.19
CA ARG A 384 -8.34 6.62 -89.86
C ARG A 384 -9.36 7.59 -90.45
N GLU A 385 -9.99 7.23 -91.57
CA GLU A 385 -10.97 8.13 -92.16
C GLU A 385 -12.26 8.12 -91.35
N GLN A 386 -12.68 6.94 -90.90
CA GLN A 386 -13.90 6.86 -90.09
C GLN A 386 -13.73 7.59 -88.77
N SER A 387 -12.54 7.49 -88.16
CA SER A 387 -12.26 8.13 -86.87
C SER A 387 -10.82 8.64 -86.87
N SER A 388 -10.66 9.95 -86.81
CA SER A 388 -9.33 10.56 -86.77
C SER A 388 -8.86 10.85 -85.35
N ARG A 389 -9.76 11.32 -84.49
CA ARG A 389 -9.43 11.64 -83.10
C ARG A 389 -10.38 10.90 -82.16
N HIS A 390 -9.87 10.53 -80.99
CA HIS A 390 -10.63 9.77 -80.01
C HIS A 390 -10.48 10.41 -78.63
N ASN A 391 -11.62 10.72 -78.03
CA ASN A 391 -11.72 11.24 -76.67
C ASN A 391 -12.41 10.16 -75.84
N ILE A 392 -11.62 9.40 -75.09
CA ILE A 392 -12.09 8.22 -74.38
C ILE A 392 -12.47 8.59 -72.96
N THR A 393 -13.55 7.98 -72.47
CA THR A 393 -14.07 8.20 -71.12
C THR A 393 -14.09 6.83 -70.43
N ILE A 394 -13.11 6.58 -69.56
CA ILE A 394 -13.04 5.35 -68.77
C ILE A 394 -13.57 5.65 -67.37
N THR A 395 -14.50 4.81 -66.91
CA THR A 395 -15.12 5.00 -65.60
C THR A 395 -14.83 3.80 -64.71
N ALA A 396 -14.23 4.05 -63.54
CA ALA A 396 -13.88 3.02 -62.57
C ALA A 396 -14.88 3.04 -61.43
N THR A 397 -15.50 1.92 -61.15
CA THR A 397 -16.58 1.79 -60.18
C THR A 397 -16.15 0.84 -59.07
N ASP A 398 -16.42 1.18 -57.82
CA ASP A 398 -16.18 0.22 -56.74
C ASP A 398 -17.45 -0.50 -56.32
N GLN A 399 -17.24 -1.67 -55.74
CA GLN A 399 -18.25 -2.71 -55.63
C GLN A 399 -19.02 -2.68 -54.33
N GLY A 400 -18.83 -1.67 -53.49
CA GLY A 400 -19.51 -1.55 -52.22
C GLY A 400 -20.55 -0.45 -52.30
N THR A 401 -21.79 -0.80 -51.98
CA THR A 401 -22.89 0.14 -52.03
C THR A 401 -22.82 1.12 -50.86
N PRO A 402 -22.97 2.43 -51.13
CA PRO A 402 -23.16 3.01 -52.47
C PRO A 402 -21.86 3.09 -53.25
N PRO A 403 -21.87 2.62 -54.48
CA PRO A 403 -20.63 2.59 -55.27
C PRO A 403 -20.14 3.99 -55.60
N LEU A 404 -18.81 4.16 -55.56
CA LEU A 404 -18.15 5.39 -55.94
C LEU A 404 -17.30 5.14 -57.19
N SER A 405 -17.35 6.09 -58.11
CA SER A 405 -16.72 5.93 -59.41
C SER A 405 -15.88 7.16 -59.74
N THR A 406 -14.80 6.94 -60.47
CA THR A 406 -13.89 7.99 -60.90
C THR A 406 -13.71 7.88 -62.41
N GLN A 407 -13.82 8.99 -63.10
CA GLN A 407 -13.75 9.02 -64.56
C GLN A 407 -12.46 9.67 -65.01
N ALA A 408 -11.89 9.15 -66.09
CA ALA A 408 -10.69 9.69 -66.71
C ALA A 408 -10.88 9.77 -68.21
N HIS A 409 -10.41 10.85 -68.81
CA HIS A 409 -10.54 11.10 -70.24
C HIS A 409 -9.15 11.06 -70.88
N ILE A 410 -8.99 10.23 -71.90
CA ILE A 410 -7.72 10.07 -72.59
C ILE A 410 -7.90 10.47 -74.05
N SER A 411 -6.98 11.25 -74.57
CA SER A 411 -7.04 11.71 -75.96
C SER A 411 -6.01 10.97 -76.80
N LEU A 412 -6.46 10.41 -77.93
CA LEU A 412 -5.60 9.64 -78.82
C LEU A 412 -5.92 10.03 -80.27
N LEU A 413 -4.95 9.78 -81.15
CA LEU A 413 -5.09 10.12 -82.56
C LEU A 413 -4.50 9.02 -83.41
N VAL A 414 -4.84 9.05 -84.71
CA VAL A 414 -4.31 8.08 -85.66
C VAL A 414 -3.30 8.76 -86.58
N ASN B 2 11.05 -7.68 -65.91
CA ASN B 2 11.10 -6.96 -64.63
C ASN B 2 12.53 -6.83 -64.14
N ILE B 3 13.05 -5.61 -64.16
CA ILE B 3 14.42 -5.34 -63.69
C ILE B 3 14.33 -4.70 -62.32
N ARG B 4 15.09 -5.23 -61.36
CA ARG B 4 15.08 -4.71 -60.00
C ARG B 4 16.48 -4.31 -59.56
N TYR B 5 16.62 -3.06 -59.12
CA TYR B 5 17.87 -2.48 -58.64
C TYR B 5 17.76 -2.17 -57.14
N SER B 6 18.87 -1.72 -56.56
CA SER B 6 18.90 -1.31 -55.17
C SER B 6 19.83 -0.12 -55.04
N VAL B 7 19.31 1.01 -54.60
CA VAL B 7 20.10 2.22 -54.39
C VAL B 7 19.70 2.81 -53.04
N PRO B 8 20.65 3.27 -52.23
CA PRO B 8 20.27 3.92 -50.97
C PRO B 8 19.57 5.24 -51.23
N GLU B 9 18.91 5.73 -50.19
CA GLU B 9 18.23 7.01 -50.30
C GLU B 9 19.21 8.16 -50.13
N GLU B 10 18.76 9.36 -50.51
CA GLU B 10 19.53 10.60 -50.33
C GLU B 10 20.86 10.54 -51.09
N THR B 11 20.83 9.98 -52.30
CA THR B 11 22.04 9.87 -53.10
C THR B 11 22.37 11.20 -53.78
N ASP B 12 23.66 11.39 -54.04
CA ASP B 12 24.11 12.57 -54.76
C ASP B 12 23.61 12.55 -56.20
N LYS B 13 23.47 13.74 -56.77
CA LYS B 13 22.97 13.85 -58.13
C LYS B 13 23.93 13.20 -59.11
N GLY B 14 23.39 12.28 -59.92
CA GLY B 14 24.20 11.57 -60.89
C GLY B 14 24.80 10.27 -60.40
N SER B 15 24.36 9.75 -59.25
CA SER B 15 24.93 8.52 -58.72
C SER B 15 24.42 7.31 -59.49
N PHE B 16 25.29 6.33 -59.66
CA PHE B 16 24.97 5.18 -60.50
C PHE B 16 23.96 4.29 -59.78
N VAL B 17 22.95 3.85 -60.50
CA VAL B 17 21.94 2.94 -59.98
C VAL B 17 22.07 1.56 -60.61
N GLY B 18 21.88 1.46 -61.92
CA GLY B 18 22.12 0.21 -62.60
C GLY B 18 22.32 0.44 -64.08
N SER B 19 23.10 -0.44 -64.70
CA SER B 19 23.35 -0.36 -66.13
C SER B 19 22.34 -1.26 -66.84
N ILE B 20 21.43 -0.64 -67.59
CA ILE B 20 20.46 -1.41 -68.35
C ILE B 20 21.16 -2.19 -69.47
N ALA B 21 22.23 -1.62 -70.03
CA ALA B 21 22.96 -2.26 -71.11
C ALA B 21 23.51 -3.63 -70.72
N LYS B 22 24.01 -3.77 -69.50
CA LYS B 22 24.62 -5.05 -69.12
C LYS B 22 23.56 -6.14 -68.90
N ASP B 23 22.44 -5.79 -68.25
CA ASP B 23 21.43 -6.80 -67.95
C ASP B 23 20.54 -7.12 -69.14
N LEU B 24 20.40 -6.21 -70.10
CA LEU B 24 19.65 -6.54 -71.31
C LEU B 24 20.50 -7.10 -72.43
N GLY B 25 21.82 -7.19 -72.24
CA GLY B 25 22.69 -7.66 -73.30
C GLY B 25 22.93 -6.66 -74.42
N LEU B 26 22.71 -5.38 -74.17
CA LEU B 26 22.82 -4.36 -75.20
C LEU B 26 24.15 -3.62 -75.07
N GLU B 27 24.78 -3.35 -76.22
CA GLU B 27 25.97 -2.53 -76.28
C GLU B 27 25.54 -1.07 -76.25
N THR B 28 26.46 -0.16 -76.57
CA THR B 28 26.04 1.23 -76.72
C THR B 28 25.19 1.40 -77.97
N ARG B 29 25.62 0.79 -79.08
CA ARG B 29 24.92 0.92 -80.36
C ARG B 29 23.49 0.41 -80.26
N GLU B 30 23.29 -0.78 -79.71
CA GLU B 30 21.95 -1.35 -79.65
C GLU B 30 21.01 -0.46 -78.86
N LEU B 31 21.50 0.13 -77.77
CA LEU B 31 20.71 1.09 -77.01
C LEU B 31 20.40 2.31 -77.86
N MET B 32 21.35 2.73 -78.70
CA MET B 32 21.09 3.89 -79.55
C MET B 32 20.01 3.58 -80.58
N GLU B 33 20.03 2.36 -81.13
CA GLU B 33 19.06 2.00 -82.15
C GLU B 33 17.66 1.86 -81.56
N ARG B 34 17.54 1.22 -80.40
CA ARG B 34 16.21 1.08 -79.81
C ARG B 34 15.65 2.42 -79.38
N GLY B 35 16.51 3.40 -79.07
CA GLY B 35 16.05 4.70 -78.63
C GLY B 35 15.43 4.63 -77.26
N ILE B 36 16.16 4.05 -76.29
CA ILE B 36 15.61 3.89 -74.95
C ILE B 36 15.52 5.23 -74.25
N ARG B 37 14.38 5.47 -73.60
CA ARG B 37 14.13 6.69 -72.86
C ARG B 37 13.14 6.36 -71.75
N ILE B 38 13.18 7.12 -70.67
CA ILE B 38 12.36 6.82 -69.50
C ILE B 38 10.95 7.41 -69.70
N VAL B 39 9.94 6.60 -69.41
CA VAL B 39 8.56 7.06 -69.41
C VAL B 39 8.30 7.84 -68.13
N SER B 40 7.83 9.08 -68.28
CA SER B 40 7.64 9.96 -67.14
C SER B 40 6.29 9.77 -66.48
N ARG B 41 6.36 9.90 -65.15
CA ARG B 41 5.33 10.07 -64.13
C ARG B 41 6.06 10.79 -63.00
N GLY B 42 5.29 11.29 -62.02
CA GLY B 42 5.91 12.06 -60.94
C GLY B 42 7.16 11.45 -60.36
N ARG B 43 7.15 10.14 -60.13
CA ARG B 43 8.21 9.55 -59.32
C ARG B 43 9.49 9.35 -60.11
N SER B 44 9.38 9.08 -61.41
CA SER B 44 10.55 8.79 -62.23
C SER B 44 11.42 10.03 -62.47
N GLN B 45 11.00 11.18 -61.95
CA GLN B 45 11.81 12.38 -62.08
C GLN B 45 13.09 12.31 -61.26
N LEU B 46 13.14 11.44 -60.25
CA LEU B 46 14.34 11.19 -59.46
C LEU B 46 15.36 10.34 -60.20
N PHE B 47 14.91 9.51 -61.15
CA PHE B 47 15.77 8.66 -61.96
C PHE B 47 16.00 9.26 -63.34
N SER B 48 17.23 9.10 -63.85
CA SER B 48 17.61 9.59 -65.16
C SER B 48 18.27 8.46 -65.93
N LEU B 49 17.80 8.21 -67.15
CA LEU B 49 18.36 7.16 -67.98
C LEU B 49 19.20 7.81 -69.07
N ASN B 50 20.47 7.42 -69.15
CA ASN B 50 21.35 7.90 -70.20
C ASN B 50 21.36 6.90 -71.32
N PRO B 51 20.94 7.27 -72.53
CA PRO B 51 20.74 6.29 -73.61
C PRO B 51 22.01 5.83 -74.29
N ARG B 52 23.17 6.38 -73.96
CA ARG B 52 24.42 6.00 -74.63
C ARG B 52 25.27 5.06 -73.80
N SER B 53 25.43 5.36 -72.51
CA SER B 53 26.12 4.46 -71.61
C SER B 53 25.23 3.33 -71.14
N GLY B 54 23.91 3.49 -71.26
CA GLY B 54 23.00 2.48 -70.76
C GLY B 54 22.91 2.44 -69.27
N SER B 55 23.30 3.52 -68.60
CA SER B 55 23.37 3.57 -67.16
C SER B 55 22.24 4.44 -66.62
N LEU B 56 21.24 3.80 -66.04
CA LEU B 56 20.22 4.47 -65.24
C LEU B 56 20.85 4.94 -63.94
N VAL B 57 20.97 6.26 -63.78
CA VAL B 57 21.56 6.87 -62.61
C VAL B 57 20.49 7.70 -61.90
N THR B 58 20.86 8.34 -60.80
CA THR B 58 19.93 9.19 -60.07
C THR B 58 19.83 10.56 -60.75
N ALA B 59 18.65 11.18 -60.63
CA ALA B 59 18.42 12.50 -61.18
C ALA B 59 18.24 13.58 -60.12
N GLY B 60 17.99 13.21 -58.88
CA GLY B 60 17.81 14.18 -57.83
C GLY B 60 17.93 13.52 -56.47
N ARG B 61 17.41 14.21 -55.46
CA ARG B 61 17.45 13.71 -54.10
C ARG B 61 16.39 12.63 -53.93
N ILE B 62 16.81 11.46 -53.46
CA ILE B 62 15.92 10.33 -53.22
C ILE B 62 15.73 10.24 -51.72
N ASP B 63 14.73 10.96 -51.21
CA ASP B 63 14.38 10.93 -49.80
C ASP B 63 13.31 9.86 -49.62
N ARG B 64 13.72 8.71 -49.07
CA ARG B 64 12.80 7.59 -48.95
C ARG B 64 11.67 7.91 -47.96
N GLU B 65 11.94 8.74 -46.96
CA GLU B 65 10.87 9.20 -46.07
C GLU B 65 9.88 10.07 -46.81
N GLU B 66 10.35 10.81 -47.83
CA GLU B 66 9.46 11.56 -48.69
C GLU B 66 8.68 10.65 -49.63
N LEU B 67 9.28 9.52 -50.03
CA LEU B 67 8.64 8.63 -50.98
C LEU B 67 7.64 7.70 -50.30
N CYS B 68 8.15 6.77 -49.48
CA CYS B 68 7.33 5.70 -48.89
C CYS B 68 7.01 5.91 -47.42
N ALA B 69 7.47 7.02 -46.82
CA ALA B 69 7.25 7.29 -45.40
C ALA B 69 7.82 6.17 -44.52
N GLN B 70 6.97 5.23 -44.11
CA GLN B 70 7.39 4.18 -43.18
C GLN B 70 7.27 2.77 -43.74
N SER B 71 6.99 2.61 -45.03
CA SER B 71 6.80 1.27 -45.56
C SER B 71 8.15 0.63 -45.91
N THR B 72 8.12 -0.69 -46.10
CA THR B 72 9.32 -1.45 -46.41
C THR B 72 8.95 -2.76 -47.12
N PRO B 73 9.57 -3.03 -48.27
CA PRO B 73 10.58 -2.17 -48.88
C PRO B 73 10.00 -1.07 -49.77
N CYS B 74 10.83 -0.06 -50.05
CA CYS B 74 10.46 1.09 -50.88
C CYS B 74 11.03 0.89 -52.27
N VAL B 75 10.17 0.53 -53.22
CA VAL B 75 10.59 0.23 -54.58
C VAL B 75 9.83 1.17 -55.52
N VAL B 76 10.57 1.92 -56.32
CA VAL B 76 9.99 2.83 -57.29
C VAL B 76 9.91 2.13 -58.64
N SER B 77 8.70 2.09 -59.21
CA SER B 77 8.43 1.43 -60.48
C SER B 77 8.14 2.45 -61.58
N PHE B 78 8.92 2.40 -62.65
CA PHE B 78 8.67 3.23 -63.82
C PHE B 78 8.98 2.40 -65.07
N ASN B 79 8.38 2.81 -66.19
CA ASN B 79 8.52 2.11 -67.45
C ASN B 79 9.57 2.78 -68.32
N ILE B 80 10.34 1.95 -69.03
CA ILE B 80 11.32 2.41 -70.01
C ILE B 80 10.77 2.15 -71.40
N LEU B 81 10.61 3.21 -72.16
CA LEU B 81 10.09 3.14 -73.53
C LEU B 81 11.26 2.97 -74.49
N MET B 82 11.26 1.86 -75.22
CA MET B 82 12.18 1.62 -76.32
C MET B 82 11.41 1.91 -77.61
N GLU B 83 11.81 2.97 -78.31
CA GLU B 83 11.03 3.44 -79.46
C GLU B 83 11.10 2.49 -80.64
N ASP B 84 12.09 1.59 -80.67
CA ASP B 84 12.23 0.69 -81.82
C ASP B 84 11.04 -0.24 -81.90
N GLU B 85 10.90 -1.14 -80.93
CA GLU B 85 9.76 -2.05 -80.88
C GLU B 85 8.57 -1.43 -80.18
N MET B 86 8.65 -0.15 -79.81
CA MET B 86 7.60 0.50 -79.01
C MET B 86 7.34 -0.32 -77.75
N LYS B 87 8.41 -0.74 -77.09
CA LYS B 87 8.34 -1.74 -76.03
C LYS B 87 8.56 -1.08 -74.67
N LEU B 88 7.69 -1.40 -73.72
CA LEU B 88 7.83 -0.93 -72.35
C LEU B 88 8.62 -1.97 -71.55
N LEU B 89 9.45 -1.48 -70.63
CA LEU B 89 10.29 -2.33 -69.80
C LEU B 89 10.12 -1.90 -68.35
N PRO B 90 9.64 -2.78 -67.47
CA PRO B 90 9.42 -2.37 -66.07
C PRO B 90 10.73 -2.34 -65.30
N ILE B 91 11.09 -1.16 -64.80
CA ILE B 91 12.23 -0.98 -63.91
C ILE B 91 11.71 -0.62 -62.53
N GLU B 92 12.09 -1.43 -61.54
CA GLU B 92 11.80 -1.23 -60.14
C GLU B 92 13.12 -1.08 -59.42
N VAL B 93 13.26 0.00 -58.64
CA VAL B 93 14.49 0.28 -57.92
C VAL B 93 14.15 0.40 -56.44
N GLU B 94 14.74 -0.47 -55.63
CA GLU B 94 14.48 -0.47 -54.19
C GLU B 94 15.34 0.60 -53.52
N ILE B 95 14.71 1.41 -52.69
CA ILE B 95 15.37 2.51 -52.00
C ILE B 95 15.78 2.04 -50.61
N ILE B 96 17.07 1.86 -50.39
CA ILE B 96 17.59 1.48 -49.09
C ILE B 96 17.63 2.72 -48.21
N ASP B 97 17.25 2.55 -46.93
CA ASP B 97 17.10 3.66 -46.00
C ASP B 97 18.42 4.01 -45.32
N ILE B 98 18.61 5.31 -45.05
CA ILE B 98 19.79 5.79 -44.35
C ILE B 98 19.38 6.58 -43.12
N ASN B 99 20.35 7.05 -42.34
CA ASN B 99 20.11 7.78 -41.11
C ASN B 99 20.56 9.24 -41.27
N ASP B 100 19.61 10.15 -41.50
CA ASP B 100 19.94 11.57 -41.56
C ASP B 100 19.02 12.42 -40.69
N ASN B 101 18.23 11.81 -39.82
CA ASN B 101 17.26 12.54 -39.00
C ASN B 101 17.36 12.11 -37.54
N THR B 102 17.10 13.07 -36.66
CA THR B 102 17.12 12.93 -35.20
C THR B 102 15.71 12.69 -34.68
N PRO B 103 15.54 11.72 -33.78
CA PRO B 103 14.22 11.51 -33.15
C PRO B 103 13.74 12.78 -32.46
N GLN B 104 12.50 13.15 -32.75
CA GLN B 104 11.94 14.40 -32.27
C GLN B 104 10.80 14.13 -31.29
N PHE B 105 10.92 14.68 -30.08
CA PHE B 105 9.80 14.68 -29.15
C PHE B 105 8.90 15.85 -29.48
N GLN B 106 7.60 15.67 -29.24
CA GLN B 106 6.62 16.71 -29.54
C GLN B 106 6.63 17.83 -28.51
N LEU B 107 7.64 17.89 -27.64
CA LEU B 107 7.81 18.97 -26.69
C LEU B 107 9.27 18.99 -26.26
N GLU B 108 9.61 19.92 -25.37
CA GLU B 108 10.96 20.06 -24.86
C GLU B 108 11.07 19.85 -23.36
N GLU B 109 10.03 20.13 -22.59
CA GLU B 109 10.05 19.95 -21.14
C GLU B 109 8.71 19.41 -20.70
N LEU B 110 8.73 18.23 -20.07
CA LEU B 110 7.54 17.60 -19.51
C LEU B 110 7.50 17.84 -18.01
N GLU B 111 6.48 18.55 -17.54
CA GLU B 111 6.33 18.90 -16.13
C GLU B 111 5.16 18.12 -15.53
N LEU B 112 5.42 17.45 -14.41
CA LEU B 112 4.45 16.61 -13.74
C LEU B 112 4.41 16.91 -12.25
N LYS B 113 3.26 16.68 -11.64
CA LYS B 113 3.06 16.89 -10.21
C LYS B 113 2.74 15.56 -9.55
N MET B 114 3.56 15.16 -8.57
CA MET B 114 3.38 13.90 -7.85
C MET B 114 3.48 14.17 -6.36
N SER B 115 2.49 13.73 -5.60
CA SER B 115 2.53 13.87 -4.15
C SER B 115 3.65 13.01 -3.57
N GLU B 116 4.16 13.43 -2.41
CA GLU B 116 5.21 12.65 -1.77
C GLU B 116 4.67 11.34 -1.21
N ILE B 117 3.35 11.23 -1.06
CA ILE B 117 2.73 10.01 -0.59
C ILE B 117 2.28 9.13 -1.76
N THR B 118 2.72 9.46 -2.98
CA THR B 118 2.42 8.62 -4.13
C THR B 118 2.96 7.21 -3.91
N THR B 119 2.07 6.24 -3.97
CA THR B 119 2.46 4.86 -3.71
C THR B 119 3.51 4.43 -4.74
N PRO B 120 4.65 3.88 -4.31
CA PRO B 120 5.68 3.49 -5.27
C PRO B 120 5.15 2.40 -6.20
N GLY B 121 5.65 2.41 -7.43
CA GLY B 121 5.15 1.54 -8.47
C GLY B 121 4.12 2.20 -9.37
N THR B 122 3.77 3.45 -9.10
CA THR B 122 2.86 4.19 -9.96
C THR B 122 3.54 4.46 -11.30
N ARG B 123 2.78 4.32 -12.38
CA ARG B 123 3.31 4.43 -13.72
C ARG B 123 2.86 5.74 -14.38
N ILE B 124 3.75 6.28 -15.20
CA ILE B 124 3.48 7.49 -15.97
C ILE B 124 3.89 7.25 -17.42
N PRO B 125 2.94 7.23 -18.36
CA PRO B 125 3.31 7.06 -19.77
C PRO B 125 4.08 8.27 -20.28
N LEU B 126 5.15 7.99 -21.01
CA LEU B 126 6.06 9.04 -21.45
C LEU B 126 5.74 9.48 -22.87
N PRO B 127 6.06 10.72 -23.23
CA PRO B 127 5.80 11.19 -24.60
C PRO B 127 6.60 10.38 -25.61
N LEU B 128 5.94 10.05 -26.72
CA LEU B 128 6.58 9.24 -27.75
C LEU B 128 7.53 10.09 -28.59
N GLY B 129 8.75 9.58 -28.77
CA GLY B 129 9.71 10.17 -29.70
C GLY B 129 9.66 9.45 -31.03
N GLN B 130 9.70 10.23 -32.11
CA GLN B 130 9.52 9.71 -33.45
C GLN B 130 10.80 9.94 -34.26
N ASP B 131 11.39 8.84 -34.74
CA ASP B 131 12.51 8.93 -35.67
C ASP B 131 11.96 8.85 -37.08
N LEU B 132 12.35 9.82 -37.92
CA LEU B 132 11.81 9.88 -39.27
C LEU B 132 12.29 8.70 -40.12
N ASP B 133 13.49 8.20 -39.86
CA ASP B 133 14.01 7.06 -40.59
C ASP B 133 13.27 5.79 -40.20
N VAL B 134 13.57 4.70 -40.92
CA VAL B 134 12.97 3.40 -40.67
C VAL B 134 14.09 2.36 -40.53
N GLY B 135 13.68 1.13 -40.22
CA GLY B 135 14.64 0.05 -40.17
C GLY B 135 15.52 0.17 -38.94
N ILE B 136 16.83 0.03 -39.14
CA ILE B 136 17.77 0.14 -38.02
C ILE B 136 18.00 1.59 -37.62
N ASN B 137 17.72 2.53 -38.50
CA ASN B 137 17.92 3.95 -38.24
C ASN B 137 16.70 4.62 -37.62
N SER B 138 15.65 3.86 -37.33
CA SER B 138 14.47 4.37 -36.64
C SER B 138 14.64 4.23 -35.13
N LEU B 139 13.57 4.57 -34.41
CA LEU B 139 13.61 4.52 -32.95
C LEU B 139 13.95 3.12 -32.45
N GLN B 140 14.93 3.04 -31.56
CA GLN B 140 15.38 1.75 -31.08
C GLN B 140 15.40 1.63 -29.56
N SER B 141 15.64 2.73 -28.84
CA SER B 141 15.73 2.59 -27.39
C SER B 141 15.43 3.89 -26.69
N TYR B 142 14.85 3.77 -25.50
CA TYR B 142 14.68 4.86 -24.56
C TYR B 142 15.64 4.67 -23.39
N GLN B 143 16.10 5.78 -22.83
CA GLN B 143 16.98 5.74 -21.66
C GLN B 143 16.59 6.88 -20.74
N LEU B 144 16.18 6.55 -19.52
CA LEU B 144 15.88 7.55 -18.50
C LEU B 144 17.14 7.89 -17.73
N SER B 145 17.33 9.18 -17.47
CA SER B 145 18.52 9.62 -16.77
C SER B 145 18.57 9.01 -15.38
N ALA B 146 19.77 8.79 -14.88
CA ALA B 146 19.94 8.09 -13.62
C ALA B 146 19.32 8.88 -12.47
N ASN B 147 18.51 8.18 -11.66
CA ASN B 147 17.87 8.77 -10.50
C ASN B 147 17.38 7.62 -9.63
N PRO B 148 17.43 7.74 -8.31
CA PRO B 148 17.06 6.61 -7.45
C PRO B 148 15.56 6.38 -7.37
N HIS B 149 14.77 7.44 -7.58
CA HIS B 149 13.34 7.37 -7.31
C HIS B 149 12.54 6.83 -8.49
N PHE B 150 13.10 6.84 -9.69
CA PHE B 150 12.36 6.45 -10.89
C PHE B 150 13.17 5.45 -11.70
N SER B 151 12.46 4.66 -12.49
CA SER B 151 13.07 3.70 -13.39
C SER B 151 12.31 3.74 -14.71
N LEU B 152 12.93 3.13 -15.71
CA LEU B 152 12.41 3.14 -17.08
C LEU B 152 11.89 1.76 -17.42
N ASP B 153 10.73 1.71 -18.04
CA ASP B 153 10.14 0.44 -18.48
C ASP B 153 9.73 0.64 -19.92
N VAL B 154 10.31 -0.17 -20.81
CA VAL B 154 10.07 -0.07 -22.23
C VAL B 154 9.50 -1.40 -22.67
N GLN B 155 8.35 -1.35 -23.33
CA GLN B 155 7.72 -2.55 -23.84
C GLN B 155 8.39 -2.94 -25.15
N GLN B 156 8.68 -4.23 -25.30
CA GLN B 156 9.35 -4.69 -26.52
C GLN B 156 8.27 -5.01 -27.52
N GLY B 157 8.28 -4.30 -28.64
CA GLY B 157 7.30 -4.49 -29.67
C GLY B 157 7.94 -5.15 -30.88
N PRO B 158 7.11 -5.69 -31.76
CA PRO B 158 7.68 -6.30 -32.98
C PRO B 158 8.38 -5.29 -33.86
N GLU B 159 7.77 -4.13 -34.09
CA GLU B 159 8.39 -3.09 -34.92
C GLU B 159 9.50 -2.36 -34.19
N GLY B 160 9.37 -2.20 -32.87
CA GLY B 160 10.37 -1.51 -32.09
C GLY B 160 9.92 -1.24 -30.67
N PRO B 161 10.63 -0.36 -29.97
CA PRO B 161 10.22 -0.04 -28.59
C PRO B 161 8.95 0.80 -28.61
N GLN B 162 7.98 0.39 -27.79
CA GLN B 162 6.68 1.05 -27.78
C GLN B 162 6.24 1.30 -26.35
N GLN B 163 5.49 2.38 -26.17
CA GLN B 163 4.88 2.77 -24.89
C GLN B 163 5.90 2.85 -23.76
N PRO B 164 6.81 3.83 -23.78
CA PRO B 164 7.74 3.99 -22.66
C PRO B 164 7.01 4.49 -21.43
N GLU B 165 7.43 3.98 -20.27
CA GLU B 165 6.79 4.29 -19.00
C GLU B 165 7.82 4.58 -17.92
N MET B 166 7.51 5.57 -17.10
CA MET B 166 8.34 5.96 -15.96
C MET B 166 7.68 5.42 -14.69
N VAL B 167 8.42 4.62 -13.93
CA VAL B 167 7.89 3.95 -12.75
C VAL B 167 8.55 4.53 -11.50
N LEU B 168 7.75 4.74 -10.46
CA LEU B 168 8.26 5.27 -9.21
C LEU B 168 8.83 4.15 -8.37
N GLN B 169 10.13 4.22 -8.09
CA GLN B 169 10.81 3.18 -7.31
C GLN B 169 10.92 3.56 -5.84
N ARG B 170 11.86 4.44 -5.52
CA ARG B 170 12.02 4.86 -4.13
C ARG B 170 10.98 5.91 -3.77
N PRO B 171 10.33 5.80 -2.62
CA PRO B 171 9.26 6.75 -2.28
C PRO B 171 9.78 8.18 -2.24
N LEU B 172 8.93 9.11 -2.67
CA LEU B 172 9.31 10.50 -2.70
C LEU B 172 9.30 11.09 -1.31
N ASP B 173 10.13 12.12 -1.13
CA ASP B 173 10.20 12.86 0.13
C ASP B 173 10.40 14.32 -0.23
N ARG B 174 9.38 15.15 -0.01
CA ARG B 174 9.50 16.56 -0.39
C ARG B 174 10.45 17.29 0.54
N GLU B 175 10.56 16.84 1.80
CA GLU B 175 11.43 17.54 2.75
C GLU B 175 12.90 17.38 2.41
N LYS B 176 13.27 16.36 1.63
CA LYS B 176 14.63 16.17 1.17
C LYS B 176 14.85 16.75 -0.21
N ASP B 177 14.07 16.30 -1.19
CA ASP B 177 14.13 16.81 -2.56
C ASP B 177 12.71 17.17 -2.99
N ALA B 178 12.50 18.45 -3.30
CA ALA B 178 11.19 18.92 -3.72
C ALA B 178 11.03 18.92 -5.24
N VAL B 179 12.13 18.93 -5.98
CA VAL B 179 12.10 18.96 -7.43
C VAL B 179 13.14 17.98 -7.94
N HIS B 180 12.75 17.10 -8.86
CA HIS B 180 13.64 16.14 -9.49
C HIS B 180 13.66 16.42 -10.98
N TYR B 181 14.84 16.67 -11.53
CA TYR B 181 15.01 16.87 -12.96
C TYR B 181 15.58 15.61 -13.56
N LEU B 182 14.88 15.06 -14.55
CA LEU B 182 15.34 13.89 -15.28
C LEU B 182 15.43 14.22 -16.76
N VAL B 183 16.11 13.35 -17.52
CA VAL B 183 16.32 13.54 -18.94
C VAL B 183 16.03 12.22 -19.64
N LEU B 184 14.94 12.17 -20.41
CA LEU B 184 14.60 10.98 -21.18
C LEU B 184 15.19 11.12 -22.57
N THR B 185 16.22 10.34 -22.86
CA THR B 185 16.90 10.39 -24.15
C THR B 185 16.43 9.23 -25.01
N ALA B 186 15.94 9.54 -26.21
CA ALA B 186 15.52 8.55 -27.19
C ALA B 186 16.60 8.43 -28.25
N SER B 187 17.02 7.20 -28.55
CA SER B 187 18.13 6.96 -29.45
C SER B 187 17.73 5.92 -30.48
N ASP B 188 18.20 6.14 -31.72
CA ASP B 188 17.98 5.17 -32.79
C ASP B 188 19.10 4.14 -32.80
N GLY B 189 19.41 3.58 -33.95
CA GLY B 189 20.40 2.53 -34.01
C GLY B 189 21.40 2.67 -35.14
N GLY B 190 21.59 3.88 -35.64
CA GLY B 190 22.54 4.13 -36.71
C GLY B 190 23.96 4.21 -36.18
N SER B 191 24.83 4.77 -37.01
CA SER B 191 26.23 4.96 -36.64
C SER B 191 26.77 6.22 -37.33
N PRO B 192 26.91 7.32 -36.56
CA PRO B 192 26.62 7.43 -35.13
C PRO B 192 25.13 7.47 -34.81
N ILE B 193 24.80 7.38 -33.53
CA ILE B 193 23.43 7.35 -33.06
C ILE B 193 22.94 8.78 -32.86
N HIS B 194 21.72 9.05 -33.32
CA HIS B 194 21.09 10.35 -33.14
C HIS B 194 20.12 10.23 -31.98
N SER B 195 20.28 11.10 -30.98
CA SER B 195 19.46 11.08 -29.78
C SER B 195 18.67 12.38 -29.68
N GLY B 196 17.39 12.27 -29.39
CA GLY B 196 16.56 13.41 -29.05
C GLY B 196 16.30 13.38 -27.55
N THR B 197 16.31 14.55 -26.93
CA THR B 197 16.22 14.66 -25.48
C THR B 197 14.90 15.27 -25.08
N LEU B 198 14.31 14.70 -24.03
CA LEU B 198 13.07 15.17 -23.43
C LEU B 198 13.36 15.53 -21.97
N GLN B 199 13.35 16.82 -21.67
CA GLN B 199 13.56 17.26 -20.30
C GLN B 199 12.31 16.93 -19.48
N ILE B 200 12.52 16.37 -18.29
CA ILE B 200 11.44 15.97 -17.42
C ILE B 200 11.59 16.73 -16.10
N HIS B 201 10.52 17.41 -15.71
CA HIS B 201 10.49 18.22 -14.49
C HIS B 201 9.45 17.62 -13.56
N VAL B 202 9.90 16.80 -12.61
CA VAL B 202 9.01 16.14 -11.67
C VAL B 202 8.97 16.98 -10.41
N GLN B 203 7.83 17.61 -10.15
CA GLN B 203 7.64 18.41 -8.95
C GLN B 203 6.91 17.59 -7.90
N VAL B 204 7.36 17.70 -6.66
CA VAL B 204 6.81 16.93 -5.54
C VAL B 204 5.90 17.82 -4.72
N VAL B 205 4.67 17.36 -4.50
CA VAL B 205 3.67 18.12 -3.75
C VAL B 205 3.79 17.77 -2.27
N ASP B 206 3.56 18.77 -1.41
CA ASP B 206 3.74 18.62 0.02
C ASP B 206 2.52 17.97 0.67
N VAL B 207 2.79 17.20 1.73
CA VAL B 207 1.75 16.59 2.54
C VAL B 207 2.17 16.74 4.00
N ASN B 208 1.24 17.14 4.86
CA ASN B 208 1.59 17.32 6.27
C ASN B 208 1.93 15.98 6.90
N ASP B 209 3.20 15.62 6.87
CA ASP B 209 3.68 14.36 7.42
C ASP B 209 4.72 14.56 8.52
N ASN B 210 4.80 15.77 9.08
CA ASN B 210 5.80 16.04 10.10
C ASN B 210 5.28 16.94 11.21
N PRO B 211 5.21 16.45 12.44
CA PRO B 211 4.79 17.28 13.56
C PRO B 211 5.95 18.11 14.09
N PRO B 212 5.67 19.13 14.93
CA PRO B 212 6.75 19.95 15.48
C PRO B 212 7.70 19.14 16.34
N ALA B 213 8.86 19.74 16.63
CA ALA B 213 9.91 19.07 17.41
C ALA B 213 10.56 20.09 18.33
N PHE B 214 10.38 19.90 19.64
CA PHE B 214 10.99 20.78 20.63
C PHE B 214 12.49 20.56 20.72
N THR B 215 13.18 21.57 21.25
CA THR B 215 14.62 21.46 21.49
C THR B 215 14.93 20.66 22.75
N LYS B 216 14.05 20.69 23.74
CA LYS B 216 14.20 19.92 24.97
C LYS B 216 12.87 19.26 25.31
N ALA B 217 12.94 18.04 25.83
CA ALA B 217 11.73 17.32 26.19
C ALA B 217 11.12 17.87 27.47
N GLU B 218 11.94 18.36 28.39
CA GLU B 218 11.46 18.94 29.64
C GLU B 218 12.17 20.27 29.88
N TYR B 219 11.39 21.33 30.08
CA TYR B 219 11.91 22.67 30.32
C TYR B 219 11.82 23.01 31.80
N HIS B 220 12.98 23.15 32.44
CA HIS B 220 13.05 23.45 33.86
C HIS B 220 13.43 24.91 34.10
N VAL B 221 12.88 25.47 35.18
CA VAL B 221 13.18 26.84 35.56
C VAL B 221 12.93 26.96 37.06
N SER B 222 13.68 27.84 37.70
CA SER B 222 13.58 28.11 39.13
C SER B 222 13.35 29.60 39.30
N VAL B 223 12.33 29.97 40.07
CA VAL B 223 11.90 31.36 40.16
C VAL B 223 11.64 31.80 41.60
N PRO B 224 11.98 33.04 41.95
CA PRO B 224 11.68 33.53 43.29
C PRO B 224 10.19 33.65 43.50
N GLU B 225 9.75 33.51 44.75
CA GLU B 225 8.31 33.59 44.98
C GLU B 225 7.79 35.00 44.80
N ASN B 226 8.61 36.02 45.11
CA ASN B 226 8.19 37.40 44.99
C ASN B 226 8.41 37.94 43.58
N VAL B 227 8.60 37.05 42.62
CA VAL B 227 8.90 37.50 41.26
C VAL B 227 7.74 38.36 40.76
N PRO B 228 8.01 39.49 40.12
CA PRO B 228 6.90 40.35 39.70
C PRO B 228 6.06 39.69 38.63
N LEU B 229 4.85 40.19 38.48
CA LEU B 229 3.94 39.66 37.48
C LEU B 229 4.45 39.96 36.09
N GLY B 230 4.33 38.98 35.19
CA GLY B 230 4.76 39.18 33.83
C GLY B 230 6.24 39.10 33.59
N THR B 231 6.99 38.40 34.45
CA THR B 231 8.41 38.22 34.22
C THR B 231 8.63 37.04 33.29
N ARG B 232 9.40 37.27 32.22
CA ARG B 232 9.67 36.23 31.24
C ARG B 232 10.34 35.02 31.87
N LEU B 233 9.60 33.92 31.97
CA LEU B 233 10.18 32.74 32.60
C LEU B 233 11.02 31.92 31.61
N LEU B 234 10.55 31.74 30.38
CA LEU B 234 11.29 30.88 29.46
C LEU B 234 10.79 31.13 28.04
N LYS B 235 11.53 30.58 27.08
CA LYS B 235 11.13 30.57 25.67
C LYS B 235 11.43 29.21 25.08
N VAL B 236 10.40 28.56 24.54
CA VAL B 236 10.51 27.24 23.92
C VAL B 236 10.81 27.39 22.43
N ASN B 237 11.19 26.29 21.78
CA ASN B 237 11.57 26.34 20.37
C ASN B 237 11.04 25.08 19.71
N ALA B 238 10.22 25.25 18.66
CA ALA B 238 9.66 24.13 17.93
C ALA B 238 9.75 24.39 16.44
N THR B 239 10.23 23.39 15.69
CA THR B 239 10.42 23.49 14.25
C THR B 239 9.51 22.51 13.52
N ASP B 240 9.12 22.88 12.30
CA ASP B 240 8.29 22.04 11.45
C ASP B 240 8.85 22.13 10.03
N PRO B 241 9.30 21.02 9.44
CA PRO B 241 9.94 21.08 8.12
C PRO B 241 8.97 21.16 6.96
N ASP B 242 7.67 21.02 7.20
CA ASP B 242 6.69 21.07 6.13
C ASP B 242 6.59 22.48 5.55
N GLU B 243 5.83 22.60 4.47
CA GLU B 243 5.76 23.83 3.70
C GLU B 243 4.47 24.58 4.02
N GLY B 244 4.61 25.89 4.23
CA GLY B 244 3.43 26.74 4.31
C GLY B 244 2.63 26.50 5.58
N ALA B 245 1.31 26.32 5.41
CA ALA B 245 0.42 26.16 6.55
C ALA B 245 0.74 24.90 7.34
N ASN B 246 1.33 23.89 6.71
CA ASN B 246 1.72 22.69 7.44
C ASN B 246 2.95 22.91 8.31
N GLY B 247 3.61 24.06 8.18
CA GLY B 247 4.84 24.33 8.90
C GLY B 247 4.80 25.57 9.77
N ARG B 248 3.64 26.14 10.00
CA ARG B 248 3.49 27.29 10.88
C ARG B 248 2.93 26.81 12.21
N VAL B 249 3.67 27.07 13.29
CA VAL B 249 3.38 26.50 14.60
C VAL B 249 2.78 27.56 15.50
N THR B 250 1.91 27.12 16.40
CA THR B 250 1.36 27.95 17.46
C THR B 250 1.36 27.15 18.75
N TYR B 251 1.79 27.77 19.84
CA TYR B 251 1.92 27.08 21.12
C TYR B 251 0.70 27.38 21.98
N SER B 252 0.39 26.44 22.87
CA SER B 252 -0.74 26.61 23.78
C SER B 252 -0.56 25.62 24.94
N PHE B 253 -1.35 25.85 25.98
CA PHE B 253 -1.32 24.97 27.15
C PHE B 253 -2.19 23.74 26.91
N HIS B 254 -1.65 22.58 27.24
CA HIS B 254 -2.46 21.37 27.31
C HIS B 254 -3.37 21.47 28.53
N LYS B 255 -4.66 21.23 28.32
CA LYS B 255 -5.59 21.35 29.42
C LYS B 255 -5.28 20.24 30.42
N VAL B 256 -4.50 20.55 31.45
CA VAL B 256 -4.12 19.56 32.45
C VAL B 256 -4.84 19.91 33.74
N ASP B 257 -4.21 20.70 34.59
CA ASP B 257 -4.81 21.28 35.78
C ASP B 257 -4.87 22.78 35.50
N HIS B 258 -6.08 23.31 35.32
CA HIS B 258 -6.18 24.72 35.02
C HIS B 258 -5.95 25.59 36.24
N SER B 259 -6.05 25.03 37.44
CA SER B 259 -5.67 25.78 38.63
C SER B 259 -4.17 26.05 38.64
N VAL B 260 -3.39 25.25 37.91
CA VAL B 260 -1.96 25.49 37.74
C VAL B 260 -1.68 26.29 36.47
N VAL B 261 -2.41 25.98 35.39
CA VAL B 261 -2.16 26.64 34.12
C VAL B 261 -2.57 28.11 34.20
N ARG B 262 -3.67 28.41 34.88
CA ARG B 262 -4.19 29.77 34.96
C ARG B 262 -3.20 30.73 35.62
N LYS B 263 -2.23 30.22 36.38
CA LYS B 263 -1.25 31.06 37.02
C LYS B 263 -0.09 31.43 36.12
N PHE B 264 -0.17 31.08 34.83
CA PHE B 264 0.92 31.29 33.90
C PHE B 264 0.35 31.76 32.57
N GLN B 265 1.25 32.18 31.69
CA GLN B 265 0.84 32.72 30.39
C GLN B 265 1.89 32.31 29.36
N LEU B 266 1.43 31.64 28.29
CA LEU B 266 2.30 31.18 27.22
C LEU B 266 1.82 31.81 25.92
N ASP B 267 2.67 32.67 25.33
CA ASP B 267 2.33 33.30 24.07
C ASP B 267 2.22 32.26 22.97
N ALA B 268 1.13 32.34 22.20
CA ALA B 268 0.88 31.31 21.20
C ALA B 268 1.88 31.38 20.05
N TYR B 269 2.37 32.57 19.72
CA TYR B 269 3.25 32.73 18.57
C TYR B 269 4.73 32.67 18.96
N THR B 270 5.14 33.45 19.96
CA THR B 270 6.54 33.46 20.36
C THR B 270 6.90 32.34 21.32
N GLY B 271 5.92 31.74 21.99
CA GLY B 271 6.21 30.64 22.88
C GLY B 271 6.89 31.03 24.17
N GLU B 272 6.82 32.29 24.56
CA GLU B 272 7.47 32.78 25.76
C GLU B 272 6.55 32.64 26.96
N LEU B 273 6.94 31.81 27.93
CA LEU B 273 6.18 31.61 29.14
C LEU B 273 6.60 32.63 30.19
N SER B 274 5.62 33.33 30.73
CA SER B 274 5.80 34.28 31.82
C SER B 274 4.69 34.06 32.82
N ASN B 275 4.82 34.69 33.99
CA ASN B 275 3.83 34.50 35.04
C ASN B 275 2.69 35.50 34.91
N LYS B 276 1.48 35.02 35.16
CA LYS B 276 0.27 35.85 35.13
C LYS B 276 -0.28 36.15 36.50
N GLU B 277 -0.02 35.29 37.48
CA GLU B 277 -0.52 35.43 38.84
C GLU B 277 0.64 35.27 39.81
N PRO B 278 0.50 35.75 41.04
CA PRO B 278 1.60 35.61 42.01
C PRO B 278 1.95 34.15 42.25
N LEU B 279 3.20 33.91 42.59
CA LEU B 279 3.74 32.58 42.81
C LEU B 279 4.02 32.42 44.29
N ASP B 280 3.27 31.55 44.96
CA ASP B 280 3.39 31.35 46.39
C ASP B 280 4.00 29.99 46.65
N PHE B 281 5.09 29.96 47.43
CA PHE B 281 5.76 28.69 47.74
C PHE B 281 4.87 27.75 48.55
N GLU B 282 3.96 28.29 49.38
CA GLU B 282 3.17 27.45 50.28
C GLU B 282 2.27 26.50 49.50
N GLU B 283 1.45 27.02 48.60
CA GLU B 283 0.50 26.14 47.90
C GLU B 283 1.22 25.25 46.89
N TYR B 284 2.12 25.82 46.09
CA TYR B 284 2.87 25.05 45.10
C TYR B 284 4.34 25.35 45.25
N LYS B 285 5.13 24.32 45.57
CA LYS B 285 6.58 24.47 45.54
C LYS B 285 7.07 24.45 44.09
N VAL B 286 6.53 23.54 43.30
CA VAL B 286 6.83 23.45 41.88
C VAL B 286 5.53 23.66 41.12
N TYR B 287 5.66 23.84 39.81
CA TYR B 287 4.52 24.05 38.91
C TYR B 287 4.72 23.16 37.70
N PRO B 288 4.06 22.01 37.66
CA PRO B 288 4.15 21.16 36.47
C PRO B 288 3.11 21.53 35.43
N MET B 289 3.54 21.64 34.18
CA MET B 289 2.64 22.00 33.10
C MET B 289 3.07 21.26 31.84
N GLU B 290 2.09 20.88 31.04
CA GLU B 290 2.32 20.24 29.77
C GLU B 290 1.95 21.23 28.67
N ILE B 291 2.86 21.47 27.73
CA ILE B 291 2.63 22.44 26.67
C ILE B 291 2.57 21.71 25.32
N GLN B 292 1.88 22.35 24.38
CA GLN B 292 1.52 21.77 23.10
C GLN B 292 1.85 22.73 21.98
N ALA B 293 2.44 22.21 20.90
CA ALA B 293 2.72 22.98 19.70
C ALA B 293 1.95 22.38 18.54
N GLN B 294 1.07 23.17 17.94
CA GLN B 294 0.22 22.70 16.85
C GLN B 294 0.59 23.44 15.56
N ASP B 295 0.75 22.69 14.47
CA ASP B 295 0.92 23.34 13.19
C ASP B 295 -0.44 23.73 12.63
N GLY B 296 -0.58 23.76 11.31
CA GLY B 296 -1.82 24.14 10.68
C GLY B 296 -2.71 23.01 10.22
N ALA B 297 -2.30 21.76 10.40
CA ALA B 297 -3.02 20.63 9.82
C ALA B 297 -3.09 19.47 10.79
N GLY B 298 -3.45 19.77 12.05
CA GLY B 298 -3.84 18.73 12.98
C GLY B 298 -2.71 17.96 13.63
N LEU B 299 -1.46 18.23 13.27
CA LEU B 299 -0.33 17.62 13.95
C LEU B 299 0.10 18.48 15.13
N MET B 300 0.72 17.83 16.11
CA MET B 300 1.05 18.49 17.37
C MET B 300 2.24 17.81 18.03
N ALA B 301 2.88 18.54 18.92
CA ALA B 301 3.99 18.05 19.72
C ALA B 301 3.79 18.47 21.17
N ARG B 302 4.47 17.78 22.07
CA ARG B 302 4.35 17.99 23.50
C ARG B 302 5.70 18.35 24.12
N ALA B 303 5.63 19.03 25.26
CA ALA B 303 6.81 19.33 26.05
C ALA B 303 6.38 19.52 27.50
N LYS B 304 7.32 19.35 28.41
CA LYS B 304 7.06 19.50 29.83
C LYS B 304 7.79 20.73 30.37
N VAL B 305 7.12 21.45 31.27
CA VAL B 305 7.66 22.66 31.88
C VAL B 305 7.45 22.56 33.38
N LEU B 306 8.53 22.62 34.14
CA LEU B 306 8.50 22.56 35.60
C LEU B 306 9.05 23.87 36.14
N VAL B 307 8.19 24.63 36.82
CA VAL B 307 8.56 25.93 37.37
C VAL B 307 8.74 25.75 38.88
N THR B 308 9.98 25.61 39.32
CA THR B 308 10.26 25.44 40.74
C THR B 308 10.32 26.80 41.42
N VAL B 309 9.58 26.95 42.51
CA VAL B 309 9.55 28.20 43.24
C VAL B 309 10.58 28.15 44.37
N LEU B 310 11.44 29.15 44.43
CA LEU B 310 12.36 29.30 45.53
C LEU B 310 11.68 30.06 46.67
N ASP B 311 12.22 29.91 47.87
CA ASP B 311 11.66 30.57 49.04
C ASP B 311 12.50 31.76 49.47
N VAL B 312 11.83 32.83 49.88
CA VAL B 312 12.47 34.06 50.36
C VAL B 312 11.54 34.65 51.41
N ASN B 313 12.08 35.20 52.48
CA ASN B 313 11.15 35.58 53.54
C ASN B 313 10.18 36.66 53.09
N ASP B 314 8.95 36.27 52.74
CA ASP B 314 7.91 37.22 52.35
C ASP B 314 6.60 37.03 53.11
N ASN B 315 6.46 35.97 53.89
CA ASN B 315 5.26 35.71 54.66
C ASN B 315 5.59 35.84 56.14
N ALA B 316 4.90 36.74 56.82
CA ALA B 316 5.07 36.93 58.24
C ALA B 316 4.27 35.89 59.01
N PRO B 317 4.76 35.47 60.17
CA PRO B 317 3.98 34.56 61.02
C PRO B 317 2.67 35.21 61.42
N GLU B 318 1.68 34.37 61.71
CA GLU B 318 0.37 34.83 62.14
C GLU B 318 0.10 34.26 63.53
N VAL B 319 -0.42 35.13 64.41
CA VAL B 319 -0.74 34.80 65.78
C VAL B 319 -2.26 34.85 65.91
N GLY B 320 -2.84 33.75 66.38
CA GLY B 320 -4.26 33.67 66.64
C GLY B 320 -4.51 33.64 68.14
N ILE B 321 -5.35 34.58 68.59
CA ILE B 321 -5.74 34.63 69.99
C ILE B 321 -6.72 33.49 70.22
N THR B 322 -6.19 32.27 70.18
CA THR B 322 -6.96 31.04 70.28
C THR B 322 -7.38 30.71 71.70
N SER B 323 -6.80 31.35 72.71
CA SER B 323 -7.22 31.13 74.08
C SER B 323 -7.16 32.44 74.83
N VAL B 324 -8.20 32.70 75.62
CA VAL B 324 -8.19 33.85 76.49
C VAL B 324 -9.01 33.51 77.72
N THR B 325 -8.38 33.57 78.89
CA THR B 325 -9.08 33.54 80.16
C THR B 325 -9.01 34.98 80.66
N ASN B 326 -10.07 35.73 80.37
CA ASN B 326 -10.08 37.16 80.65
C ASN B 326 -10.09 37.43 82.14
N THR B 327 -10.79 36.61 82.91
CA THR B 327 -10.90 36.80 84.34
C THR B 327 -9.81 35.98 85.00
N VAL B 328 -8.88 36.67 85.64
CA VAL B 328 -7.69 36.07 86.20
C VAL B 328 -7.72 36.38 87.68
N PRO B 329 -7.59 35.38 88.54
CA PRO B 329 -7.81 35.60 89.97
C PRO B 329 -6.81 36.53 90.62
N GLU B 330 -7.24 37.12 91.72
CA GLU B 330 -6.38 37.99 92.51
C GLU B 330 -5.27 37.21 93.20
N ASN B 331 -5.57 36.00 93.65
CA ASN B 331 -4.63 35.16 94.38
C ASN B 331 -4.10 33.97 93.57
N PHE B 332 -3.91 34.12 92.27
CA PHE B 332 -3.47 32.99 91.48
C PHE B 332 -2.03 32.59 91.79
N PRO B 333 -1.71 31.30 91.80
CA PRO B 333 -0.36 30.86 92.15
C PRO B 333 0.56 30.97 90.94
N PRO B 334 1.88 30.95 91.16
CA PRO B 334 2.80 31.00 90.02
C PRO B 334 2.77 29.71 89.22
N GLY B 335 2.73 29.84 87.90
CA GLY B 335 2.66 28.69 87.02
C GLY B 335 1.33 28.47 86.34
N THR B 336 0.38 29.40 86.46
CA THR B 336 -0.95 29.24 85.90
C THR B 336 -1.04 29.96 84.56
N THR B 337 -1.52 29.24 83.54
CA THR B 337 -1.68 29.83 82.22
C THR B 337 -2.87 30.77 82.18
N ILE B 338 -2.64 32.00 81.73
CA ILE B 338 -3.71 32.97 81.56
C ILE B 338 -4.18 33.05 80.11
N ALA B 339 -3.32 32.68 79.16
CA ALA B 339 -3.69 32.71 77.75
C ALA B 339 -2.79 31.78 76.97
N LEU B 340 -3.36 31.14 75.95
CA LEU B 340 -2.65 30.27 75.04
C LEU B 340 -2.82 30.82 73.63
N ILE B 341 -1.71 30.97 72.92
CA ILE B 341 -1.73 31.57 71.59
C ILE B 341 -1.35 30.52 70.56
N SER B 342 -1.83 30.72 69.34
CA SER B 342 -1.56 29.78 68.25
C SER B 342 -0.71 30.49 67.22
N VAL B 343 0.51 30.02 67.04
CA VAL B 343 1.50 30.67 66.20
C VAL B 343 1.71 29.83 64.95
N HIS B 344 1.90 30.50 63.81
CA HIS B 344 2.06 29.75 62.54
C HIS B 344 2.70 30.64 61.48
N ASP B 345 3.84 30.21 60.94
CA ASP B 345 4.51 30.90 59.85
C ASP B 345 4.33 30.08 58.59
N GLN B 346 3.94 30.75 57.52
CA GLN B 346 3.74 30.09 56.25
C GLN B 346 5.04 29.81 55.54
N ASP B 347 6.19 30.21 56.07
CA ASP B 347 7.41 29.92 55.36
C ASP B 347 8.14 28.76 55.98
N ALA B 348 9.21 28.40 55.29
CA ALA B 348 10.02 27.24 55.64
C ALA B 348 11.48 27.62 55.85
N ASP B 349 12.28 26.63 56.27
CA ASP B 349 13.72 26.79 56.52
C ASP B 349 13.88 27.79 57.67
N ASN B 350 14.98 28.55 57.68
CA ASN B 350 15.20 29.56 58.70
C ASN B 350 14.19 30.70 58.61
N ASN B 351 13.51 30.83 57.48
CA ASN B 351 12.49 31.85 57.28
C ASN B 351 11.15 31.47 57.88
N GLY B 352 11.06 30.34 58.58
CA GLY B 352 9.77 29.85 59.04
C GLY B 352 9.63 29.58 60.53
N HIS B 353 10.70 29.75 61.28
CA HIS B 353 10.66 29.56 62.73
C HIS B 353 10.22 30.85 63.43
N ILE B 354 9.38 30.70 64.45
CA ILE B 354 8.74 31.84 65.12
C ILE B 354 9.12 31.86 66.59
N THR B 355 9.56 33.02 67.05
CA THR B 355 9.84 33.27 68.45
C THR B 355 8.81 34.24 69.01
N CYS B 356 8.54 34.09 70.30
CA CYS B 356 7.52 34.87 70.99
C CYS B 356 8.20 35.82 71.96
N SER B 357 7.68 37.04 72.00
CA SER B 357 8.25 38.10 72.81
C SER B 357 7.15 38.78 73.61
N ILE B 358 7.39 38.98 74.90
CA ILE B 358 6.49 39.79 75.73
C ILE B 358 7.33 40.71 76.57
N PRO B 359 6.80 41.86 76.94
CA PRO B 359 7.58 42.77 77.77
C PRO B 359 7.96 42.08 79.07
N GLY B 360 9.25 42.17 79.40
CA GLY B 360 9.83 41.44 80.50
C GLY B 360 9.63 42.01 81.89
N ASN B 361 9.08 43.23 82.05
CA ASN B 361 8.90 43.77 83.39
C ASN B 361 7.78 43.04 84.14
N LEU B 362 6.65 42.79 83.47
CA LEU B 362 5.51 42.15 84.12
C LEU B 362 5.84 40.71 84.50
N PRO B 363 5.24 40.19 85.57
CA PRO B 363 5.66 38.88 86.08
C PRO B 363 5.40 37.71 85.14
N PHE B 364 4.25 37.66 84.48
CA PHE B 364 3.94 36.52 83.63
C PHE B 364 4.94 36.39 82.48
N LYS B 365 5.27 35.15 82.13
CA LYS B 365 6.24 34.87 81.09
C LYS B 365 5.77 33.71 80.22
N LEU B 366 6.38 33.62 79.05
CA LEU B 366 6.09 32.57 78.07
C LEU B 366 7.21 31.55 78.10
N GLU B 367 6.84 30.27 78.15
CA GLU B 367 7.77 29.16 78.14
C GLU B 367 7.59 28.36 76.85
N LYS B 368 8.55 27.47 76.59
CA LYS B 368 8.49 26.70 75.36
C LYS B 368 7.38 25.67 75.43
N LEU B 369 6.58 25.59 74.36
CA LEU B 369 5.56 24.56 74.23
C LEU B 369 5.57 24.00 72.81
N VAL B 370 4.92 22.84 72.67
CA VAL B 370 4.92 22.07 71.42
C VAL B 370 4.18 22.77 70.29
N ASP B 371 4.70 22.59 69.07
CA ASP B 371 4.03 22.95 67.81
C ASP B 371 3.63 24.42 67.71
N ASN B 372 4.59 25.31 67.95
CA ASN B 372 4.36 26.76 67.90
C ASN B 372 3.20 27.20 68.79
N TYR B 373 2.77 26.38 69.73
CA TYR B 373 1.83 26.83 70.74
C TYR B 373 2.63 27.38 71.91
N TYR B 374 2.17 28.47 72.50
CA TYR B 374 2.88 29.12 73.59
C TYR B 374 1.91 29.38 74.73
N ARG B 375 2.32 29.01 75.94
CA ARG B 375 1.48 29.16 77.12
C ARG B 375 2.03 30.29 77.98
N LEU B 376 1.15 31.23 78.32
CA LEU B 376 1.53 32.40 79.12
C LEU B 376 1.27 32.09 80.59
N VAL B 377 2.33 31.75 81.33
CA VAL B 377 2.21 31.43 82.75
C VAL B 377 2.91 32.51 83.56
N THR B 378 2.33 32.87 84.70
CA THR B 378 2.86 33.95 85.51
C THR B 378 3.93 33.43 86.46
N GLU B 379 4.90 34.29 86.75
CA GLU B 379 6.03 33.94 87.59
C GLU B 379 6.06 34.69 88.91
N ARG B 380 5.15 35.64 89.12
CA ARG B 380 5.05 36.31 90.41
C ARG B 380 3.59 36.70 90.69
N THR B 381 3.39 37.43 91.79
CA THR B 381 2.07 37.90 92.19
C THR B 381 1.93 39.39 91.84
N LEU B 382 0.71 39.78 91.47
CA LEU B 382 0.38 41.17 91.18
C LEU B 382 -0.59 41.71 92.22
N ASP B 383 -0.42 42.99 92.56
CA ASP B 383 -1.25 43.62 93.56
C ASP B 383 -2.60 44.02 92.97
N ARG B 384 -3.66 43.86 93.76
CA ARG B 384 -4.99 44.27 93.31
C ARG B 384 -5.09 45.79 93.17
N GLU B 385 -4.37 46.54 94.00
CA GLU B 385 -4.43 47.99 93.93
C GLU B 385 -3.48 48.55 92.86
N GLN B 386 -2.28 47.97 92.75
CA GLN B 386 -1.25 48.54 91.88
C GLN B 386 -1.65 48.52 90.41
N SER B 387 -2.31 47.46 89.94
CA SER B 387 -2.65 47.34 88.52
C SER B 387 -4.04 46.75 88.36
N SER B 388 -4.97 47.56 87.83
CA SER B 388 -6.35 47.12 87.58
C SER B 388 -6.59 46.68 86.14
N ARG B 389 -6.04 47.38 85.15
CA ARG B 389 -6.22 47.03 83.74
C ARG B 389 -4.88 46.92 83.04
N HIS B 390 -4.80 46.00 82.08
CA HIS B 390 -3.56 45.75 81.35
C HIS B 390 -3.84 45.62 79.86
N ASN B 391 -3.13 46.41 79.04
CA ASN B 391 -3.18 46.29 77.59
C ASN B 391 -1.80 45.82 77.14
N ILE B 392 -1.66 44.51 76.92
CA ILE B 392 -0.39 43.85 76.63
C ILE B 392 -0.23 43.66 75.13
N THR B 393 1.02 43.76 74.65
CA THR B 393 1.39 43.61 73.24
C THR B 393 2.44 42.49 73.13
N ILE B 394 2.01 41.35 72.57
CA ILE B 394 2.86 40.18 72.33
C ILE B 394 3.37 40.20 70.89
N THR B 395 4.68 39.95 70.75
CA THR B 395 5.45 40.09 69.52
C THR B 395 5.96 38.75 69.01
N ALA B 396 5.48 38.31 67.85
CA ALA B 396 5.96 37.05 67.27
C ALA B 396 6.84 37.41 66.08
N THR B 397 8.12 37.03 66.12
CA THR B 397 9.08 37.36 65.07
C THR B 397 9.64 36.10 64.44
N ASP B 398 9.80 36.08 63.12
CA ASP B 398 10.54 34.97 62.54
C ASP B 398 12.02 35.32 62.41
N GLN B 399 12.85 34.28 62.29
CA GLN B 399 14.29 34.42 62.46
C GLN B 399 15.06 34.50 61.14
N GLY B 400 14.38 34.61 60.00
CA GLY B 400 15.04 34.69 58.72
C GLY B 400 15.10 36.13 58.25
N THR B 401 16.31 36.60 57.97
CA THR B 401 16.49 37.98 57.54
C THR B 401 16.03 38.14 56.10
N PRO B 402 15.21 39.16 55.82
CA PRO B 402 14.69 40.13 56.79
C PRO B 402 13.56 39.57 57.65
N PRO B 403 13.66 39.72 58.96
CA PRO B 403 12.67 39.11 59.85
C PRO B 403 11.30 39.76 59.68
N LEU B 404 10.27 38.93 59.76
CA LEU B 404 8.88 39.37 59.69
C LEU B 404 8.19 39.10 61.01
N SER B 405 7.41 40.06 61.49
CA SER B 405 6.80 39.97 62.81
C SER B 405 5.33 40.35 62.77
N THR B 406 4.55 39.70 63.64
CA THR B 406 3.13 39.95 63.80
C THR B 406 2.85 40.15 65.28
N GLN B 407 2.06 41.18 65.59
CA GLN B 407 1.76 41.57 66.95
C GLN B 407 0.30 41.28 67.29
N ALA B 408 0.05 40.91 68.54
CA ALA B 408 -1.31 40.73 69.02
C ALA B 408 -1.44 41.47 70.35
N HIS B 409 -2.56 42.15 70.52
CA HIS B 409 -2.80 42.95 71.72
C HIS B 409 -3.95 42.33 72.51
N ILE B 410 -3.70 42.07 73.79
CA ILE B 410 -4.68 41.46 74.68
C ILE B 410 -4.97 42.42 75.82
N SER B 411 -6.25 42.61 76.11
CA SER B 411 -6.69 43.43 77.23
C SER B 411 -7.18 42.52 78.34
N LEU B 412 -6.67 42.72 79.55
CA LEU B 412 -7.00 41.85 80.67
C LEU B 412 -7.23 42.69 81.92
N LEU B 413 -7.95 42.10 82.87
CA LEU B 413 -8.28 42.77 84.12
C LEU B 413 -8.17 41.79 85.28
N ASN C 2 -43.03 -23.21 -63.22
CA ASN C 2 -42.32 -23.15 -61.96
C ASN C 2 -43.20 -22.46 -60.92
N ILE C 3 -43.69 -23.21 -59.94
CA ILE C 3 -44.59 -22.69 -58.92
C ILE C 3 -43.84 -22.54 -57.60
N ARG C 4 -43.95 -21.36 -56.99
CA ARG C 4 -43.35 -21.04 -55.70
C ARG C 4 -44.40 -20.58 -54.70
N TYR C 5 -44.48 -21.27 -53.56
CA TYR C 5 -45.38 -20.94 -52.46
C TYR C 5 -44.58 -20.55 -51.22
N SER C 6 -45.28 -20.11 -50.18
CA SER C 6 -44.65 -19.75 -48.91
C SER C 6 -45.60 -20.13 -47.79
N VAL C 7 -45.13 -20.98 -46.87
CA VAL C 7 -45.92 -21.37 -45.71
C VAL C 7 -45.04 -21.26 -44.47
N PRO C 8 -45.54 -20.71 -43.37
CA PRO C 8 -44.73 -20.65 -42.14
C PRO C 8 -44.48 -22.04 -41.58
N GLU C 9 -43.47 -22.10 -40.70
CA GLU C 9 -43.16 -23.37 -40.07
C GLU C 9 -44.11 -23.64 -38.90
N GLU C 10 -44.16 -24.91 -38.49
CA GLU C 10 -44.91 -25.35 -37.31
C GLU C 10 -46.41 -25.01 -37.44
N THR C 11 -46.94 -25.13 -38.64
CA THR C 11 -48.36 -24.90 -38.85
C THR C 11 -49.17 -26.11 -38.44
N ASP C 12 -50.44 -25.87 -38.07
CA ASP C 12 -51.32 -26.96 -37.72
C ASP C 12 -51.56 -27.85 -38.94
N LYS C 13 -51.84 -29.12 -38.67
CA LYS C 13 -52.08 -30.07 -39.75
C LYS C 13 -53.34 -29.68 -40.50
N GLY C 14 -53.22 -29.58 -41.83
CA GLY C 14 -54.34 -29.15 -42.65
C GLY C 14 -54.41 -27.68 -42.93
N SER C 15 -53.36 -26.91 -42.65
CA SER C 15 -53.37 -25.49 -42.91
C SER C 15 -53.19 -25.23 -44.40
N PHE C 16 -53.83 -24.18 -44.89
CA PHE C 16 -53.86 -23.93 -46.32
C PHE C 16 -52.48 -23.49 -46.78
N VAL C 17 -51.97 -24.09 -47.85
CA VAL C 17 -50.67 -23.73 -48.38
C VAL C 17 -50.80 -23.10 -49.76
N GLY C 18 -51.25 -23.88 -50.74
CA GLY C 18 -51.46 -23.30 -52.06
C GLY C 18 -52.37 -24.16 -52.91
N SER C 19 -53.07 -23.51 -53.84
CA SER C 19 -53.96 -24.21 -54.76
C SER C 19 -53.21 -24.51 -56.05
N ILE C 20 -52.90 -25.79 -56.27
CA ILE C 20 -52.25 -26.19 -57.51
C ILE C 20 -53.22 -26.11 -58.68
N ALA C 21 -54.49 -26.46 -58.43
CA ALA C 21 -55.51 -26.39 -59.47
C ALA C 21 -55.65 -24.98 -60.01
N LYS C 22 -55.54 -23.98 -59.13
CA LYS C 22 -55.70 -22.59 -59.56
C LYS C 22 -54.52 -22.13 -60.40
N ASP C 23 -53.32 -22.54 -60.03
CA ASP C 23 -52.11 -22.11 -60.73
C ASP C 23 -51.87 -22.90 -62.01
N LEU C 24 -52.43 -24.11 -62.14
CA LEU C 24 -52.32 -24.89 -63.36
C LEU C 24 -53.46 -24.65 -64.35
N GLY C 25 -54.46 -23.86 -63.97
CA GLY C 25 -55.61 -23.68 -64.84
C GLY C 25 -56.56 -24.86 -64.90
N LEU C 26 -56.48 -25.77 -63.95
CA LEU C 26 -57.32 -26.96 -63.94
C LEU C 26 -58.46 -26.81 -62.94
N GLU C 27 -59.64 -27.28 -63.36
CA GLU C 27 -60.77 -27.37 -62.44
C GLU C 27 -60.66 -28.68 -61.67
N THR C 28 -61.74 -29.09 -61.02
CA THR C 28 -61.77 -30.41 -60.40
C THR C 28 -61.81 -31.50 -61.46
N ARG C 29 -62.55 -31.26 -62.56
CA ARG C 29 -62.69 -32.26 -63.60
C ARG C 29 -61.33 -32.69 -64.15
N GLU C 30 -60.48 -31.73 -64.52
CA GLU C 30 -59.16 -32.08 -65.02
C GLU C 30 -58.33 -32.74 -63.93
N LEU C 31 -58.52 -32.34 -62.68
CA LEU C 31 -57.78 -32.97 -61.60
C LEU C 31 -58.10 -34.45 -61.49
N MET C 32 -59.37 -34.83 -61.63
CA MET C 32 -59.72 -36.25 -61.60
C MET C 32 -59.30 -36.98 -62.87
N GLU C 33 -59.50 -36.35 -64.04
CA GLU C 33 -59.21 -37.04 -65.29
C GLU C 33 -57.71 -37.24 -65.49
N ARG C 34 -56.91 -36.20 -65.23
CA ARG C 34 -55.48 -36.28 -65.45
C ARG C 34 -54.81 -37.26 -64.49
N GLY C 35 -55.42 -37.54 -63.35
CA GLY C 35 -54.80 -38.44 -62.39
C GLY C 35 -53.61 -37.81 -61.69
N ILE C 36 -53.83 -36.66 -61.06
CA ILE C 36 -52.73 -35.97 -60.38
C ILE C 36 -52.25 -36.80 -59.20
N ARG C 37 -50.95 -36.80 -59.00
CA ARG C 37 -50.33 -37.54 -57.92
C ARG C 37 -49.08 -36.79 -57.49
N ILE C 38 -48.72 -36.94 -56.22
CA ILE C 38 -47.54 -36.28 -55.67
C ILE C 38 -46.50 -37.35 -55.41
N VAL C 39 -45.29 -37.13 -55.92
CA VAL C 39 -44.17 -38.06 -55.71
C VAL C 39 -43.62 -37.83 -54.32
N SER C 40 -43.54 -38.88 -53.54
CA SER C 40 -43.19 -38.77 -52.13
C SER C 40 -41.70 -38.59 -51.90
N ARG C 41 -41.39 -37.86 -50.84
CA ARG C 41 -40.05 -37.61 -50.34
C ARG C 41 -40.11 -37.82 -48.83
N GLY C 42 -38.94 -37.83 -48.18
CA GLY C 42 -38.84 -38.10 -46.75
C GLY C 42 -39.84 -37.35 -45.88
N ARG C 43 -39.94 -36.02 -46.10
CA ARG C 43 -41.00 -35.24 -45.49
C ARG C 43 -41.86 -34.54 -46.54
N SER C 44 -41.84 -35.01 -47.81
CA SER C 44 -42.97 -34.60 -48.60
C SER C 44 -44.20 -35.29 -48.04
N GLN C 45 -43.98 -36.28 -47.14
CA GLN C 45 -45.09 -36.82 -46.36
C GLN C 45 -45.81 -35.67 -45.64
N LEU C 46 -45.12 -34.53 -45.50
CA LEU C 46 -45.72 -33.37 -44.84
C LEU C 46 -46.76 -32.69 -45.69
N PHE C 47 -46.61 -32.72 -47.01
CA PHE C 47 -47.62 -32.04 -47.80
C PHE C 47 -48.65 -33.04 -48.30
N SER C 48 -49.91 -32.65 -48.21
CA SER C 48 -51.02 -33.47 -48.63
C SER C 48 -51.97 -32.65 -49.49
N LEU C 49 -52.36 -33.21 -50.64
CA LEU C 49 -53.27 -32.55 -51.56
C LEU C 49 -54.64 -33.22 -51.48
N ASN C 50 -55.68 -32.42 -51.21
CA ASN C 50 -57.05 -32.92 -51.16
C ASN C 50 -57.71 -32.70 -52.51
N PRO C 51 -58.19 -33.76 -53.18
CA PRO C 51 -58.66 -33.60 -54.57
C PRO C 51 -60.01 -32.93 -54.69
N ARG C 52 -60.67 -32.62 -53.58
CA ARG C 52 -61.96 -31.97 -53.60
C ARG C 52 -61.86 -30.49 -53.32
N SER C 53 -61.03 -30.10 -52.35
CA SER C 53 -60.75 -28.69 -52.13
C SER C 53 -59.75 -28.14 -53.15
N GLY C 54 -58.96 -29.01 -53.76
CA GLY C 54 -57.96 -28.59 -54.71
C GLY C 54 -56.81 -27.84 -54.10
N SER C 55 -56.65 -27.95 -52.78
CA SER C 55 -55.68 -27.19 -52.02
C SER C 55 -54.59 -28.12 -51.48
N LEU C 56 -53.37 -27.95 -51.98
CA LEU C 56 -52.21 -28.57 -51.35
C LEU C 56 -52.02 -27.92 -49.99
N VAL C 57 -52.28 -28.69 -48.92
CA VAL C 57 -52.21 -28.23 -47.54
C VAL C 57 -51.14 -29.02 -46.78
N THR C 58 -51.00 -28.72 -45.49
CA THR C 58 -50.02 -29.40 -44.65
C THR C 58 -50.56 -30.75 -44.17
N ALA C 59 -49.66 -31.73 -44.03
CA ALA C 59 -50.01 -33.02 -43.43
C ALA C 59 -49.26 -33.31 -42.14
N GLY C 60 -48.25 -32.54 -41.78
CA GLY C 60 -47.51 -32.82 -40.58
C GLY C 60 -46.73 -31.64 -40.02
N ARG C 61 -45.73 -31.96 -39.20
CA ARG C 61 -44.93 -30.93 -38.53
C ARG C 61 -43.93 -30.30 -39.48
N ILE C 62 -43.95 -28.97 -39.55
CA ILE C 62 -43.00 -28.21 -40.36
C ILE C 62 -42.00 -27.51 -39.44
N ASP C 63 -40.93 -28.20 -39.07
CA ASP C 63 -39.86 -27.61 -38.24
C ASP C 63 -38.73 -27.13 -39.15
N ARG C 64 -38.67 -25.82 -39.39
CA ARG C 64 -37.66 -25.29 -40.30
C ARG C 64 -36.25 -25.46 -39.76
N GLU C 65 -36.11 -25.40 -38.43
CA GLU C 65 -34.80 -25.60 -37.80
C GLU C 65 -34.29 -27.04 -37.98
N GLU C 66 -35.20 -28.01 -38.04
CA GLU C 66 -34.80 -29.38 -38.31
C GLU C 66 -34.42 -29.58 -39.77
N LEU C 67 -35.03 -28.81 -40.68
CA LEU C 67 -34.81 -29.02 -42.11
C LEU C 67 -33.48 -28.43 -42.56
N CYS C 68 -33.37 -27.11 -42.52
CA CYS C 68 -32.24 -26.39 -43.08
C CYS C 68 -31.26 -25.91 -42.02
N ALA C 69 -31.53 -26.19 -40.75
CA ALA C 69 -30.68 -25.76 -39.65
C ALA C 69 -30.53 -24.24 -39.64
N GLN C 70 -29.44 -23.74 -40.21
CA GLN C 70 -29.14 -22.32 -40.19
C GLN C 70 -29.10 -21.70 -41.58
N SER C 71 -29.52 -22.45 -42.61
CA SER C 71 -29.44 -21.96 -43.98
C SER C 71 -30.65 -21.09 -44.31
N THR C 72 -30.53 -20.36 -45.42
CA THR C 72 -31.58 -19.45 -45.88
C THR C 72 -31.42 -19.21 -47.38
N PRO C 73 -32.53 -19.37 -48.14
CA PRO C 73 -33.85 -19.76 -47.64
C PRO C 73 -34.05 -21.27 -47.54
N CYS C 74 -35.05 -21.68 -46.77
CA CYS C 74 -35.39 -23.09 -46.58
C CYS C 74 -36.61 -23.38 -47.45
N VAL C 75 -36.39 -24.01 -48.59
CA VAL C 75 -37.45 -24.27 -49.57
C VAL C 75 -37.49 -25.76 -49.86
N VAL C 76 -38.66 -26.37 -49.70
CA VAL C 76 -38.86 -27.78 -50.01
C VAL C 76 -39.40 -27.88 -51.42
N SER C 77 -38.67 -28.60 -52.28
CA SER C 77 -39.03 -28.79 -53.68
C SER C 77 -39.35 -30.26 -53.95
N PHE C 78 -40.54 -30.52 -54.48
CA PHE C 78 -40.93 -31.87 -54.86
C PHE C 78 -41.69 -31.82 -56.18
N ASN C 79 -41.73 -32.97 -56.85
CA ASN C 79 -42.36 -33.10 -58.16
C ASN C 79 -43.77 -33.65 -58.03
N ILE C 80 -44.67 -33.13 -58.86
CA ILE C 80 -46.04 -33.61 -58.98
C ILE C 80 -46.16 -34.39 -60.29
N LEU C 81 -46.49 -35.67 -60.19
CA LEU C 81 -46.62 -36.53 -61.36
C LEU C 81 -48.05 -36.47 -61.87
N MET C 82 -48.21 -36.03 -63.12
CA MET C 82 -49.48 -36.02 -63.84
C MET C 82 -49.48 -37.23 -64.77
N GLU C 83 -50.36 -38.19 -64.47
CA GLU C 83 -50.40 -39.48 -65.15
C GLU C 83 -50.93 -39.40 -66.58
N ASP C 84 -51.67 -38.35 -66.93
CA ASP C 84 -52.30 -38.29 -68.25
C ASP C 84 -51.26 -38.17 -69.35
N GLU C 85 -50.59 -37.02 -69.42
CA GLU C 85 -49.54 -36.77 -70.38
C GLU C 85 -48.17 -37.25 -69.91
N MET C 86 -48.13 -37.97 -68.78
CA MET C 86 -46.87 -38.39 -68.16
C MET C 86 -45.98 -37.19 -67.87
N LYS C 87 -46.57 -36.12 -67.35
CA LYS C 87 -45.87 -34.85 -67.19
C LYS C 87 -45.60 -34.62 -65.71
N LEU C 88 -44.35 -34.33 -65.36
CA LEU C 88 -43.97 -33.97 -64.00
C LEU C 88 -43.94 -32.45 -63.86
N LEU C 89 -44.20 -31.99 -62.63
CA LEU C 89 -44.33 -30.56 -62.34
C LEU C 89 -43.48 -30.15 -61.14
N PRO C 90 -42.53 -29.24 -61.30
CA PRO C 90 -41.69 -28.82 -60.15
C PRO C 90 -42.47 -27.88 -59.24
N ILE C 91 -42.63 -28.29 -57.99
CA ILE C 91 -43.27 -27.48 -56.95
C ILE C 91 -42.24 -27.08 -55.90
N GLU C 92 -42.14 -25.76 -55.65
CA GLU C 92 -41.28 -25.23 -54.61
C GLU C 92 -42.12 -24.51 -53.56
N VAL C 93 -41.97 -24.90 -52.29
CA VAL C 93 -42.69 -24.27 -51.18
C VAL C 93 -41.66 -23.83 -50.13
N GLU C 94 -41.58 -22.53 -49.88
CA GLU C 94 -40.63 -22.00 -48.92
C GLU C 94 -41.17 -22.08 -47.48
N ILE C 95 -40.31 -22.51 -46.56
CA ILE C 95 -40.67 -22.62 -45.15
C ILE C 95 -40.26 -21.33 -44.46
N ILE C 96 -41.26 -20.52 -44.08
CA ILE C 96 -41.02 -19.27 -43.38
C ILE C 96 -40.76 -19.56 -41.91
N ASP C 97 -39.78 -18.86 -41.33
CA ASP C 97 -39.35 -19.09 -39.96
C ASP C 97 -40.17 -18.27 -38.97
N ILE C 98 -40.36 -18.84 -37.78
CA ILE C 98 -41.06 -18.16 -36.70
C ILE C 98 -40.12 -18.11 -35.50
N ASN C 99 -40.60 -17.56 -34.39
CA ASN C 99 -39.80 -17.44 -33.17
C ASN C 99 -40.36 -18.47 -32.19
N ASP C 100 -39.69 -19.62 -32.11
CA ASP C 100 -40.06 -20.69 -31.20
C ASP C 100 -38.87 -21.23 -30.42
N ASN C 101 -37.73 -20.54 -30.43
CA ASN C 101 -36.52 -21.05 -29.81
C ASN C 101 -35.90 -20.01 -28.88
N THR C 102 -35.34 -20.49 -27.78
CA THR C 102 -34.61 -19.79 -26.74
C THR C 102 -33.11 -20.01 -26.95
N PRO C 103 -32.29 -18.97 -26.85
CA PRO C 103 -30.83 -19.17 -26.95
C PRO C 103 -30.37 -20.17 -25.89
N GLN C 104 -29.62 -21.17 -26.33
CA GLN C 104 -29.20 -22.26 -25.46
C GLN C 104 -27.69 -22.21 -25.27
N PHE C 105 -27.25 -22.10 -24.03
CA PHE C 105 -25.85 -22.26 -23.68
C PHE C 105 -25.55 -23.74 -23.47
N GLN C 106 -24.33 -24.13 -23.80
CA GLN C 106 -23.90 -25.52 -23.67
C GLN C 106 -23.58 -25.88 -22.22
N LEU C 107 -23.90 -25.02 -21.28
CA LEU C 107 -23.74 -25.27 -19.86
C LEU C 107 -24.67 -24.32 -19.11
N GLU C 108 -24.65 -24.40 -17.79
CA GLU C 108 -25.46 -23.55 -16.94
C GLU C 108 -24.67 -22.64 -16.03
N GLU C 109 -23.47 -23.02 -15.62
CA GLU C 109 -22.66 -22.20 -14.73
C GLU C 109 -21.20 -22.24 -15.17
N LEU C 110 -20.66 -21.06 -15.46
CA LEU C 110 -19.25 -20.90 -15.82
C LEU C 110 -18.51 -20.42 -14.58
N GLU C 111 -17.58 -21.24 -14.09
CA GLU C 111 -16.83 -20.96 -12.87
C GLU C 111 -15.38 -20.63 -13.21
N LEU C 112 -14.90 -19.50 -12.71
CA LEU C 112 -13.56 -19.02 -13.02
C LEU C 112 -12.85 -18.62 -11.73
N LYS C 113 -11.51 -18.72 -11.76
CA LYS C 113 -10.65 -18.33 -10.66
C LYS C 113 -9.79 -17.16 -11.11
N MET C 114 -9.90 -16.04 -10.38
CA MET C 114 -9.16 -14.83 -10.72
C MET C 114 -8.50 -14.27 -9.46
N SER C 115 -7.21 -13.99 -9.55
CA SER C 115 -6.50 -13.38 -8.43
C SER C 115 -7.02 -11.97 -8.16
N GLU C 116 -6.93 -11.55 -6.90
CA GLU C 116 -7.41 -10.21 -6.56
C GLU C 116 -6.46 -9.13 -7.05
N ILE C 117 -5.19 -9.44 -7.27
CA ILE C 117 -4.25 -8.46 -7.79
C ILE C 117 -4.06 -8.61 -9.31
N THR C 118 -4.97 -9.35 -9.95
CA THR C 118 -4.93 -9.53 -11.40
C THR C 118 -4.93 -8.18 -12.10
N THR C 119 -3.98 -7.99 -13.00
CA THR C 119 -3.84 -6.72 -13.69
C THR C 119 -5.13 -6.39 -14.44
N PRO C 120 -5.73 -5.23 -14.20
CA PRO C 120 -7.00 -4.90 -14.85
C PRO C 120 -6.87 -4.80 -16.36
N GLY C 121 -7.98 -5.07 -17.05
CA GLY C 121 -8.00 -5.12 -18.49
C GLY C 121 -7.90 -6.49 -19.10
N THR C 122 -7.73 -7.53 -18.28
CA THR C 122 -7.70 -8.89 -18.81
C THR C 122 -9.08 -9.29 -19.30
N ARG C 123 -9.14 -9.93 -20.46
CA ARG C 123 -10.39 -10.31 -21.08
C ARG C 123 -10.56 -11.83 -21.01
N ILE C 124 -11.82 -12.25 -20.90
CA ILE C 124 -12.16 -13.68 -20.85
C ILE C 124 -13.27 -13.95 -21.85
N PRO C 125 -13.00 -14.71 -22.91
CA PRO C 125 -14.07 -15.03 -23.87
C PRO C 125 -15.16 -15.88 -23.23
N LEU C 126 -16.41 -15.53 -23.50
CA LEU C 126 -17.55 -16.17 -22.87
C LEU C 126 -18.13 -17.26 -23.75
N PRO C 127 -18.80 -18.25 -23.17
CA PRO C 127 -19.41 -19.32 -23.97
C PRO C 127 -20.49 -18.79 -24.89
N LEU C 128 -20.49 -19.28 -26.13
CA LEU C 128 -21.47 -18.87 -27.12
C LEU C 128 -22.82 -19.54 -26.87
N GLY C 129 -23.87 -18.74 -26.89
CA GLY C 129 -25.23 -19.24 -26.87
C GLY C 129 -25.77 -19.32 -28.29
N GLN C 130 -26.46 -20.42 -28.59
CA GLN C 130 -26.91 -20.73 -29.94
C GLN C 130 -28.43 -20.73 -29.98
N ASP C 131 -29.01 -19.86 -30.80
CA ASP C 131 -30.43 -19.89 -31.09
C ASP C 131 -30.64 -20.68 -32.36
N LEU C 132 -31.57 -21.65 -32.30
CA LEU C 132 -31.80 -22.50 -33.46
C LEU C 132 -32.41 -21.71 -34.60
N ASP C 133 -33.15 -20.65 -34.30
CA ASP C 133 -33.74 -19.82 -35.33
C ASP C 133 -32.65 -19.07 -36.08
N VAL C 134 -33.05 -18.41 -37.17
CA VAL C 134 -32.18 -17.58 -37.97
C VAL C 134 -32.90 -16.25 -38.19
N GLY C 135 -32.19 -15.31 -38.80
CA GLY C 135 -32.82 -14.04 -39.13
C GLY C 135 -33.02 -13.20 -37.88
N ILE C 136 -34.21 -12.63 -37.76
CA ILE C 136 -34.50 -11.79 -36.59
C ILE C 136 -34.80 -12.62 -35.35
N ASN C 137 -35.18 -13.88 -35.49
CA ASN C 137 -35.50 -14.72 -34.35
C ASN C 137 -34.29 -15.48 -33.82
N SER C 138 -33.11 -15.26 -34.38
CA SER C 138 -31.90 -15.87 -33.88
C SER C 138 -31.26 -14.97 -32.82
N LEU C 139 -30.10 -15.38 -32.33
CA LEU C 139 -29.40 -14.63 -31.28
C LEU C 139 -29.13 -13.20 -31.75
N GLN C 140 -29.48 -12.23 -30.91
CA GLN C 140 -29.34 -10.83 -31.30
C GLN C 140 -28.53 -9.99 -30.32
N SER C 141 -28.52 -10.35 -29.04
CA SER C 141 -27.79 -9.51 -28.09
C SER C 141 -27.42 -10.30 -26.84
N TYR C 142 -26.27 -9.94 -26.26
CA TYR C 142 -25.87 -10.40 -24.94
C TYR C 142 -26.01 -9.26 -23.94
N GLN C 143 -26.32 -9.61 -22.70
CA GLN C 143 -26.44 -8.62 -21.62
C GLN C 143 -25.85 -9.22 -20.35
N LEU C 144 -24.77 -8.60 -19.86
CA LEU C 144 -24.21 -8.97 -18.58
C LEU C 144 -24.82 -8.10 -17.49
N SER C 145 -25.17 -8.73 -16.37
CA SER C 145 -25.81 -8.00 -15.28
C SER C 145 -24.86 -6.94 -14.71
N ALA C 146 -25.46 -5.87 -14.19
CA ALA C 146 -24.68 -4.76 -13.67
C ALA C 146 -23.86 -5.19 -12.47
N ASN C 147 -22.57 -4.83 -12.47
CA ASN C 147 -21.66 -5.19 -11.40
C ASN C 147 -20.45 -4.26 -11.48
N PRO C 148 -19.83 -3.93 -10.34
CA PRO C 148 -18.75 -2.94 -10.36
C PRO C 148 -17.42 -3.42 -10.91
N HIS C 149 -17.09 -4.70 -10.76
CA HIS C 149 -15.75 -5.16 -11.13
C HIS C 149 -15.63 -5.66 -12.57
N PHE C 150 -16.75 -6.03 -13.21
CA PHE C 150 -16.68 -6.63 -14.53
C PHE C 150 -17.62 -5.93 -15.49
N SER C 151 -17.29 -6.05 -16.77
CA SER C 151 -18.07 -5.46 -17.85
C SER C 151 -18.14 -6.46 -19.00
N LEU C 152 -19.01 -6.17 -19.96
CA LEU C 152 -19.26 -7.04 -21.08
C LEU C 152 -18.69 -6.42 -22.34
N ASP C 153 -17.97 -7.22 -23.12
CA ASP C 153 -17.38 -6.77 -24.37
C ASP C 153 -17.72 -7.81 -25.43
N VAL C 154 -18.45 -7.39 -26.45
CA VAL C 154 -18.92 -8.28 -27.50
C VAL C 154 -18.43 -7.76 -28.83
N GLN C 155 -17.84 -8.64 -29.63
CA GLN C 155 -17.40 -8.25 -30.96
C GLN C 155 -18.60 -8.25 -31.89
N GLN C 156 -18.71 -7.22 -32.72
CA GLN C 156 -19.89 -7.07 -33.58
C GLN C 156 -19.64 -7.84 -34.87
N GLY C 157 -20.49 -8.82 -35.13
CA GLY C 157 -20.41 -9.64 -36.31
C GLY C 157 -21.55 -9.35 -37.26
N PRO C 158 -21.41 -9.76 -38.50
CA PRO C 158 -22.50 -9.56 -39.47
C PRO C 158 -23.76 -10.34 -39.14
N GLU C 159 -23.61 -11.61 -38.75
CA GLU C 159 -24.76 -12.43 -38.41
C GLU C 159 -25.35 -12.05 -37.06
N GLY C 160 -24.50 -11.60 -36.14
CA GLY C 160 -24.95 -11.20 -34.83
C GLY C 160 -23.77 -10.93 -33.91
N PRO C 161 -24.04 -10.81 -32.62
CA PRO C 161 -22.95 -10.58 -31.66
C PRO C 161 -22.12 -11.85 -31.51
N GLN C 162 -20.80 -11.72 -31.63
CA GLN C 162 -19.91 -12.87 -31.54
C GLN C 162 -18.71 -12.57 -30.65
N GLN C 163 -18.20 -13.64 -30.04
CA GLN C 163 -17.07 -13.64 -29.12
C GLN C 163 -17.31 -12.64 -27.99
N PRO C 164 -18.27 -12.90 -27.12
CA PRO C 164 -18.46 -12.03 -25.96
C PRO C 164 -17.31 -12.21 -24.99
N GLU C 165 -16.90 -11.10 -24.38
CA GLU C 165 -15.74 -11.12 -23.50
C GLU C 165 -16.05 -10.34 -22.23
N MET C 166 -15.59 -10.88 -21.12
CA MET C 166 -15.74 -10.24 -19.81
C MET C 166 -14.39 -9.62 -19.44
N VAL C 167 -14.40 -8.32 -19.18
CA VAL C 167 -13.19 -7.56 -18.91
C VAL C 167 -13.22 -7.09 -17.47
N LEU C 168 -12.07 -7.17 -16.80
CA LEU C 168 -11.95 -6.75 -15.41
C LEU C 168 -11.74 -5.24 -15.36
N GLN C 169 -12.66 -4.53 -14.71
CA GLN C 169 -12.57 -3.08 -14.61
C GLN C 169 -11.89 -2.68 -13.30
N ARG C 170 -12.63 -2.72 -12.21
CA ARG C 170 -12.04 -2.39 -10.92
C ARG C 170 -11.30 -3.61 -10.38
N PRO C 171 -10.09 -3.42 -9.85
CA PRO C 171 -9.31 -4.56 -9.37
C PRO C 171 -10.07 -5.32 -8.28
N LEU C 172 -9.92 -6.63 -8.29
CA LEU C 172 -10.62 -7.48 -7.34
C LEU C 172 -10.01 -7.35 -5.95
N ASP C 173 -10.82 -7.63 -4.93
CA ASP C 173 -10.35 -7.62 -3.54
C ASP C 173 -11.03 -8.77 -2.81
N ARG C 174 -10.25 -9.79 -2.48
CA ARG C 174 -10.82 -10.95 -1.80
C ARG C 174 -11.15 -10.66 -0.36
N GLU C 175 -10.43 -9.74 0.28
CA GLU C 175 -10.73 -9.39 1.67
C GLU C 175 -12.05 -8.66 1.79
N LYS C 176 -12.55 -8.09 0.70
CA LYS C 176 -13.86 -7.46 0.65
C LYS C 176 -14.93 -8.42 0.13
N ASP C 177 -14.73 -8.93 -1.09
CA ASP C 177 -15.64 -9.88 -1.71
C ASP C 177 -14.84 -11.04 -2.28
N ALA C 178 -15.12 -12.25 -1.81
CA ALA C 178 -14.38 -13.43 -2.28
C ALA C 178 -15.08 -14.13 -3.45
N VAL C 179 -16.37 -13.89 -3.64
CA VAL C 179 -17.15 -14.55 -4.69
C VAL C 179 -18.04 -13.53 -5.38
N HIS C 180 -18.03 -13.52 -6.71
CA HIS C 180 -18.87 -12.65 -7.52
C HIS C 180 -19.80 -13.49 -8.38
N TYR C 181 -21.10 -13.25 -8.25
CA TYR C 181 -22.10 -13.92 -9.06
C TYR C 181 -22.60 -12.97 -10.15
N LEU C 182 -22.50 -13.42 -11.40
CA LEU C 182 -22.98 -12.66 -12.54
C LEU C 182 -24.02 -13.49 -13.30
N VAL C 183 -24.76 -12.82 -14.18
CA VAL C 183 -25.81 -13.45 -14.97
C VAL C 183 -25.65 -12.97 -16.41
N LEU C 184 -25.22 -13.86 -17.30
CA LEU C 184 -25.07 -13.55 -18.71
C LEU C 184 -26.34 -13.99 -19.45
N THR C 185 -27.13 -13.02 -19.90
CA THR C 185 -28.39 -13.30 -20.58
C THR C 185 -28.25 -13.13 -22.08
N ALA C 186 -28.62 -14.17 -22.82
CA ALA C 186 -28.63 -14.14 -24.29
C ALA C 186 -30.06 -13.99 -24.79
N SER C 187 -30.27 -13.03 -25.69
CA SER C 187 -31.61 -12.70 -26.15
C SER C 187 -31.65 -12.64 -27.67
N ASP C 188 -32.76 -13.10 -28.25
CA ASP C 188 -32.98 -13.01 -29.68
C ASP C 188 -33.64 -11.70 -30.05
N GLY C 189 -34.40 -11.68 -31.15
CA GLY C 189 -35.04 -10.46 -31.61
C GLY C 189 -36.46 -10.67 -32.06
N GLY C 190 -37.09 -11.75 -31.59
CA GLY C 190 -38.45 -12.05 -31.94
C GLY C 190 -39.45 -11.24 -31.14
N SER C 191 -40.68 -11.72 -31.13
CA SER C 191 -41.75 -11.10 -30.36
C SER C 191 -42.71 -12.18 -29.86
N PRO C 192 -42.63 -12.50 -28.56
CA PRO C 192 -41.74 -11.89 -27.56
C PRO C 192 -40.28 -12.33 -27.69
N ILE C 193 -39.39 -11.67 -26.96
CA ILE C 193 -37.97 -11.97 -27.00
C ILE C 193 -37.69 -13.06 -25.97
N HIS C 194 -36.90 -14.06 -26.36
CA HIS C 194 -36.54 -15.17 -25.50
C HIS C 194 -35.13 -15.01 -24.97
N SER C 195 -34.97 -15.11 -23.66
CA SER C 195 -33.66 -14.96 -23.00
C SER C 195 -33.28 -16.26 -22.33
N GLY C 196 -32.05 -16.70 -22.56
CA GLY C 196 -31.46 -17.80 -21.82
C GLY C 196 -30.42 -17.25 -20.85
N THR C 197 -30.35 -17.85 -19.67
CA THR C 197 -29.50 -17.34 -18.61
C THR C 197 -28.33 -18.28 -18.38
N LEU C 198 -27.14 -17.69 -18.25
CA LEU C 198 -25.94 -18.43 -17.89
C LEU C 198 -25.37 -17.76 -16.65
N GLN C 199 -25.51 -18.42 -15.50
CA GLN C 199 -24.92 -17.88 -14.28
C GLN C 199 -23.41 -18.06 -14.33
N ILE C 200 -22.69 -17.01 -13.92
CA ILE C 200 -21.24 -17.01 -13.93
C ILE C 200 -20.77 -16.87 -12.51
N HIS C 201 -19.88 -17.76 -12.09
CA HIS C 201 -19.37 -17.79 -10.72
C HIS C 201 -17.89 -17.47 -10.77
N VAL C 202 -17.56 -16.22 -10.48
CA VAL C 202 -16.19 -15.72 -10.51
C VAL C 202 -15.65 -15.83 -9.11
N GLN C 203 -14.67 -16.70 -8.92
CA GLN C 203 -14.01 -16.90 -7.63
C GLN C 203 -12.76 -16.05 -7.58
N VAL C 204 -12.54 -15.41 -6.44
CA VAL C 204 -11.37 -14.56 -6.22
C VAL C 204 -10.36 -15.37 -5.43
N VAL C 205 -9.17 -15.51 -5.97
CA VAL C 205 -8.12 -16.31 -5.34
C VAL C 205 -7.35 -15.41 -4.38
N ASP C 206 -6.94 -15.97 -3.25
CA ASP C 206 -6.30 -15.16 -2.23
C ASP C 206 -4.84 -14.93 -2.56
N VAL C 207 -4.35 -13.76 -2.18
CA VAL C 207 -2.96 -13.36 -2.33
C VAL C 207 -2.54 -12.64 -1.07
N ASN C 208 -1.38 -12.99 -0.53
CA ASN C 208 -0.95 -12.32 0.70
C ASN C 208 -0.61 -10.87 0.36
N ASP C 209 -1.61 -10.00 0.48
CA ASP C 209 -1.47 -8.57 0.18
C ASP C 209 -1.83 -7.74 1.40
N ASN C 210 -1.87 -8.35 2.59
CA ASN C 210 -2.23 -7.64 3.80
C ASN C 210 -1.38 -8.11 4.98
N PRO C 211 -0.57 -7.23 5.55
CA PRO C 211 0.22 -7.60 6.72
C PRO C 211 -0.62 -7.55 7.99
N PRO C 212 -0.15 -8.15 9.08
CA PRO C 212 -0.93 -8.13 10.32
C PRO C 212 -1.13 -6.71 10.83
N ALA C 213 -2.07 -6.59 11.76
CA ALA C 213 -2.42 -5.30 12.36
C ALA C 213 -2.72 -5.55 13.83
N PHE C 214 -1.88 -5.00 14.71
CA PHE C 214 -2.08 -5.19 16.14
C PHE C 214 -3.33 -4.44 16.61
N THR C 215 -3.85 -4.89 17.75
CA THR C 215 -4.98 -4.20 18.37
C THR C 215 -4.53 -2.94 19.08
N LYS C 216 -3.29 -2.89 19.54
CA LYS C 216 -2.72 -1.72 20.17
C LYS C 216 -1.33 -1.47 19.61
N ALA C 217 -0.99 -0.19 19.42
CA ALA C 217 0.35 0.15 18.93
C ALA C 217 1.39 0.01 20.03
N GLU C 218 1.00 0.33 21.26
CA GLU C 218 1.86 0.19 22.43
C GLU C 218 1.04 -0.44 23.55
N TYR C 219 1.56 -1.54 24.11
CA TYR C 219 0.87 -2.25 25.18
C TYR C 219 1.51 -1.83 26.50
N HIS C 220 0.75 -1.09 27.31
CA HIS C 220 1.23 -0.59 28.59
C HIS C 220 0.57 -1.36 29.73
N VAL C 221 1.35 -1.62 30.79
CA VAL C 221 0.85 -2.36 31.94
C VAL C 221 1.72 -2.01 33.13
N SER C 222 1.13 -2.04 34.33
CA SER C 222 1.85 -1.75 35.56
C SER C 222 1.67 -2.91 36.53
N VAL C 223 2.79 -3.40 37.04
CA VAL C 223 2.81 -4.57 37.92
C VAL C 223 3.79 -4.35 39.07
N PRO C 224 3.51 -4.84 40.27
CA PRO C 224 4.49 -4.71 41.35
C PRO C 224 5.75 -5.48 41.02
N GLU C 225 6.87 -5.03 41.60
CA GLU C 225 8.16 -5.61 41.27
C GLU C 225 8.29 -7.06 41.73
N ASN C 226 7.61 -7.43 42.80
CA ASN C 226 7.72 -8.75 43.39
C ASN C 226 6.80 -9.80 42.76
N VAL C 227 6.24 -9.54 41.58
CA VAL C 227 5.33 -10.52 40.99
C VAL C 227 6.09 -11.80 40.69
N PRO C 228 5.54 -12.99 40.97
CA PRO C 228 6.30 -14.23 40.77
C PRO C 228 6.63 -14.48 39.30
N LEU C 229 7.59 -15.38 39.09
CA LEU C 229 8.04 -15.72 37.75
C LEU C 229 6.95 -16.40 36.95
N GLY C 230 6.84 -16.04 35.67
CA GLY C 230 5.87 -16.65 34.80
C GLY C 230 4.45 -16.17 34.97
N THR C 231 4.25 -14.97 35.53
CA THR C 231 2.92 -14.43 35.66
C THR C 231 2.52 -13.73 34.37
N ARG C 232 1.35 -14.10 33.83
CA ARG C 232 0.86 -13.50 32.60
C ARG C 232 0.74 -12.00 32.77
N LEU C 233 1.61 -11.25 32.10
CA LEU C 233 1.57 -9.80 32.24
C LEU C 233 0.48 -9.20 31.37
N LEU C 234 0.34 -9.69 30.14
CA LEU C 234 -0.64 -9.13 29.22
C LEU C 234 -0.80 -10.14 28.09
N LYS C 235 -1.74 -9.85 27.20
CA LYS C 235 -1.93 -10.66 25.99
C LYS C 235 -2.09 -9.73 24.81
N VAL C 236 -1.20 -9.85 23.84
CA VAL C 236 -1.26 -9.02 22.65
C VAL C 236 -2.12 -9.73 21.62
N ASN C 237 -2.59 -8.96 20.63
CA ASN C 237 -3.53 -9.49 19.65
C ASN C 237 -3.27 -8.80 18.33
N ALA C 238 -3.00 -9.58 17.29
CA ALA C 238 -2.73 -9.07 15.95
C ALA C 238 -3.55 -9.86 14.96
N THR C 239 -4.22 -9.17 14.04
CA THR C 239 -5.11 -9.79 13.08
C THR C 239 -4.56 -9.67 11.67
N ASP C 240 -4.89 -10.65 10.83
CA ASP C 240 -4.48 -10.67 9.43
C ASP C 240 -5.67 -11.12 8.59
N PRO C 241 -6.12 -10.29 7.63
CA PRO C 241 -7.33 -10.64 6.87
C PRO C 241 -7.12 -11.63 5.74
N ASP C 242 -5.88 -12.02 5.44
CA ASP C 242 -5.65 -12.97 4.36
C ASP C 242 -6.21 -14.34 4.73
N GLU C 243 -6.17 -15.25 3.76
CA GLU C 243 -6.83 -16.54 3.88
C GLU C 243 -5.84 -17.63 4.26
N GLY C 244 -6.21 -18.45 5.23
CA GLY C 244 -5.45 -19.65 5.52
C GLY C 244 -4.10 -19.33 6.15
N ALA C 245 -3.05 -19.95 5.61
CA ALA C 245 -1.71 -19.75 6.17
C ALA C 245 -1.24 -18.32 6.04
N ASN C 246 -1.77 -17.59 5.06
CA ASN C 246 -1.43 -16.18 4.89
C ASN C 246 -2.08 -15.29 5.95
N GLY C 247 -3.00 -15.83 6.74
CA GLY C 247 -3.73 -15.05 7.72
C GLY C 247 -3.59 -15.59 9.12
N ARG C 248 -2.63 -16.49 9.34
CA ARG C 248 -2.35 -17.04 10.65
C ARG C 248 -1.11 -16.34 11.21
N VAL C 249 -1.24 -15.77 12.40
CA VAL C 249 -0.23 -14.88 12.96
C VAL C 249 0.59 -15.63 14.00
N THR C 250 1.87 -15.26 14.08
CA THR C 250 2.78 -15.76 15.10
C THR C 250 3.58 -14.59 15.62
N TYR C 251 3.71 -14.50 16.94
CA TYR C 251 4.38 -13.38 17.59
C TYR C 251 5.81 -13.77 17.96
N SER C 252 6.67 -12.77 18.03
CA SER C 252 8.06 -12.97 18.41
C SER C 252 8.65 -11.65 18.85
N PHE C 253 9.81 -11.71 19.49
CA PHE C 253 10.52 -10.52 19.93
C PHE C 253 11.39 -9.99 18.79
N HIS C 254 11.33 -8.69 18.56
CA HIS C 254 12.28 -8.07 17.64
C HIS C 254 13.66 -8.06 18.29
N LYS C 255 14.64 -8.66 17.62
CA LYS C 255 16.00 -8.81 18.15
C LYS C 255 16.70 -7.46 18.13
N VAL C 256 16.62 -6.72 19.23
CA VAL C 256 17.34 -5.46 19.40
C VAL C 256 18.24 -5.57 20.62
N ASP C 257 17.65 -5.34 21.79
CA ASP C 257 18.35 -5.41 23.07
C ASP C 257 17.97 -6.72 23.77
N HIS C 258 18.93 -7.64 23.85
CA HIS C 258 18.70 -8.93 24.49
C HIS C 258 18.76 -8.86 26.01
N SER C 259 19.37 -7.81 26.57
CA SER C 259 19.37 -7.65 28.02
C SER C 259 17.97 -7.38 28.56
N VAL C 260 17.06 -6.88 27.74
CA VAL C 260 15.67 -6.71 28.14
C VAL C 260 14.83 -7.90 27.71
N VAL C 261 15.09 -8.45 26.53
CA VAL C 261 14.30 -9.56 26.01
C VAL C 261 14.49 -10.81 26.88
N ARG C 262 15.71 -11.02 27.36
CA ARG C 262 16.02 -12.21 28.15
C ARG C 262 15.19 -12.28 29.45
N LYS C 263 14.65 -11.16 29.90
CA LYS C 263 13.85 -11.12 31.11
C LYS C 263 12.36 -11.41 30.88
N PHE C 264 11.96 -11.79 29.67
CA PHE C 264 10.55 -11.94 29.37
C PHE C 264 10.31 -13.17 28.51
N GLN C 265 9.02 -13.49 28.33
CA GLN C 265 8.58 -14.66 27.58
C GLN C 265 7.29 -14.30 26.85
N LEU C 266 7.27 -14.46 25.53
CA LEU C 266 6.11 -14.16 24.70
C LEU C 266 5.68 -15.41 23.94
N ASP C 267 4.49 -15.89 24.23
CA ASP C 267 3.96 -17.05 23.52
C ASP C 267 3.75 -16.71 22.05
N ALA C 268 4.27 -17.57 21.17
CA ALA C 268 4.22 -17.28 19.75
C ALA C 268 2.80 -17.39 19.20
N TYR C 269 1.99 -18.28 19.75
CA TYR C 269 0.64 -18.54 19.23
C TYR C 269 -0.44 -17.75 19.95
N THR C 270 -0.46 -17.80 21.28
CA THR C 270 -1.50 -17.08 22.03
C THR C 270 -1.13 -15.63 22.25
N GLY C 271 0.14 -15.26 22.11
CA GLY C 271 0.52 -13.87 22.29
C GLY C 271 0.52 -13.41 23.73
N GLU C 272 0.63 -14.32 24.68
CA GLU C 272 0.58 -13.97 26.09
C GLU C 272 1.98 -13.64 26.58
N LEU C 273 2.18 -12.39 26.98
CA LEU C 273 3.45 -11.92 27.51
C LEU C 273 3.49 -12.10 29.02
N SER C 274 4.52 -12.78 29.50
CA SER C 274 4.75 -13.01 30.91
C SER C 274 6.23 -12.78 31.22
N ASN C 275 6.55 -12.72 32.51
CA ASN C 275 7.91 -12.47 32.97
C ASN C 275 8.67 -13.77 33.14
N LYS C 276 9.96 -13.74 32.80
CA LYS C 276 10.80 -14.93 32.96
C LYS C 276 11.77 -14.84 34.13
N GLU C 277 12.19 -13.65 34.51
CA GLU C 277 13.10 -13.43 35.62
C GLU C 277 12.59 -12.28 36.49
N PRO C 278 13.08 -12.19 37.74
CA PRO C 278 12.53 -11.19 38.67
C PRO C 278 12.65 -9.76 38.15
N LEU C 279 11.72 -8.91 38.62
CA LEU C 279 11.61 -7.52 38.22
C LEU C 279 11.98 -6.65 39.42
N ASP C 280 13.10 -5.92 39.32
CA ASP C 280 13.50 -5.02 40.38
C ASP C 280 13.31 -3.59 39.88
N PHE C 281 12.47 -2.83 40.58
CA PHE C 281 12.19 -1.45 40.18
C PHE C 281 13.39 -0.53 40.29
N GLU C 282 14.28 -0.79 41.26
CA GLU C 282 15.39 0.12 41.52
C GLU C 282 16.36 0.17 40.35
N GLU C 283 16.43 -0.89 39.55
CA GLU C 283 17.35 -0.95 38.42
C GLU C 283 16.69 -0.46 37.13
N TYR C 284 15.49 -0.93 36.85
CA TYR C 284 14.71 -0.55 35.67
C TYR C 284 13.33 -0.16 36.14
N LYS C 285 12.93 1.08 35.89
CA LYS C 285 11.58 1.52 36.23
C LYS C 285 10.55 0.96 35.27
N VAL C 286 10.82 1.04 33.96
CA VAL C 286 9.94 0.48 32.94
C VAL C 286 10.73 -0.53 32.12
N TYR C 287 10.01 -1.28 31.29
CA TYR C 287 10.62 -2.29 30.42
C TYR C 287 10.08 -2.14 29.00
N PRO C 288 10.80 -1.46 28.11
CA PRO C 288 10.38 -1.34 26.71
C PRO C 288 10.94 -2.45 25.83
N MET C 289 10.08 -2.98 24.96
CA MET C 289 10.48 -4.04 24.05
C MET C 289 9.72 -3.90 22.73
N GLU C 290 10.36 -4.34 21.66
CA GLU C 290 9.76 -4.34 20.33
C GLU C 290 9.33 -5.75 19.95
N ILE C 291 8.06 -5.89 19.59
CA ILE C 291 7.50 -7.18 19.22
C ILE C 291 7.07 -7.16 17.76
N GLN C 292 7.02 -8.34 17.16
CA GLN C 292 6.83 -8.55 15.74
C GLN C 292 5.79 -9.64 15.52
N ALA C 293 4.87 -9.40 14.60
CA ALA C 293 3.87 -10.40 14.24
C ALA C 293 4.05 -10.76 12.77
N GLN C 294 4.31 -12.05 12.51
CA GLN C 294 4.53 -12.54 11.17
C GLN C 294 3.43 -13.54 10.81
N ASP C 295 2.87 -13.39 9.61
CA ASP C 295 1.93 -14.39 9.13
C ASP C 295 2.70 -15.58 8.55
N GLY C 296 2.13 -16.25 7.56
CA GLY C 296 2.77 -17.38 6.95
C GLY C 296 3.48 -17.08 5.65
N ALA C 297 3.44 -15.84 5.18
CA ALA C 297 3.96 -15.49 3.86
C ALA C 297 4.69 -14.16 3.89
N GLY C 298 5.55 -13.98 4.89
CA GLY C 298 6.53 -12.91 4.87
C GLY C 298 6.07 -11.53 5.23
N LEU C 299 4.79 -11.32 5.49
CA LEU C 299 4.33 -10.02 5.96
C LEU C 299 4.40 -9.97 7.48
N MET C 300 4.56 -8.76 8.01
CA MET C 300 4.84 -8.59 9.43
C MET C 300 4.37 -7.23 9.90
N ALA C 301 4.17 -7.12 11.21
CA ALA C 301 3.80 -5.88 11.87
C ALA C 301 4.64 -5.72 13.13
N ARG C 302 4.70 -4.48 13.62
CA ARG C 302 5.51 -4.14 14.78
C ARG C 302 4.62 -3.56 15.88
N ALA C 303 5.09 -3.69 17.12
CA ALA C 303 4.41 -3.08 18.25
C ALA C 303 5.41 -2.85 19.37
N LYS C 304 5.07 -1.92 20.25
CA LYS C 304 5.91 -1.55 21.38
C LYS C 304 5.21 -1.99 22.66
N VAL C 305 6.00 -2.46 23.64
CA VAL C 305 5.45 -2.92 24.91
C VAL C 305 6.22 -2.29 26.05
N LEU C 306 5.52 -1.56 26.92
CA LEU C 306 6.10 -0.92 28.10
C LEU C 306 5.47 -1.52 29.34
N VAL C 307 6.26 -2.23 30.14
CA VAL C 307 5.81 -2.86 31.38
C VAL C 307 6.39 -2.04 32.53
N THR C 308 5.55 -1.21 33.16
CA THR C 308 6.00 -0.36 34.25
C THR C 308 6.00 -1.14 35.56
N VAL C 309 7.12 -1.07 36.26
CA VAL C 309 7.31 -1.78 37.53
C VAL C 309 6.96 -0.87 38.70
N LEU C 310 6.20 -1.39 39.65
CA LEU C 310 5.92 -0.67 40.88
C LEU C 310 7.04 -0.88 41.91
N ASP C 311 7.13 0.05 42.86
CA ASP C 311 8.10 -0.02 43.95
C ASP C 311 7.39 -0.39 45.25
N VAL C 312 7.99 -1.28 46.03
CA VAL C 312 7.48 -1.73 47.33
C VAL C 312 8.69 -2.09 48.18
N ASN C 313 8.56 -1.94 49.50
CA ASN C 313 9.68 -2.09 50.43
C ASN C 313 10.32 -3.48 50.40
N ASP C 314 11.48 -3.57 49.73
CA ASP C 314 12.27 -4.80 49.70
C ASP C 314 13.72 -4.58 50.07
N ASN C 315 14.16 -3.33 50.23
CA ASN C 315 15.53 -3.00 50.61
C ASN C 315 15.52 -2.35 51.99
N ALA C 316 16.21 -2.97 52.93
CA ALA C 316 16.38 -2.37 54.24
C ALA C 316 17.50 -1.33 54.19
N PRO C 317 17.40 -0.28 55.00
CA PRO C 317 18.50 0.71 55.03
C PRO C 317 19.81 0.07 55.47
N GLU C 318 20.92 0.67 55.04
CA GLU C 318 22.25 0.19 55.38
C GLU C 318 23.00 1.26 56.13
N VAL C 319 23.70 0.86 57.20
CA VAL C 319 24.43 1.77 58.07
C VAL C 319 25.92 1.54 57.89
N GLY C 320 26.64 2.60 57.52
CA GLY C 320 28.08 2.59 57.44
C GLY C 320 28.72 3.45 58.51
N ILE C 321 29.58 2.84 59.33
CA ILE C 321 30.32 3.53 60.36
C ILE C 321 31.47 4.31 59.72
N THR C 322 31.16 5.46 59.12
CA THR C 322 32.17 6.19 58.37
C THR C 322 33.19 6.87 59.27
N SER C 323 32.86 7.12 60.54
CA SER C 323 33.83 7.70 61.47
C SER C 323 33.61 7.13 62.86
N VAL C 324 34.69 6.71 63.50
CA VAL C 324 34.64 6.29 64.90
C VAL C 324 36.01 6.53 65.53
N THR C 325 36.04 7.32 66.59
CA THR C 325 37.20 7.46 67.46
C THR C 325 36.87 6.73 68.75
N ASN C 326 37.38 5.51 68.90
CA ASN C 326 36.95 4.65 70.00
C ASN C 326 37.37 5.18 71.36
N THR C 327 38.58 5.71 71.48
CA THR C 327 39.04 6.17 72.79
C THR C 327 38.25 7.42 73.18
N VAL C 328 37.71 7.40 74.39
CA VAL C 328 36.80 8.45 74.84
C VAL C 328 37.23 8.91 76.24
N PRO C 329 37.43 10.20 76.44
CA PRO C 329 37.86 10.67 77.76
C PRO C 329 36.77 10.49 78.80
N GLU C 330 37.19 10.40 80.05
CA GLU C 330 36.26 10.26 81.16
C GLU C 330 35.50 11.56 81.45
N ASN C 331 36.14 12.72 81.24
CA ASN C 331 35.55 14.01 81.57
C ASN C 331 35.09 14.79 80.33
N PHE C 332 34.65 14.09 79.29
CA PHE C 332 34.21 14.78 78.09
C PHE C 332 32.89 15.49 78.35
N PRO C 333 32.68 16.69 77.78
CA PRO C 333 31.48 17.45 78.11
C PRO C 333 30.29 17.00 77.27
N PRO C 334 29.07 17.31 77.69
CA PRO C 334 27.90 16.96 76.89
C PRO C 334 27.78 17.85 75.66
N GLY C 335 27.46 17.24 74.53
CA GLY C 335 27.36 17.93 73.27
C GLY C 335 28.46 17.64 72.28
N THR C 336 29.33 16.67 72.58
CA THR C 336 30.46 16.32 71.73
C THR C 336 30.15 15.08 70.92
N THR C 337 30.42 15.14 69.62
CA THR C 337 30.18 14.01 68.74
C THR C 337 31.19 12.89 69.01
N ILE C 338 30.70 11.69 69.29
CA ILE C 338 31.56 10.54 69.55
C ILE C 338 31.69 9.65 68.32
N ALA C 339 30.67 9.66 67.45
CA ALA C 339 30.69 8.80 66.28
C ALA C 339 29.74 9.36 65.23
N LEU C 340 30.11 9.18 63.96
CA LEU C 340 29.32 9.63 62.83
C LEU C 340 28.93 8.44 61.96
N ILE C 341 27.63 8.30 61.69
CA ILE C 341 27.11 7.18 60.93
C ILE C 341 26.47 7.68 59.64
N SER C 342 26.54 6.86 58.60
CA SER C 342 25.96 7.17 57.29
C SER C 342 24.97 6.07 56.91
N VAL C 343 23.69 6.38 56.87
CA VAL C 343 22.66 5.40 56.56
C VAL C 343 22.10 5.72 55.17
N HIS C 344 21.62 4.68 54.49
CA HIS C 344 21.15 4.84 53.11
C HIS C 344 20.16 3.74 52.76
N ASP C 345 18.95 4.12 52.36
CA ASP C 345 17.92 3.20 51.90
C ASP C 345 17.68 3.38 50.40
N GLN C 346 17.62 2.27 49.67
CA GLN C 346 17.40 2.31 48.23
C GLN C 346 15.94 2.46 47.83
N ASP C 347 15.01 2.50 48.78
CA ASP C 347 13.61 2.57 48.40
C ASP C 347 13.15 4.02 48.36
N ALA C 348 11.95 4.22 47.87
CA ALA C 348 11.40 5.55 47.74
C ALA C 348 10.06 5.65 48.44
N ASP C 349 9.52 6.86 48.43
CA ASP C 349 8.23 7.17 49.06
C ASP C 349 8.35 6.89 50.56
N ASN C 350 7.25 6.50 51.21
CA ASN C 350 7.28 6.20 52.63
C ASN C 350 8.12 4.98 52.96
N ASN C 351 8.45 4.15 51.97
CA ASN C 351 9.31 3.00 52.18
C ASN C 351 10.79 3.34 52.19
N GLY C 352 11.15 4.61 52.09
CA GLY C 352 12.55 5.00 51.96
C GLY C 352 13.02 6.01 52.98
N HIS C 353 12.14 6.43 53.88
CA HIS C 353 12.53 7.35 54.95
C HIS C 353 13.11 6.56 56.11
N ILE C 354 14.13 7.13 56.75
CA ILE C 354 14.90 6.43 57.77
C ILE C 354 14.72 7.14 59.10
N THR C 355 14.29 6.39 60.11
CA THR C 355 14.17 6.86 61.47
C THR C 355 15.19 6.14 62.34
N CYS C 356 15.63 6.80 63.40
CA CYS C 356 16.70 6.30 64.25
C CYS C 356 16.18 5.95 65.63
N SER C 357 16.64 4.80 66.15
CA SER C 357 16.24 4.32 67.45
C SER C 357 17.47 3.93 68.26
N ILE C 358 17.54 4.43 69.48
CA ILE C 358 18.61 4.12 70.42
C ILE C 358 18.02 3.96 71.80
N PRO C 359 18.68 3.19 72.68
CA PRO C 359 18.15 3.05 74.04
C PRO C 359 18.10 4.40 74.74
N GLY C 360 16.92 4.72 75.28
CA GLY C 360 16.70 6.01 75.91
C GLY C 360 17.20 6.12 77.33
N ASN C 361 17.59 5.00 77.93
CA ASN C 361 18.09 5.01 79.30
C ASN C 361 19.48 5.63 79.36
N LEU C 362 20.36 5.24 78.45
CA LEU C 362 21.73 5.71 78.46
C LEU C 362 21.80 7.21 78.17
N PRO C 363 22.82 7.89 78.69
CA PRO C 363 22.92 9.34 78.46
C PRO C 363 23.08 9.68 76.99
N PHE C 364 23.76 8.81 76.24
CA PHE C 364 24.00 9.09 74.82
C PHE C 364 22.68 9.27 74.09
N LYS C 365 22.68 10.19 73.13
CA LYS C 365 21.50 10.44 72.32
C LYS C 365 21.95 10.65 70.89
N LEU C 366 21.02 10.42 69.97
CA LEU C 366 21.28 10.59 68.55
C LEU C 366 20.57 11.85 68.09
N GLU C 367 21.29 12.71 67.38
CA GLU C 367 20.67 13.91 66.83
C GLU C 367 20.69 13.82 65.31
N LYS C 368 19.61 14.28 64.69
CA LYS C 368 19.51 14.24 63.25
C LYS C 368 20.28 15.41 62.65
N LEU C 369 21.06 15.11 61.62
CA LEU C 369 21.74 16.15 60.85
C LEU C 369 21.23 16.19 59.42
N VAL C 370 22.03 16.78 58.53
CA VAL C 370 21.64 16.94 57.14
C VAL C 370 21.42 15.59 56.48
N ASP C 371 20.38 15.51 55.64
CA ASP C 371 20.10 14.36 54.79
C ASP C 371 19.97 13.07 55.60
N ASN C 372 20.94 12.18 55.43
CA ASN C 372 20.91 10.85 56.02
C ASN C 372 21.98 10.64 57.07
N TYR C 373 22.74 11.67 57.41
CA TYR C 373 23.80 11.56 58.40
C TYR C 373 23.23 11.84 59.79
N TYR C 374 23.66 11.05 60.76
CA TYR C 374 23.17 11.12 62.13
C TYR C 374 24.36 11.20 63.08
N ARG C 375 24.23 12.05 64.09
CA ARG C 375 25.32 12.37 65.00
C ARG C 375 25.09 11.72 66.36
N LEU C 376 26.09 10.98 66.84
CA LEU C 376 26.03 10.32 68.15
C LEU C 376 26.59 11.30 69.16
N VAL C 377 25.70 11.98 69.87
CA VAL C 377 26.07 13.04 70.81
C VAL C 377 25.86 12.57 72.24
N THR C 378 26.64 13.15 73.15
CA THR C 378 26.53 12.90 74.57
C THR C 378 25.61 13.94 75.21
N GLU C 379 24.88 13.52 76.25
CA GLU C 379 23.99 14.45 76.95
C GLU C 379 24.32 14.61 78.42
N ARG C 380 24.86 13.58 79.06
CA ARG C 380 25.30 13.66 80.45
C ARG C 380 26.57 12.84 80.61
N THR C 381 27.11 12.83 81.81
CA THR C 381 28.33 12.07 82.09
C THR C 381 27.98 10.85 82.94
N LEU C 382 28.63 9.73 82.65
CA LEU C 382 28.49 8.49 83.41
C LEU C 382 29.82 8.15 84.05
N ASP C 383 29.76 7.42 85.16
CA ASP C 383 30.96 7.10 85.93
C ASP C 383 31.82 6.07 85.21
N ARG C 384 33.13 6.28 85.31
CA ARG C 384 34.09 5.31 84.78
C ARG C 384 34.04 4.00 85.57
N GLU C 385 33.74 4.08 86.86
CA GLU C 385 33.67 2.89 87.71
C GLU C 385 32.34 2.16 87.56
N GLN C 386 31.22 2.89 87.50
CA GLN C 386 29.93 2.22 87.42
C GLN C 386 29.83 1.38 86.16
N SER C 387 30.34 1.92 85.05
CA SER C 387 30.39 1.20 83.78
C SER C 387 31.68 1.65 83.10
N SER C 388 32.60 0.72 82.91
CA SER C 388 33.89 1.03 82.28
C SER C 388 33.80 0.93 80.77
N ARG C 389 33.01 -0.01 80.26
CA ARG C 389 32.80 -0.19 78.84
C ARG C 389 31.31 -0.06 78.55
N HIS C 390 30.98 0.49 77.39
CA HIS C 390 29.60 0.77 77.00
C HIS C 390 29.36 0.21 75.61
N ASN C 391 28.29 -0.56 75.48
CA ASN C 391 27.89 -1.21 74.24
C ASN C 391 26.59 -0.60 73.72
N ILE C 392 26.70 0.30 72.74
CA ILE C 392 25.55 1.01 72.21
C ILE C 392 25.08 0.30 70.94
N THR C 393 23.76 0.20 70.77
CA THR C 393 23.16 -0.44 69.60
C THR C 393 22.18 0.54 68.95
N ILE C 394 22.56 1.10 67.80
CA ILE C 394 21.70 2.01 67.05
C ILE C 394 20.98 1.23 65.96
N THR C 395 19.66 1.38 65.88
CA THR C 395 18.82 0.66 64.92
C THR C 395 18.11 1.67 64.01
N ALA C 396 18.31 1.51 62.70
CA ALA C 396 17.69 2.38 61.70
C ALA C 396 16.52 1.64 61.05
N THR C 397 15.33 2.24 61.12
CA THR C 397 14.10 1.62 60.64
C THR C 397 13.47 2.47 59.55
N ASP C 398 12.96 1.83 58.49
CA ASP C 398 12.16 2.59 57.55
C ASP C 398 10.68 2.49 57.94
N GLN C 399 9.89 3.44 57.48
CA GLN C 399 8.54 3.65 58.01
C GLN C 399 7.44 3.09 57.13
N GLY C 400 7.76 2.32 56.09
CA GLY C 400 6.76 1.77 55.21
C GLY C 400 6.49 0.32 55.55
N THR C 401 5.23 0.01 55.83
CA THR C 401 4.83 -1.34 56.24
C THR C 401 4.81 -2.32 55.07
N PRO C 402 5.41 -3.51 55.27
CA PRO C 402 6.10 -3.90 56.50
C PRO C 402 7.48 -3.28 56.63
N PRO C 403 7.75 -2.65 57.77
CA PRO C 403 9.02 -1.92 57.93
C PRO C 403 10.22 -2.84 57.94
N LEU C 404 11.32 -2.37 57.34
CA LEU C 404 12.59 -3.08 57.34
C LEU C 404 13.59 -2.28 58.14
N SER C 405 14.34 -2.95 59.00
CA SER C 405 15.25 -2.29 59.93
C SER C 405 16.60 -2.97 59.94
N THR C 406 17.65 -2.18 60.14
CA THR C 406 19.01 -2.68 60.25
C THR C 406 19.66 -2.10 61.50
N GLN C 407 20.28 -2.96 62.30
CA GLN C 407 20.89 -2.55 63.57
C GLN C 407 22.40 -2.68 63.49
N ALA C 408 23.11 -1.75 64.14
CA ALA C 408 24.56 -1.79 64.26
C ALA C 408 24.95 -1.53 65.70
N HIS C 409 25.93 -2.29 66.19
CA HIS C 409 26.39 -2.20 67.57
C HIS C 409 27.83 -1.74 67.62
N ILE C 410 28.09 -0.70 68.41
CA ILE C 410 29.43 -0.14 68.60
C ILE C 410 29.80 -0.26 70.07
N SER C 411 31.01 -0.74 70.34
CA SER C 411 31.54 -0.88 71.69
C SER C 411 32.63 0.16 71.93
N LEU C 412 32.53 0.89 73.05
CA LEU C 412 33.49 1.93 73.37
C LEU C 412 33.85 1.84 74.85
N LEU C 413 34.96 2.46 75.23
CA LEU C 413 35.45 2.39 76.59
C LEU C 413 35.93 3.76 77.06
N VAL C 414 36.20 3.84 78.36
CA VAL C 414 36.55 5.08 79.03
C VAL C 414 38.02 5.05 79.42
N THR C 415 38.65 6.21 79.44
CA THR C 415 40.09 6.32 79.63
C THR C 415 40.41 7.31 80.75
N ASP C 416 41.61 7.13 81.32
CA ASP C 416 42.24 8.14 82.16
C ASP C 416 43.20 9.01 81.35
N ILE C 417 44.04 8.38 80.54
CA ILE C 417 44.87 9.06 79.54
C ILE C 417 44.55 8.43 78.19
N ASN C 418 44.17 9.26 77.23
CA ASN C 418 43.71 8.79 75.92
C ASN C 418 44.46 9.50 74.80
N ASP C 419 44.71 8.76 73.72
CA ASP C 419 45.32 9.30 72.51
C ASP C 419 46.62 10.05 72.80
N ASN D 2 45.74 11.31 49.66
CA ASN D 2 45.14 10.76 48.48
C ASN D 2 45.92 11.11 47.22
N ILE D 3 46.59 10.13 46.62
CA ILE D 3 47.40 10.33 45.42
C ILE D 3 46.71 9.71 44.21
N ARG D 4 46.71 10.43 43.10
CA ARG D 4 46.04 9.98 41.88
C ARG D 4 47.05 9.64 40.80
N TYR D 5 47.04 8.38 40.38
CA TYR D 5 47.89 7.95 39.29
C TYR D 5 46.99 7.53 38.15
N SER D 6 47.61 7.26 37.00
CA SER D 6 46.86 6.87 35.81
C SER D 6 47.65 5.83 35.03
N VAL D 7 47.05 4.66 34.83
CA VAL D 7 47.69 3.60 34.06
C VAL D 7 46.68 3.01 33.09
N PRO D 8 47.05 2.75 31.84
CA PRO D 8 46.12 2.11 30.91
C PRO D 8 45.83 0.68 31.32
N GLU D 9 44.75 0.14 30.78
CA GLU D 9 44.39 -1.23 31.06
C GLU D 9 45.19 -2.20 30.20
N GLU D 10 45.16 -3.46 30.60
CA GLU D 10 45.77 -4.56 29.84
C GLU D 10 47.27 -4.37 29.65
N THR D 11 47.93 -3.84 30.66
CA THR D 11 49.38 -3.69 30.57
C THR D 11 50.05 -5.03 30.87
N ASP D 12 51.21 -5.25 30.24
CA ASP D 12 51.96 -6.46 30.51
C ASP D 12 52.51 -6.46 31.93
N LYS D 13 52.75 -7.66 32.45
CA LYS D 13 53.17 -7.83 33.83
C LYS D 13 54.52 -7.16 34.07
N GLY D 14 54.59 -6.35 35.13
CA GLY D 14 55.77 -5.61 35.49
C GLY D 14 55.86 -4.21 34.94
N SER D 15 54.76 -3.70 34.37
CA SER D 15 54.76 -2.36 33.79
C SER D 15 54.61 -1.30 34.88
N PHE D 16 55.26 -0.16 34.64
CA PHE D 16 55.36 0.91 35.63
C PHE D 16 54.05 1.67 35.81
N VAL D 17 53.72 1.99 37.06
CA VAL D 17 52.56 2.81 37.39
C VAL D 17 53.00 4.16 37.93
N GLY D 18 53.64 4.16 39.09
CA GLY D 18 54.15 5.40 39.66
C GLY D 18 55.22 5.13 40.69
N SER D 19 56.13 6.10 40.85
CA SER D 19 57.20 6.00 41.83
C SER D 19 56.77 6.65 43.13
N ILE D 20 56.56 5.84 44.17
CA ILE D 20 56.22 6.38 45.48
C ILE D 20 57.41 7.10 46.09
N ALA D 21 58.64 6.62 45.82
CA ALA D 21 59.82 7.29 46.34
C ALA D 21 59.88 8.74 45.89
N LYS D 22 59.49 9.01 44.65
CA LYS D 22 59.53 10.38 44.15
C LYS D 22 58.45 11.25 44.77
N ASP D 23 57.25 10.70 44.97
CA ASP D 23 56.13 11.48 45.47
C ASP D 23 56.16 11.68 46.98
N LEU D 24 56.80 10.80 47.75
CA LEU D 24 56.91 10.99 49.19
C LEU D 24 58.20 11.70 49.62
N GLY D 25 59.11 12.00 48.71
CA GLY D 25 60.37 12.61 49.08
C GLY D 25 61.40 11.71 49.73
N LEU D 26 61.29 10.41 49.57
CA LEU D 26 62.20 9.46 50.21
C LEU D 26 63.25 8.96 49.23
N GLU D 27 64.48 8.81 49.72
CA GLU D 27 65.56 8.21 48.95
C GLU D 27 65.46 6.69 49.00
N THR D 28 66.53 5.99 48.62
CA THR D 28 66.53 4.53 48.74
C THR D 28 66.60 4.07 50.19
N ARG D 29 67.51 4.65 50.98
CA ARG D 29 67.72 4.20 52.36
C ARG D 29 66.48 4.43 53.22
N GLU D 30 66.02 5.68 53.28
CA GLU D 30 64.91 6.01 54.17
C GLU D 30 63.62 5.30 53.78
N LEU D 31 63.36 5.22 52.46
CA LEU D 31 62.17 4.53 51.98
C LEU D 31 62.20 3.04 52.32
N MET D 32 63.37 2.40 52.19
CA MET D 32 63.46 0.98 52.50
C MET D 32 63.34 0.71 53.99
N GLU D 33 63.94 1.57 54.82
CA GLU D 33 63.93 1.32 56.27
C GLU D 33 62.54 1.48 56.88
N ARG D 34 61.75 2.45 56.41
CA ARG D 34 60.44 2.70 57.00
C ARG D 34 59.49 1.50 56.93
N GLY D 35 59.72 0.58 56.00
CA GLY D 35 58.86 -0.58 55.87
C GLY D 35 57.49 -0.33 55.26
N ILE D 36 57.48 0.27 54.08
CA ILE D 36 56.24 0.55 53.37
C ILE D 36 55.67 -0.75 52.80
N ARG D 37 54.35 -0.94 52.92
CA ARG D 37 53.74 -2.14 52.37
C ARG D 37 52.30 -1.86 51.98
N ILE D 38 51.82 -2.61 50.97
CA ILE D 38 50.47 -2.44 50.44
C ILE D 38 49.48 -3.29 51.23
N VAL D 39 48.36 -2.69 51.63
CA VAL D 39 47.25 -3.42 52.24
C VAL D 39 46.49 -4.12 51.13
N SER D 40 46.38 -5.44 51.23
CA SER D 40 45.84 -6.19 50.11
C SER D 40 44.64 -7.08 50.43
N ARG D 41 43.81 -7.26 49.42
CA ARG D 41 42.72 -8.20 49.33
C ARG D 41 42.91 -8.78 47.93
N GLY D 42 42.23 -9.87 47.59
CA GLY D 42 42.40 -10.42 46.24
C GLY D 42 42.39 -9.34 45.18
N ARG D 43 41.45 -8.39 45.30
CA ARG D 43 41.37 -7.28 44.34
C ARG D 43 42.63 -6.42 44.34
N SER D 44 43.20 -6.18 45.51
CA SER D 44 44.43 -5.41 45.63
C SER D 44 45.70 -6.16 45.22
N GLN D 45 45.60 -7.44 44.83
CA GLN D 45 46.78 -8.17 44.39
C GLN D 45 47.39 -7.64 43.10
N LEU D 46 46.65 -6.87 42.30
CA LEU D 46 47.21 -6.37 41.04
C LEU D 46 48.30 -5.34 41.21
N PHE D 47 48.31 -4.62 42.32
CA PHE D 47 49.35 -3.62 42.49
C PHE D 47 50.44 -4.19 43.38
N SER D 48 51.68 -3.92 42.99
CA SER D 48 52.82 -4.44 43.73
C SER D 48 53.80 -3.32 44.02
N LEU D 49 54.15 -3.20 45.30
CA LEU D 49 55.14 -2.24 45.74
C LEU D 49 56.38 -3.03 46.14
N ASN D 50 57.51 -2.72 45.53
CA ASN D 50 58.76 -3.33 45.97
C ASN D 50 59.48 -2.39 46.91
N PRO D 51 59.87 -2.88 48.08
CA PRO D 51 60.25 -2.01 49.18
C PRO D 51 61.61 -1.34 49.07
N ARG D 52 62.45 -1.64 48.07
CA ARG D 52 63.77 -0.99 48.02
C ARG D 52 63.86 0.09 46.94
N SER D 53 63.32 -0.17 45.75
CA SER D 53 63.28 0.84 44.70
C SER D 53 62.14 1.82 44.88
N GLY D 54 61.10 1.46 45.63
CA GLY D 54 60.00 2.39 45.83
C GLY D 54 59.06 2.60 44.66
N SER D 55 58.98 1.65 43.73
CA SER D 55 58.19 1.82 42.52
C SER D 55 56.93 0.98 42.61
N LEU D 56 55.78 1.66 42.74
CA LEU D 56 54.47 1.04 42.62
C LEU D 56 54.22 0.64 41.17
N VAL D 57 54.23 -0.67 40.91
CA VAL D 57 54.02 -1.19 39.56
C VAL D 57 52.80 -2.11 39.54
N THR D 58 52.49 -2.65 38.37
CA THR D 58 51.40 -3.61 38.21
C THR D 58 51.87 -5.01 38.60
N ALA D 59 50.95 -5.84 39.10
CA ALA D 59 51.30 -7.22 39.41
C ALA D 59 50.61 -8.26 38.52
N GLY D 60 49.62 -7.86 37.74
CA GLY D 60 48.90 -8.79 36.88
C GLY D 60 48.04 -8.08 35.85
N ARG D 61 47.02 -8.81 35.37
CA ARG D 61 46.11 -8.28 34.36
C ARG D 61 45.08 -7.34 34.98
N ILE D 62 45.05 -6.09 34.48
CA ILE D 62 44.06 -5.09 34.88
C ILE D 62 43.07 -4.91 33.74
N ASP D 63 42.03 -5.75 33.73
CA ASP D 63 41.00 -5.68 32.69
C ASP D 63 39.86 -4.81 33.21
N ARG D 64 39.77 -3.58 32.68
CA ARG D 64 38.80 -2.61 33.17
C ARG D 64 37.38 -3.08 32.93
N GLU D 65 37.16 -3.89 31.89
CA GLU D 65 35.84 -4.46 31.66
C GLU D 65 35.45 -5.44 32.75
N GLU D 66 36.43 -6.17 33.32
CA GLU D 66 36.13 -7.02 34.47
C GLU D 66 35.97 -6.21 35.74
N LEU D 67 36.69 -5.09 35.87
CA LEU D 67 36.66 -4.30 37.09
C LEU D 67 35.43 -3.39 37.12
N CYS D 68 35.38 -2.39 36.24
CA CYS D 68 34.33 -1.38 36.28
C CYS D 68 33.29 -1.58 35.19
N ALA D 69 33.44 -2.61 34.35
CA ALA D 69 32.50 -2.90 33.26
C ALA D 69 32.37 -1.69 32.32
N GLN D 70 31.33 -0.88 32.52
CA GLN D 70 31.04 0.23 31.61
C GLN D 70 31.07 1.59 32.30
N SER D 71 31.52 1.66 33.56
CA SER D 71 31.49 2.92 34.28
C SER D 71 32.71 3.78 33.94
N THR D 72 32.63 5.06 34.31
CA THR D 72 33.67 6.02 34.01
C THR D 72 33.62 7.19 35.00
N PRO D 73 34.77 7.52 35.62
CA PRO D 73 36.06 6.85 35.42
C PRO D 73 36.26 5.62 36.33
N CYS D 74 37.23 4.78 35.98
CA CYS D 74 37.55 3.57 36.74
C CYS D 74 38.79 3.84 37.57
N VAL D 75 38.57 4.13 38.86
CA VAL D 75 39.61 4.47 39.83
C VAL D 75 39.44 3.54 41.03
N VAL D 76 40.51 2.83 41.40
CA VAL D 76 40.52 1.93 42.57
C VAL D 76 41.12 2.63 43.79
N SER D 77 40.47 2.42 44.95
CA SER D 77 40.76 3.01 46.25
C SER D 77 41.43 2.00 47.17
N PHE D 78 42.70 2.25 47.51
CA PHE D 78 43.37 1.37 48.45
C PHE D 78 44.35 2.19 49.26
N ASN D 79 44.69 1.71 50.45
CA ASN D 79 45.60 2.42 51.34
C ASN D 79 46.93 1.68 51.48
N ILE D 80 48.02 2.44 51.47
CA ILE D 80 49.38 1.92 51.65
C ILE D 80 49.78 2.16 53.10
N LEU D 81 50.11 1.08 53.79
CA LEU D 81 50.46 1.14 55.21
C LEU D 81 51.96 1.35 55.37
N MET D 82 52.31 2.45 56.04
CA MET D 82 53.68 2.71 56.47
C MET D 82 53.75 2.29 57.94
N GLU D 83 54.50 1.22 58.19
CA GLU D 83 54.56 0.61 59.52
C GLU D 83 55.29 1.50 60.52
N ASP D 84 56.07 2.46 60.05
CA ASP D 84 56.88 3.30 60.91
C ASP D 84 55.99 4.14 61.83
N GLU D 85 55.27 5.10 61.25
CA GLU D 85 54.34 5.94 62.01
C GLU D 85 52.94 5.34 62.10
N MET D 86 52.76 4.08 61.66
CA MET D 86 51.43 3.45 61.62
C MET D 86 50.47 4.28 60.77
N LYS D 87 50.94 4.73 59.61
CA LYS D 87 50.23 5.71 58.82
C LYS D 87 49.62 5.06 57.58
N LEU D 88 48.33 5.32 57.36
CA LEU D 88 47.66 4.88 56.15
C LEU D 88 47.76 5.98 55.10
N LEU D 89 47.94 5.59 53.84
CA LEU D 89 48.11 6.55 52.75
C LEU D 89 47.15 6.15 51.65
N PRO D 90 46.15 6.96 51.30
CA PRO D 90 45.23 6.48 50.28
C PRO D 90 45.74 6.79 48.87
N ILE D 91 45.91 5.72 48.11
CA ILE D 91 46.32 5.75 46.71
C ILE D 91 45.13 5.33 45.86
N GLU D 92 44.82 6.16 44.88
CA GLU D 92 43.79 5.97 43.88
C GLU D 92 44.47 5.82 42.53
N VAL D 93 44.16 4.75 41.81
CA VAL D 93 44.78 4.55 40.51
C VAL D 93 43.69 4.42 39.47
N GLU D 94 43.69 5.35 38.50
CA GLU D 94 42.70 5.32 37.44
C GLU D 94 43.14 4.40 36.30
N ILE D 95 42.21 3.55 35.86
CA ILE D 95 42.46 2.63 34.77
C ILE D 95 41.95 3.29 33.50
N ILE D 96 42.87 3.72 32.64
CA ILE D 96 42.51 4.36 31.38
C ILE D 96 42.10 3.29 30.38
N ASP D 97 41.04 3.56 29.62
CA ASP D 97 40.51 2.58 28.69
C ASP D 97 41.24 2.66 27.37
N ILE D 98 41.41 1.50 26.73
CA ILE D 98 42.07 1.40 25.44
C ILE D 98 41.13 0.72 24.47
N ASN D 99 41.56 0.57 23.22
CA ASN D 99 40.75 -0.09 22.20
C ASN D 99 41.39 -1.45 21.96
N ASP D 100 40.82 -2.47 22.59
CA ASP D 100 41.26 -3.85 22.44
C ASP D 100 40.10 -4.78 22.13
N ASN D 101 38.94 -4.24 21.80
CA ASN D 101 37.75 -5.02 21.54
C ASN D 101 37.07 -4.53 20.26
N THR D 102 36.49 -5.45 19.56
CA THR D 102 35.69 -5.30 18.36
C THR D 102 34.22 -5.34 18.74
N PRO D 103 33.38 -4.45 18.22
CA PRO D 103 31.94 -4.54 18.53
C PRO D 103 31.41 -5.90 18.13
N GLN D 104 30.78 -6.58 19.07
CA GLN D 104 30.32 -7.95 18.89
C GLN D 104 28.80 -8.00 18.97
N PHE D 105 28.18 -8.55 17.93
CA PHE D 105 26.75 -8.83 17.95
C PHE D 105 26.48 -10.15 18.67
N GLN D 106 25.31 -10.23 19.30
CA GLN D 106 24.91 -11.41 20.06
C GLN D 106 24.49 -12.57 19.16
N LEU D 107 24.75 -12.47 17.86
CA LEU D 107 24.48 -13.54 16.92
C LEU D 107 25.37 -13.33 15.70
N GLU D 108 25.23 -14.20 14.72
CA GLU D 108 26.03 -14.11 13.51
C GLU D 108 25.24 -13.85 12.25
N GLU D 109 24.00 -14.32 12.16
CA GLU D 109 23.18 -14.09 10.97
C GLU D 109 21.73 -13.92 11.39
N LEU D 110 21.15 -12.78 11.03
CA LEU D 110 19.74 -12.49 11.27
C LEU D 110 18.96 -12.78 9.99
N GLU D 111 18.06 -13.76 10.07
CA GLU D 111 17.29 -14.21 8.91
C GLU D 111 15.84 -13.75 9.07
N LEU D 112 15.32 -13.08 8.05
CA LEU D 112 13.98 -12.51 8.09
C LEU D 112 13.25 -12.84 6.80
N LYS D 113 11.92 -12.87 6.89
CA LYS D 113 11.05 -13.14 5.75
C LYS D 113 10.24 -11.89 5.43
N MET D 114 10.37 -11.39 4.21
CA MET D 114 9.68 -10.19 3.78
C MET D 114 9.01 -10.44 2.43
N SER D 115 7.71 -10.17 2.35
CA SER D 115 6.98 -10.32 1.10
C SER D 115 7.46 -9.32 0.05
N GLU D 116 7.30 -9.68 -1.23
CA GLU D 116 7.70 -8.79 -2.30
C GLU D 116 6.75 -7.61 -2.44
N ILE D 117 5.54 -7.70 -1.88
CA ILE D 117 4.56 -6.61 -1.93
C ILE D 117 4.61 -5.76 -0.65
N THR D 118 5.65 -5.92 0.16
CA THR D 118 5.80 -5.12 1.37
C THR D 118 5.84 -3.63 1.04
N THR D 119 4.97 -2.87 1.71
CA THR D 119 4.89 -1.43 1.46
C THR D 119 6.24 -0.79 1.77
N PRO D 120 6.80 -0.01 0.85
CA PRO D 120 8.11 0.61 1.14
C PRO D 120 7.98 1.54 2.32
N GLY D 121 9.06 1.63 3.09
CA GLY D 121 9.05 2.38 4.33
C GLY D 121 8.81 1.54 5.57
N THR D 122 8.59 0.24 5.41
CA THR D 122 8.43 -0.63 6.58
C THR D 122 9.76 -0.75 7.31
N ARG D 123 9.71 -0.69 8.63
CA ARG D 123 10.90 -0.63 9.47
C ARG D 123 11.11 -1.95 10.19
N ILE D 124 12.37 -2.34 10.34
CA ILE D 124 12.73 -3.55 11.10
C ILE D 124 13.88 -3.19 12.02
N PRO D 125 13.68 -3.16 13.33
CA PRO D 125 14.80 -2.89 14.23
C PRO D 125 15.83 -4.01 14.21
N LEU D 126 17.11 -3.63 14.15
CA LEU D 126 18.23 -4.54 13.98
C LEU D 126 18.86 -4.88 15.32
N PRO D 127 19.54 -6.03 15.40
CA PRO D 127 20.20 -6.41 16.65
C PRO D 127 21.27 -5.41 17.05
N LEU D 128 21.31 -5.10 18.35
CA LEU D 128 22.28 -4.15 18.87
C LEU D 128 23.65 -4.81 18.95
N GLY D 129 24.66 -4.09 18.44
CA GLY D 129 26.03 -4.51 18.61
C GLY D 129 26.64 -3.82 19.82
N GLN D 130 27.36 -4.60 20.63
CA GLN D 130 27.89 -4.14 21.91
C GLN D 130 29.41 -4.19 21.86
N ASP D 131 30.03 -3.02 22.00
CA ASP D 131 31.47 -2.92 22.16
C ASP D 131 31.78 -2.87 23.65
N LEU D 132 32.69 -3.73 24.10
CA LEU D 132 32.98 -3.80 25.54
C LEU D 132 33.66 -2.54 26.04
N ASP D 133 34.40 -1.86 25.16
CA ASP D 133 35.09 -0.64 25.55
C ASP D 133 34.08 0.48 25.83
N VAL D 134 34.61 1.60 26.33
CA VAL D 134 33.82 2.79 26.64
C VAL D 134 34.48 3.99 25.99
N GLY D 135 33.81 5.13 26.10
CA GLY D 135 34.38 6.38 25.62
C GLY D 135 34.40 6.44 24.10
N ILE D 136 35.55 6.86 23.55
CA ILE D 136 35.67 6.94 22.09
C ILE D 136 35.94 5.57 21.47
N ASN D 137 36.40 4.60 22.25
CA ASN D 137 36.68 3.26 21.74
C ASN D 137 35.47 2.34 21.85
N SER D 138 34.32 2.86 22.29
CA SER D 138 33.09 2.10 22.34
C SER D 138 32.35 2.26 21.01
N LEU D 139 31.15 1.68 20.94
CA LEU D 139 30.37 1.73 19.70
C LEU D 139 30.09 3.18 19.29
N GLN D 140 30.36 3.48 18.02
CA GLN D 140 30.21 4.84 17.53
C GLN D 140 29.31 4.91 16.30
N SER D 141 29.27 3.86 15.48
CA SER D 141 28.48 3.95 14.27
C SER D 141 28.10 2.58 13.75
N TYR D 142 26.93 2.52 13.12
CA TYR D 142 26.48 1.38 12.34
C TYR D 142 26.58 1.73 10.86
N GLN D 143 26.83 0.72 10.03
CA GLN D 143 26.95 0.90 8.59
C GLN D 143 26.31 -0.29 7.90
N LEU D 144 25.25 -0.03 7.13
CA LEU D 144 24.63 -1.04 6.30
C LEU D 144 25.26 -1.02 4.92
N SER D 145 25.53 -2.21 4.38
CA SER D 145 26.19 -2.31 3.09
C SER D 145 25.31 -1.72 1.98
N ALA D 146 25.97 -1.21 0.94
CA ALA D 146 25.27 -0.55 -0.15
C ALA D 146 24.38 -1.56 -0.87
N ASN D 147 23.13 -1.18 -1.11
CA ASN D 147 22.15 -2.06 -1.75
C ASN D 147 21.00 -1.19 -2.25
N PRO D 148 20.35 -1.58 -3.35
CA PRO D 148 19.31 -0.71 -3.91
C PRO D 148 18.01 -0.69 -3.12
N HIS D 149 17.66 -1.79 -2.45
CA HIS D 149 16.33 -1.92 -1.85
C HIS D 149 16.25 -1.50 -0.38
N PHE D 150 17.37 -1.38 0.33
CA PHE D 150 17.31 -1.16 1.78
C PHE D 150 18.20 0.00 2.19
N SER D 151 17.84 0.61 3.32
CA SER D 151 18.59 1.72 3.91
C SER D 151 18.62 1.57 5.43
N LEU D 152 19.52 2.32 6.06
CA LEU D 152 19.74 2.30 7.51
C LEU D 152 19.31 3.62 8.16
N ASP D 153 18.52 3.55 9.23
CA ASP D 153 18.13 4.72 10.03
C ASP D 153 18.09 4.44 11.52
N VAL D 154 18.76 5.30 12.28
CA VAL D 154 18.84 5.15 13.74
C VAL D 154 18.52 6.42 14.50
N GLN D 155 17.99 6.24 15.70
CA GLN D 155 17.93 7.40 16.58
C GLN D 155 19.31 7.57 17.21
N GLN D 156 19.76 8.82 17.28
CA GLN D 156 21.10 9.16 17.77
C GLN D 156 21.07 9.37 19.27
N GLY D 157 21.94 8.65 19.97
CA GLY D 157 22.09 8.78 21.40
C GLY D 157 23.39 9.47 21.73
N PRO D 158 23.49 10.00 22.96
CA PRO D 158 24.74 10.67 23.36
C PRO D 158 25.93 9.73 23.43
N GLU D 159 25.75 8.54 24.00
CA GLU D 159 26.85 7.60 24.11
C GLU D 159 27.19 6.97 22.77
N GLY D 160 26.21 6.84 21.87
CA GLY D 160 26.44 6.26 20.57
C GLY D 160 25.16 6.05 19.79
N PRO D 161 25.26 5.28 18.70
CA PRO D 161 24.09 5.02 17.86
C PRO D 161 23.09 4.11 18.55
N GLN D 162 21.80 4.47 18.48
CA GLN D 162 20.80 3.71 19.18
C GLN D 162 19.63 3.34 18.27
N GLN D 163 19.08 2.16 18.57
CA GLN D 163 17.91 1.59 17.92
C GLN D 163 18.11 1.53 16.41
N PRO D 164 18.96 0.64 15.90
CA PRO D 164 19.14 0.56 14.45
C PRO D 164 17.91 -0.01 13.77
N GLU D 165 17.58 0.56 12.61
CA GLU D 165 16.38 0.18 11.89
C GLU D 165 16.68 0.05 10.41
N MET D 166 16.08 -0.97 9.79
CA MET D 166 16.18 -1.21 8.36
C MET D 166 14.89 -0.77 7.71
N VAL D 167 15.00 0.14 6.74
CA VAL D 167 13.83 0.72 6.07
C VAL D 167 13.84 0.26 4.62
N LEU D 168 12.67 -0.12 4.12
CA LEU D 168 12.50 -0.60 2.75
C LEU D 168 12.30 0.59 1.80
N GLN D 169 13.20 0.74 0.83
CA GLN D 169 13.10 1.82 -0.14
C GLN D 169 12.41 1.33 -1.41
N ARG D 170 13.15 0.64 -2.27
CA ARG D 170 12.54 0.10 -3.49
C ARG D 170 11.82 -1.20 -3.18
N PRO D 171 10.60 -1.39 -3.66
CA PRO D 171 9.86 -2.63 -3.36
C PRO D 171 10.58 -3.86 -3.86
N LEU D 172 10.46 -4.95 -3.10
CA LEU D 172 11.12 -6.19 -3.47
C LEU D 172 10.42 -6.83 -4.67
N ASP D 173 11.19 -7.62 -5.42
CA ASP D 173 10.67 -8.32 -6.58
C ASP D 173 11.31 -9.71 -6.60
N ARG D 174 10.51 -10.74 -6.33
CA ARG D 174 11.04 -12.09 -6.25
C ARG D 174 11.45 -12.61 -7.63
N GLU D 175 10.80 -12.12 -8.69
CA GLU D 175 11.14 -12.59 -10.03
C GLU D 175 12.50 -12.11 -10.49
N LYS D 176 13.04 -11.04 -9.89
CA LYS D 176 14.38 -10.57 -10.21
C LYS D 176 15.41 -11.05 -9.19
N ASP D 177 15.22 -10.71 -7.92
CA ASP D 177 16.11 -11.13 -6.85
C ASP D 177 15.27 -11.69 -5.71
N ALA D 178 15.47 -12.98 -5.40
CA ALA D 178 14.69 -13.64 -4.38
C ALA D 178 15.34 -13.65 -3.00
N VAL D 179 16.66 -13.50 -2.92
CA VAL D 179 17.38 -13.55 -1.65
C VAL D 179 18.42 -12.44 -1.63
N HIS D 180 18.43 -11.66 -0.55
CA HIS D 180 19.38 -10.57 -0.37
C HIS D 180 20.22 -10.79 0.87
N TYR D 181 21.54 -10.74 0.69
CA TYR D 181 22.51 -10.84 1.77
C TYR D 181 23.03 -9.45 2.11
N LEU D 182 22.90 -9.04 3.37
CA LEU D 182 23.41 -7.77 3.83
C LEU D 182 24.39 -7.99 4.98
N VAL D 183 25.18 -6.94 5.26
CA VAL D 183 26.20 -6.98 6.30
C VAL D 183 26.10 -5.68 7.10
N LEU D 184 25.66 -5.79 8.36
CA LEU D 184 25.58 -4.64 9.25
C LEU D 184 26.86 -4.57 10.06
N THR D 185 27.70 -3.57 9.77
CA THR D 185 29.00 -3.43 10.40
C THR D 185 28.93 -2.37 11.50
N ALA D 186 29.35 -2.76 12.71
CA ALA D 186 29.43 -1.86 13.85
C ALA D 186 30.88 -1.46 14.07
N SER D 187 31.13 -0.16 14.19
CA SER D 187 32.48 0.37 14.30
C SER D 187 32.58 1.34 15.46
N ASP D 188 33.72 1.30 16.15
CA ASP D 188 33.99 2.23 17.24
C ASP D 188 34.66 3.49 16.71
N GLY D 189 35.48 4.15 17.53
CA GLY D 189 36.08 5.40 17.12
C GLY D 189 37.55 5.53 17.44
N GLY D 190 38.24 4.41 17.62
CA GLY D 190 39.65 4.41 17.89
C GLY D 190 40.47 4.60 16.63
N SER D 191 41.76 4.28 16.73
CA SER D 191 42.66 4.33 15.58
C SER D 191 43.74 3.26 15.72
N PRO D 192 43.63 2.18 14.93
CA PRO D 192 42.58 1.94 13.93
C PRO D 192 41.22 1.54 14.51
N ILE D 193 40.21 1.56 13.66
CA ILE D 193 38.84 1.24 14.03
C ILE D 193 38.59 -0.25 13.86
N HIS D 194 37.91 -0.86 14.84
CA HIS D 194 37.53 -2.26 14.77
C HIS D 194 36.07 -2.37 14.35
N SER D 195 35.82 -3.16 13.31
CA SER D 195 34.48 -3.33 12.76
C SER D 195 34.05 -4.78 12.94
N GLY D 196 32.84 -4.96 13.46
CA GLY D 196 32.21 -6.28 13.54
C GLY D 196 31.07 -6.37 12.55
N THR D 197 30.90 -7.54 11.93
CA THR D 197 29.91 -7.72 10.88
C THR D 197 28.79 -8.63 11.37
N LEU D 198 27.57 -8.25 11.03
CA LEU D 198 26.37 -9.02 11.35
C LEU D 198 25.67 -9.37 10.04
N GLN D 199 25.65 -10.64 9.69
CA GLN D 199 24.97 -11.07 8.48
C GLN D 199 23.47 -10.95 8.62
N ILE D 200 22.84 -10.40 7.60
CA ILE D 200 21.38 -10.25 7.53
C ILE D 200 20.92 -10.99 6.29
N HIS D 201 19.98 -11.91 6.46
CA HIS D 201 19.51 -12.77 5.39
C HIS D 201 18.04 -12.45 5.13
N VAL D 202 17.78 -11.63 4.12
CA VAL D 202 16.43 -11.17 3.78
C VAL D 202 15.91 -12.04 2.64
N GLN D 203 14.88 -12.83 2.94
CA GLN D 203 14.21 -13.67 1.94
C GLN D 203 12.98 -12.96 1.40
N VAL D 204 12.77 -13.07 0.10
CA VAL D 204 11.62 -12.44 -0.56
C VAL D 204 10.57 -13.53 -0.77
N VAL D 205 9.37 -13.30 -0.26
CA VAL D 205 8.28 -14.27 -0.33
C VAL D 205 7.49 -14.04 -1.60
N ASP D 206 7.01 -15.13 -2.20
CA ASP D 206 6.35 -15.04 -3.49
C ASP D 206 4.91 -14.61 -3.35
N VAL D 207 4.45 -13.87 -4.35
CA VAL D 207 3.07 -13.42 -4.50
C VAL D 207 2.75 -13.61 -5.97
N ASN D 208 1.61 -14.24 -6.28
CA ASN D 208 1.32 -14.48 -7.68
C ASN D 208 1.01 -13.15 -8.34
N ASP D 209 2.03 -12.50 -8.91
CA ASP D 209 1.89 -11.20 -9.55
C ASP D 209 2.31 -11.27 -11.01
N ASN D 210 2.37 -12.48 -11.56
CA ASN D 210 2.78 -12.68 -12.95
C ASN D 210 1.93 -13.76 -13.59
N PRO D 211 1.14 -13.42 -14.60
CA PRO D 211 0.35 -14.42 -15.30
C PRO D 211 1.19 -15.18 -16.31
N PRO D 212 0.72 -16.31 -16.82
CA PRO D 212 1.50 -17.04 -17.83
C PRO D 212 1.71 -16.19 -19.07
N ALA D 213 2.66 -16.61 -19.89
CA ALA D 213 3.04 -15.86 -21.09
C ALA D 213 3.34 -16.86 -22.20
N PHE D 214 2.52 -16.86 -23.25
CA PHE D 214 2.76 -17.74 -24.37
C PHE D 214 3.99 -17.30 -25.15
N THR D 215 4.57 -18.25 -25.87
CA THR D 215 5.72 -17.96 -26.72
C THR D 215 5.30 -17.30 -28.02
N LYS D 216 4.12 -17.63 -28.52
CA LYS D 216 3.58 -17.05 -29.76
C LYS D 216 2.12 -16.69 -29.54
N ALA D 217 1.70 -15.60 -30.19
CA ALA D 217 0.32 -15.16 -30.05
C ALA D 217 -0.65 -16.04 -30.83
N GLU D 218 -0.21 -16.59 -31.96
CA GLU D 218 -1.04 -17.48 -32.76
C GLU D 218 -0.22 -18.69 -33.18
N TYR D 219 -0.71 -19.87 -32.85
CA TYR D 219 -0.05 -21.13 -33.21
C TYR D 219 -0.79 -21.72 -34.40
N HIS D 220 -0.15 -21.72 -35.56
CA HIS D 220 -0.75 -22.21 -36.78
C HIS D 220 -0.17 -23.56 -37.19
N VAL D 221 -1.01 -24.39 -37.80
CA VAL D 221 -0.56 -25.69 -38.27
C VAL D 221 -1.45 -26.13 -39.42
N SER D 222 -0.87 -26.84 -40.37
CA SER D 222 -1.56 -27.39 -41.53
C SER D 222 -1.25 -28.89 -41.59
N VAL D 223 -2.27 -29.73 -41.66
CA VAL D 223 -2.09 -31.18 -41.61
C VAL D 223 -3.10 -31.79 -42.61
N PRO D 224 -2.83 -32.93 -43.24
CA PRO D 224 -3.79 -33.51 -44.22
C PRO D 224 -5.15 -33.83 -43.63
N GLU D 225 -6.15 -33.88 -44.53
CA GLU D 225 -7.51 -34.17 -44.10
C GLU D 225 -7.61 -35.61 -43.59
N ASN D 226 -6.83 -36.52 -44.16
CA ASN D 226 -6.86 -37.92 -43.77
C ASN D 226 -5.92 -38.23 -42.62
N VAL D 227 -5.44 -37.22 -41.90
CA VAL D 227 -4.48 -37.49 -40.83
C VAL D 227 -5.18 -38.33 -39.76
N PRO D 228 -4.54 -39.36 -39.21
CA PRO D 228 -5.23 -40.22 -38.25
C PRO D 228 -5.58 -39.49 -36.96
N LEU D 229 -6.53 -40.08 -36.22
CA LEU D 229 -6.97 -39.51 -34.97
C LEU D 229 -5.86 -39.59 -33.93
N GLY D 230 -5.72 -38.53 -33.14
CA GLY D 230 -4.71 -38.52 -32.11
C GLY D 230 -3.31 -38.30 -32.62
N THR D 231 -3.17 -37.71 -33.81
CA THR D 231 -1.86 -37.41 -34.36
C THR D 231 -1.38 -36.08 -33.78
N ARG D 232 -0.13 -36.06 -33.32
CA ARG D 232 0.40 -34.85 -32.73
C ARG D 232 0.29 -33.69 -33.70
N LEU D 233 -0.69 -32.81 -33.47
CA LEU D 233 -0.85 -31.66 -34.35
C LEU D 233 0.10 -30.55 -33.98
N LEU D 234 0.28 -30.28 -32.70
CA LEU D 234 1.20 -29.22 -32.25
C LEU D 234 1.44 -29.38 -30.76
N LYS D 235 2.37 -28.58 -30.23
CA LYS D 235 2.62 -28.48 -28.79
C LYS D 235 2.76 -27.01 -28.41
N VAL D 236 1.89 -26.54 -27.52
CA VAL D 236 1.95 -25.17 -27.03
C VAL D 236 2.76 -25.12 -25.75
N ASN D 237 3.24 -23.92 -25.42
CA ASN D 237 4.09 -23.69 -24.26
C ASN D 237 3.92 -22.26 -23.74
N ALA D 238 3.62 -22.14 -22.46
CA ALA D 238 3.46 -20.86 -21.78
C ALA D 238 4.24 -20.90 -20.47
N THR D 239 4.97 -19.82 -20.19
CA THR D 239 5.85 -19.76 -19.02
C THR D 239 5.32 -18.77 -17.98
N ASP D 240 5.65 -19.05 -16.72
CA ASP D 240 5.25 -18.24 -15.58
C ASP D 240 6.46 -18.12 -14.66
N PRO D 241 6.94 -16.90 -14.38
CA PRO D 241 8.17 -16.75 -13.58
C PRO D 241 7.96 -16.92 -12.08
N ASP D 242 6.71 -17.05 -11.62
CA ASP D 242 6.43 -17.21 -10.21
C ASP D 242 6.94 -18.57 -9.72
N GLU D 243 6.81 -18.78 -8.41
CA GLU D 243 7.40 -19.94 -7.75
C GLU D 243 6.34 -21.01 -7.54
N GLY D 244 6.71 -22.26 -7.87
CA GLY D 244 5.87 -23.39 -7.48
C GLY D 244 4.55 -23.38 -8.23
N ALA D 245 3.46 -23.54 -7.47
CA ALA D 245 2.13 -23.58 -8.07
C ALA D 245 1.79 -22.26 -8.76
N ASN D 246 2.37 -21.16 -8.30
CA ASN D 246 2.13 -19.87 -8.94
C ASN D 246 2.87 -19.75 -10.27
N GLY D 247 3.78 -20.66 -10.57
CA GLY D 247 4.56 -20.60 -11.79
C GLY D 247 4.42 -21.85 -12.63
N ARG D 248 3.48 -22.70 -12.26
CA ARG D 248 3.16 -23.91 -13.01
C ARG D 248 1.88 -23.68 -13.80
N VAL D 249 1.94 -23.92 -15.10
CA VAL D 249 0.85 -23.57 -16.01
C VAL D 249 0.05 -24.82 -16.35
N THR D 250 -1.24 -24.61 -16.60
CA THR D 250 -2.13 -25.67 -17.07
C THR D 250 -2.98 -25.10 -18.19
N TYR D 251 -3.10 -25.85 -19.28
CA TYR D 251 -3.80 -25.41 -20.46
C TYR D 251 -5.20 -26.00 -20.52
N SER D 252 -6.09 -25.29 -21.21
CA SER D 252 -7.47 -25.75 -21.39
C SER D 252 -8.06 -24.98 -22.56
N PHE D 253 -9.20 -25.47 -23.05
CA PHE D 253 -9.89 -24.78 -24.13
C PHE D 253 -10.77 -23.67 -23.56
N HIS D 254 -10.69 -22.50 -24.15
CA HIS D 254 -11.64 -21.44 -23.84
C HIS D 254 -12.99 -21.79 -24.46
N LYS D 255 -14.05 -21.76 -23.65
CA LYS D 255 -15.38 -22.15 -24.11
C LYS D 255 -15.89 -21.08 -25.08
N VAL D 256 -15.68 -21.32 -26.38
CA VAL D 256 -16.19 -20.44 -27.41
C VAL D 256 -17.20 -21.21 -28.25
N ASP D 257 -16.71 -21.92 -29.27
CA ASP D 257 -17.54 -22.79 -30.09
C ASP D 257 -17.13 -24.24 -29.80
N HIS D 258 -18.03 -24.97 -29.13
CA HIS D 258 -17.75 -26.36 -28.82
C HIS D 258 -17.97 -27.30 -29.99
N SER D 259 -18.67 -26.85 -31.04
CA SER D 259 -18.78 -27.69 -32.24
C SER D 259 -17.42 -27.85 -32.91
N VAL D 260 -16.49 -26.93 -32.65
CA VAL D 260 -15.12 -27.06 -33.13
C VAL D 260 -14.23 -27.70 -32.06
N VAL D 261 -14.47 -27.36 -30.79
CA VAL D 261 -13.64 -27.88 -29.70
C VAL D 261 -13.84 -29.38 -29.56
N ARG D 262 -15.08 -29.86 -29.75
CA ARG D 262 -15.39 -31.27 -29.59
C ARG D 262 -14.60 -32.15 -30.57
N LYS D 263 -14.08 -31.56 -31.63
CA LYS D 263 -13.30 -32.28 -32.62
C LYS D 263 -11.81 -32.35 -32.26
N PHE D 264 -11.44 -31.93 -31.06
CA PHE D 264 -10.03 -31.85 -30.70
C PHE D 264 -9.80 -32.32 -29.27
N GLN D 265 -8.52 -32.48 -28.94
CA GLN D 265 -8.06 -32.95 -27.64
C GLN D 265 -6.77 -32.23 -27.30
N LEU D 266 -6.74 -31.59 -26.14
CA LEU D 266 -5.58 -30.83 -25.68
C LEU D 266 -5.11 -31.43 -24.37
N ASP D 267 -3.89 -31.97 -24.37
CA ASP D 267 -3.34 -32.54 -23.15
C ASP D 267 -3.15 -31.45 -22.10
N ALA D 268 -3.66 -31.71 -20.89
CA ALA D 268 -3.64 -30.70 -19.85
C ALA D 268 -2.23 -30.45 -19.33
N TYR D 269 -1.37 -31.48 -19.34
CA TYR D 269 -0.06 -31.35 -18.71
C TYR D 269 1.02 -30.91 -19.70
N THR D 270 1.13 -31.61 -20.83
CA THR D 270 2.14 -31.27 -21.83
C THR D 270 1.68 -30.21 -22.81
N GLY D 271 0.37 -29.96 -22.90
CA GLY D 271 -0.10 -28.94 -23.82
C GLY D 271 -0.06 -29.36 -25.28
N GLU D 272 -0.04 -30.67 -25.54
CA GLU D 272 0.06 -31.17 -26.90
C GLU D 272 -1.34 -31.30 -27.50
N LEU D 273 -1.59 -30.54 -28.56
CA LEU D 273 -2.88 -30.56 -29.24
C LEU D 273 -2.88 -31.60 -30.36
N SER D 274 -3.89 -32.49 -30.31
CA SER D 274 -4.14 -33.51 -31.32
C SER D 274 -5.63 -33.55 -31.61
N ASN D 275 -6.00 -34.28 -32.67
CA ASN D 275 -7.39 -34.38 -33.09
C ASN D 275 -8.07 -35.58 -32.44
N LYS D 276 -9.35 -35.41 -32.09
CA LYS D 276 -10.15 -36.45 -31.46
C LYS D 276 -11.17 -37.10 -32.38
N GLU D 277 -11.64 -36.40 -33.39
CA GLU D 277 -12.67 -36.89 -34.30
C GLU D 277 -12.23 -36.68 -35.75
N PRO D 278 -12.85 -37.40 -36.70
CA PRO D 278 -12.38 -37.32 -38.09
C PRO D 278 -12.41 -35.92 -38.65
N LEU D 279 -11.53 -35.67 -39.63
CA LEU D 279 -11.34 -34.36 -40.24
C LEU D 279 -11.83 -34.36 -41.69
N ASP D 280 -12.91 -33.62 -41.96
CA ASP D 280 -13.50 -33.44 -43.28
C ASP D 280 -13.36 -31.99 -43.74
N PHE D 281 -12.80 -31.81 -44.95
CA PHE D 281 -12.53 -30.47 -45.46
C PHE D 281 -13.78 -29.66 -45.77
N GLU D 282 -14.82 -30.30 -46.28
CA GLU D 282 -16.00 -29.56 -46.72
C GLU D 282 -16.76 -28.91 -45.58
N GLU D 283 -16.99 -29.66 -44.51
CA GLU D 283 -17.70 -29.12 -43.36
C GLU D 283 -16.91 -27.97 -42.75
N TYR D 284 -15.60 -28.15 -42.55
CA TYR D 284 -14.73 -27.10 -42.02
C TYR D 284 -13.42 -27.07 -42.79
N LYS D 285 -13.09 -25.93 -43.41
CA LYS D 285 -11.77 -25.78 -44.01
C LYS D 285 -10.70 -25.46 -42.95
N VAL D 286 -11.00 -24.53 -42.05
CA VAL D 286 -10.10 -24.16 -40.97
C VAL D 286 -10.78 -24.45 -39.64
N TYR D 287 -9.99 -24.41 -38.57
CA TYR D 287 -10.48 -24.66 -37.22
C TYR D 287 -9.95 -23.60 -36.27
N PRO D 288 -10.74 -22.57 -35.94
CA PRO D 288 -10.29 -21.57 -34.98
C PRO D 288 -10.65 -21.94 -33.54
N MET D 289 -9.70 -21.81 -32.62
CA MET D 289 -9.94 -22.17 -31.24
C MET D 289 -9.19 -21.23 -30.31
N GLU D 290 -9.77 -20.98 -29.14
CA GLU D 290 -9.18 -20.16 -28.10
C GLU D 290 -8.70 -21.07 -26.96
N ILE D 291 -7.44 -20.94 -26.60
CA ILE D 291 -6.85 -21.73 -25.54
C ILE D 291 -6.43 -20.81 -24.41
N GLN D 292 -6.36 -21.37 -23.20
CA GLN D 292 -6.15 -20.61 -21.98
C GLN D 292 -5.11 -21.30 -21.13
N ALA D 293 -4.15 -20.53 -20.60
CA ALA D 293 -3.11 -21.02 -19.73
C ALA D 293 -3.26 -20.36 -18.36
N GLN D 294 -3.48 -21.19 -17.34
CA GLN D 294 -3.70 -20.72 -15.98
C GLN D 294 -2.58 -21.18 -15.06
N ASP D 295 -2.10 -20.28 -14.21
CA ASP D 295 -1.19 -20.71 -13.15
C ASP D 295 -1.99 -21.34 -12.02
N GLY D 296 -1.49 -21.23 -10.79
CA GLY D 296 -2.19 -21.79 -9.66
C GLY D 296 -3.00 -20.81 -8.84
N ALA D 297 -3.01 -19.53 -9.19
CA ALA D 297 -3.62 -18.51 -8.34
C ALA D 297 -4.39 -17.49 -9.16
N GLY D 298 -5.20 -17.97 -10.10
CA GLY D 298 -6.20 -17.13 -10.74
C GLY D 298 -5.72 -16.22 -11.85
N LEU D 299 -4.42 -16.18 -12.14
CA LEU D 299 -3.95 -15.44 -13.30
C LEU D 299 -3.97 -16.33 -14.53
N MET D 300 -4.13 -15.72 -15.69
CA MET D 300 -4.38 -16.49 -16.89
C MET D 300 -3.93 -15.71 -18.11
N ALA D 301 -3.68 -16.45 -19.20
CA ALA D 301 -3.35 -15.88 -20.49
C ALA D 301 -4.13 -16.63 -21.56
N ARG D 302 -4.28 -16.00 -22.71
CA ARG D 302 -5.04 -16.56 -23.81
C ARG D 302 -4.17 -16.67 -25.05
N ALA D 303 -4.55 -17.58 -25.94
CA ALA D 303 -3.87 -17.72 -27.22
C ALA D 303 -4.84 -18.29 -28.24
N LYS D 304 -4.53 -18.05 -29.52
CA LYS D 304 -5.37 -18.48 -30.62
C LYS D 304 -4.66 -19.59 -31.40
N VAL D 305 -5.42 -20.59 -31.83
CA VAL D 305 -4.89 -21.70 -32.61
C VAL D 305 -5.81 -21.93 -33.80
N LEU D 306 -5.26 -21.85 -35.01
CA LEU D 306 -6.00 -22.06 -36.24
C LEU D 306 -5.41 -23.27 -36.95
N VAL D 307 -6.20 -24.33 -37.07
CA VAL D 307 -5.78 -25.56 -37.70
C VAL D 307 -6.44 -25.63 -39.08
N THR D 308 -5.69 -25.27 -40.10
CA THR D 308 -6.18 -25.29 -41.47
C THR D 308 -5.98 -26.67 -42.08
N VAL D 309 -7.02 -27.20 -42.71
CA VAL D 309 -6.96 -28.51 -43.35
C VAL D 309 -6.52 -28.31 -44.79
N LEU D 310 -5.52 -29.09 -45.21
CA LEU D 310 -5.08 -29.05 -46.59
C LEU D 310 -5.95 -29.97 -47.46
N ASP D 311 -5.91 -29.71 -48.76
CA ASP D 311 -6.72 -30.47 -49.71
C ASP D 311 -5.86 -31.48 -50.46
N VAL D 312 -6.41 -32.67 -50.65
CA VAL D 312 -5.76 -33.76 -51.34
C VAL D 312 -6.85 -34.61 -51.97
N ASN D 313 -6.55 -35.21 -53.12
CA ASN D 313 -7.57 -35.92 -53.87
C ASN D 313 -8.16 -37.07 -53.07
N ASP D 314 -9.35 -36.85 -52.53
CA ASP D 314 -10.07 -37.86 -51.78
C ASP D 314 -11.48 -38.09 -52.32
N ASN D 315 -11.92 -37.29 -53.28
CA ASN D 315 -13.25 -37.43 -53.86
C ASN D 315 -13.11 -37.87 -55.31
N ALA D 316 -13.72 -39.02 -55.63
CA ALA D 316 -13.74 -39.54 -56.99
C ALA D 316 -14.80 -38.84 -57.82
N PRO D 317 -14.57 -38.70 -59.12
CA PRO D 317 -15.57 -38.08 -60.00
C PRO D 317 -16.87 -38.89 -60.04
N GLU D 318 -17.97 -38.18 -60.32
CA GLU D 318 -19.28 -38.78 -60.44
C GLU D 318 -19.83 -38.50 -61.83
N VAL D 319 -20.38 -39.52 -62.48
CA VAL D 319 -20.93 -39.41 -63.82
C VAL D 319 -22.45 -39.59 -63.76
N GLY D 320 -23.19 -38.62 -64.26
CA GLY D 320 -24.63 -38.73 -64.34
C GLY D 320 -25.14 -38.87 -65.77
N ILE D 321 -25.88 -39.92 -66.05
CA ILE D 321 -26.48 -40.14 -67.37
C ILE D 321 -27.68 -39.21 -67.54
N THR D 322 -27.42 -37.93 -67.80
CA THR D 322 -28.51 -36.96 -67.90
C THR D 322 -29.28 -37.09 -69.21
N SER D 323 -28.69 -37.67 -70.24
CA SER D 323 -29.43 -37.88 -71.47
C SER D 323 -28.99 -39.19 -72.13
N VAL D 324 -29.98 -39.96 -72.58
CA VAL D 324 -29.70 -41.14 -73.39
C VAL D 324 -30.94 -41.40 -74.23
N THR D 325 -30.72 -41.96 -75.40
CA THR D 325 -31.76 -42.50 -76.25
C THR D 325 -31.76 -44.01 -76.04
N ASN D 326 -32.86 -44.53 -75.49
CA ASN D 326 -32.86 -45.93 -75.03
C ASN D 326 -32.40 -46.86 -76.14
N THR D 327 -32.79 -46.58 -77.37
CA THR D 327 -32.29 -47.28 -78.53
C THR D 327 -32.27 -46.29 -79.69
N VAL D 328 -31.68 -46.71 -80.80
CA VAL D 328 -31.38 -45.79 -81.90
C VAL D 328 -31.38 -46.56 -83.21
N PRO D 329 -31.90 -46.01 -84.31
CA PRO D 329 -32.04 -46.79 -85.55
C PRO D 329 -30.72 -47.32 -86.07
N GLU D 330 -30.83 -48.32 -86.95
CA GLU D 330 -29.66 -48.98 -87.53
C GLU D 330 -28.92 -48.09 -88.53
N ASN D 331 -29.61 -47.21 -89.27
CA ASN D 331 -28.96 -46.45 -90.35
C ASN D 331 -28.71 -44.96 -90.05
N PHE D 332 -28.55 -44.56 -88.78
CA PHE D 332 -28.25 -43.15 -88.59
C PHE D 332 -26.78 -42.86 -88.93
N PRO D 333 -26.49 -41.67 -89.48
CA PRO D 333 -25.13 -41.39 -89.98
C PRO D 333 -24.17 -41.01 -88.88
N PRO D 334 -22.86 -41.03 -89.15
CA PRO D 334 -21.88 -40.63 -88.14
C PRO D 334 -21.93 -39.15 -87.83
N GLY D 335 -21.76 -38.82 -86.55
CA GLY D 335 -21.81 -37.46 -86.06
C GLY D 335 -23.00 -37.14 -85.18
N THR D 336 -23.78 -38.13 -84.78
CA THR D 336 -24.97 -37.95 -83.95
C THR D 336 -24.63 -38.33 -82.51
N THR D 337 -25.00 -37.47 -81.57
CA THR D 337 -24.79 -37.75 -80.16
C THR D 337 -25.76 -38.83 -79.71
N ILE D 338 -25.21 -39.89 -79.09
CA ILE D 338 -26.03 -41.02 -78.66
C ILE D 338 -26.39 -40.91 -77.18
N ALA D 339 -25.53 -40.25 -76.40
CA ALA D 339 -25.77 -40.11 -74.97
C ALA D 339 -25.00 -38.91 -74.44
N LEU D 340 -25.58 -38.24 -73.46
CA LEU D 340 -24.97 -37.08 -72.82
C LEU D 340 -24.79 -37.37 -71.33
N ILE D 341 -23.54 -37.25 -70.86
CA ILE D 341 -23.18 -37.50 -69.48
C ILE D 341 -22.59 -36.24 -68.86
N SER D 342 -22.82 -36.09 -67.55
CA SER D 342 -22.33 -34.95 -66.78
C SER D 342 -21.45 -35.45 -65.65
N VAL D 343 -20.17 -35.09 -65.68
CA VAL D 343 -19.20 -35.52 -64.69
C VAL D 343 -18.87 -34.34 -63.80
N HIS D 344 -18.50 -34.61 -62.55
CA HIS D 344 -18.27 -33.52 -61.61
C HIS D 344 -17.36 -34.01 -60.51
N ASP D 345 -16.23 -33.33 -60.31
CA ASP D 345 -15.27 -33.64 -59.26
C ASP D 345 -15.34 -32.56 -58.19
N GLN D 346 -15.38 -32.98 -56.93
CA GLN D 346 -15.48 -32.04 -55.81
C GLN D 346 -14.15 -31.41 -55.42
N ASP D 347 -13.07 -31.76 -56.10
CA ASP D 347 -11.75 -31.23 -55.78
C ASP D 347 -11.39 -30.07 -56.71
N ALA D 348 -10.27 -29.44 -56.42
CA ALA D 348 -9.80 -28.31 -57.20
C ALA D 348 -8.38 -28.53 -57.69
N ASP D 349 -7.90 -27.59 -58.48
CA ASP D 349 -6.55 -27.59 -59.07
C ASP D 349 -6.41 -28.84 -59.94
N ASN D 350 -5.18 -29.37 -60.04
CA ASN D 350 -4.94 -30.57 -60.83
C ASN D 350 -5.66 -31.78 -60.27
N ASN D 351 -6.11 -31.72 -59.02
CA ASN D 351 -6.87 -32.80 -58.42
C ASN D 351 -8.34 -32.75 -58.79
N GLY D 352 -8.74 -31.81 -59.65
CA GLY D 352 -10.14 -31.60 -59.96
C GLY D 352 -10.45 -31.60 -61.45
N HIS D 353 -9.44 -31.77 -62.30
CA HIS D 353 -9.64 -31.84 -63.73
C HIS D 353 -9.98 -33.27 -64.11
N ILE D 354 -10.93 -33.43 -65.04
CA ILE D 354 -11.50 -34.73 -65.37
C ILE D 354 -11.21 -35.05 -66.83
N THR D 355 -10.63 -36.23 -67.06
CA THR D 355 -10.40 -36.76 -68.39
C THR D 355 -11.26 -38.01 -68.59
N CYS D 356 -11.62 -38.24 -69.85
CA CYS D 356 -12.52 -39.32 -70.23
C CYS D 356 -11.83 -40.36 -71.08
N SER D 357 -12.16 -41.60 -70.79
CA SER D 357 -11.58 -42.72 -71.51
C SER D 357 -12.66 -43.68 -71.95
N ILE D 358 -12.58 -44.06 -73.23
CA ILE D 358 -13.48 -45.04 -73.83
C ILE D 358 -12.68 -45.98 -74.71
N PRO D 359 -13.17 -47.20 -74.90
CA PRO D 359 -12.46 -48.17 -75.75
C PRO D 359 -12.34 -47.66 -77.18
N GLY D 360 -11.12 -47.69 -77.70
CA GLY D 360 -10.83 -47.16 -79.02
C GLY D 360 -11.14 -48.09 -80.18
N ASN D 361 -11.46 -49.35 -79.90
CA ASN D 361 -11.76 -50.29 -80.98
C ASN D 361 -13.10 -49.98 -81.64
N LEU D 362 -14.13 -49.73 -80.82
CA LEU D 362 -15.44 -49.46 -81.38
C LEU D 362 -15.45 -48.11 -82.10
N PRO D 363 -16.27 -47.96 -83.15
CA PRO D 363 -16.20 -46.74 -83.94
C PRO D 363 -16.61 -45.48 -83.19
N PHE D 364 -17.69 -45.55 -82.40
CA PHE D 364 -18.14 -44.36 -81.70
C PHE D 364 -17.11 -43.91 -80.68
N LYS D 365 -17.02 -42.60 -80.49
CA LYS D 365 -16.06 -42.00 -79.57
C LYS D 365 -16.75 -40.91 -78.78
N LEU D 366 -16.13 -40.54 -77.67
CA LEU D 366 -16.68 -39.53 -76.79
C LEU D 366 -15.96 -38.22 -77.03
N GLU D 367 -16.72 -37.14 -77.20
CA GLU D 367 -16.13 -35.83 -77.33
C GLU D 367 -16.56 -35.00 -76.13
N LYS D 368 -15.63 -34.20 -75.63
CA LYS D 368 -15.92 -33.35 -74.49
C LYS D 368 -16.68 -32.13 -74.96
N LEU D 369 -17.74 -31.78 -74.25
CA LEU D 369 -18.23 -30.44 -74.49
C LEU D 369 -17.35 -29.52 -73.68
N VAL D 370 -17.67 -28.23 -73.65
CA VAL D 370 -16.87 -27.34 -72.83
C VAL D 370 -17.14 -27.69 -71.37
N ASP D 371 -16.10 -27.61 -70.56
CA ASP D 371 -16.18 -27.89 -69.12
C ASP D 371 -16.57 -29.36 -68.91
N ASN D 372 -17.28 -29.62 -67.80
CA ASN D 372 -17.57 -30.97 -67.31
C ASN D 372 -18.44 -31.84 -68.22
N TYR D 373 -19.07 -31.31 -69.26
CA TYR D 373 -20.06 -32.10 -69.98
C TYR D 373 -19.48 -32.90 -71.13
N TYR D 374 -20.01 -34.12 -71.33
CA TYR D 374 -19.50 -35.04 -72.34
C TYR D 374 -20.61 -35.60 -73.23
N ARG D 375 -20.39 -35.56 -74.54
CA ARG D 375 -21.33 -36.08 -75.54
C ARG D 375 -20.69 -37.27 -76.28
N LEU D 376 -21.41 -38.39 -76.33
CA LEU D 376 -20.94 -39.62 -77.00
C LEU D 376 -21.44 -39.64 -78.44
N VAL D 377 -20.55 -39.35 -79.39
CA VAL D 377 -20.89 -39.28 -80.81
C VAL D 377 -20.33 -40.51 -81.53
N THR D 378 -20.96 -40.88 -82.64
CA THR D 378 -20.51 -41.99 -83.46
C THR D 378 -19.58 -41.51 -84.57
N GLU D 379 -18.65 -42.38 -84.98
CA GLU D 379 -17.68 -42.05 -86.03
C GLU D 379 -17.77 -42.93 -87.27
N ARG D 380 -18.26 -44.17 -87.15
CA ARG D 380 -18.37 -45.06 -88.31
C ARG D 380 -19.69 -45.81 -88.24
N THR D 381 -19.89 -46.78 -89.13
CA THR D 381 -21.14 -47.51 -89.21
C THR D 381 -21.03 -48.84 -88.49
N LEU D 382 -22.14 -49.25 -87.87
CA LEU D 382 -22.21 -50.52 -87.17
C LEU D 382 -23.17 -51.46 -87.88
N ASP D 383 -22.81 -52.74 -87.91
CA ASP D 383 -23.66 -53.75 -88.50
C ASP D 383 -24.72 -54.18 -87.48
N ARG D 384 -25.93 -54.42 -87.97
CA ARG D 384 -26.95 -54.99 -87.09
C ARG D 384 -26.58 -56.41 -86.68
N GLU D 385 -25.88 -57.13 -87.57
CA GLU D 385 -25.45 -58.49 -87.28
C GLU D 385 -24.18 -58.54 -86.45
N GLN D 386 -23.19 -57.71 -86.78
CA GLN D 386 -21.91 -57.75 -86.06
C GLN D 386 -22.07 -57.38 -84.61
N SER D 387 -22.92 -56.41 -84.31
CA SER D 387 -23.13 -55.96 -82.92
C SER D 387 -24.60 -55.64 -82.74
N SER D 388 -25.29 -56.47 -81.96
CA SER D 388 -26.69 -56.28 -81.62
C SER D 388 -26.88 -55.59 -80.28
N ARG D 389 -26.07 -55.94 -79.28
CA ARG D 389 -26.12 -55.35 -77.95
C ARG D 389 -24.73 -54.85 -77.58
N HIS D 390 -24.70 -53.76 -76.81
CA HIS D 390 -23.44 -53.13 -76.42
C HIS D 390 -23.44 -52.83 -74.94
N ASN D 391 -22.42 -53.31 -74.23
CA ASN D 391 -22.18 -52.93 -72.84
C ASN D 391 -20.86 -52.16 -72.86
N ILE D 392 -20.99 -50.84 -72.82
CA ILE D 392 -19.92 -49.88 -73.02
C ILE D 392 -19.34 -49.49 -71.67
N THR D 393 -18.03 -49.25 -71.65
CA THR D 393 -17.30 -48.90 -70.43
C THR D 393 -16.68 -47.52 -70.59
N ILE D 394 -17.30 -46.52 -69.96
CA ILE D 394 -16.75 -45.16 -69.91
C ILE D 394 -16.09 -44.95 -68.56
N THR D 395 -14.83 -44.50 -68.56
CA THR D 395 -14.09 -44.31 -67.32
C THR D 395 -13.67 -42.85 -67.17
N ALA D 396 -14.06 -42.22 -66.07
CA ALA D 396 -13.72 -40.83 -65.78
C ALA D 396 -12.61 -40.80 -64.73
N THR D 397 -11.48 -40.18 -65.08
CA THR D 397 -10.31 -40.13 -64.22
C THR D 397 -9.96 -38.68 -63.91
N ASP D 398 -9.58 -38.38 -62.68
CA ASP D 398 -9.05 -37.04 -62.44
C ASP D 398 -7.53 -37.04 -62.55
N GLN D 399 -6.96 -35.85 -62.71
CA GLN D 399 -5.59 -35.68 -63.13
C GLN D 399 -4.62 -35.42 -61.98
N GLY D 400 -5.08 -35.51 -60.73
CA GLY D 400 -4.23 -35.26 -59.58
C GLY D 400 -3.82 -36.57 -58.92
N THR D 401 -2.51 -36.74 -58.78
CA THR D 401 -1.95 -37.97 -58.19
C THR D 401 -2.11 -37.99 -56.67
N PRO D 402 -2.59 -39.13 -56.12
CA PRO D 402 -3.01 -40.31 -56.89
C PRO D 402 -4.39 -40.15 -57.53
N PRO D 403 -4.49 -40.43 -58.82
CA PRO D 403 -5.76 -40.20 -59.53
C PRO D 403 -6.86 -41.13 -59.05
N LEU D 404 -8.09 -40.59 -59.02
CA LEU D 404 -9.27 -41.36 -58.67
C LEU D 404 -10.17 -41.47 -59.90
N SER D 405 -10.71 -42.65 -60.14
CA SER D 405 -11.47 -42.92 -61.35
C SER D 405 -12.75 -43.65 -61.02
N THR D 406 -13.79 -43.36 -61.79
CA THR D 406 -15.09 -44.01 -61.66
C THR D 406 -15.56 -44.45 -63.05
N GLN D 407 -15.99 -45.70 -63.16
CA GLN D 407 -16.41 -46.27 -64.43
C GLN D 407 -17.91 -46.53 -64.44
N ALA D 408 -18.51 -46.37 -65.62
CA ALA D 408 -19.93 -46.62 -65.85
C ALA D 408 -20.11 -47.48 -67.09
N HIS D 409 -21.10 -48.38 -67.01
CA HIS D 409 -21.41 -49.33 -68.08
C HIS D 409 -22.77 -48.98 -68.65
N ILE D 410 -22.84 -48.86 -69.97
CA ILE D 410 -24.07 -48.47 -70.67
C ILE D 410 -24.51 -49.61 -71.57
N SER D 411 -25.81 -49.90 -71.55
CA SER D 411 -26.39 -50.95 -72.39
C SER D 411 -27.14 -50.32 -73.55
N LEU D 412 -26.85 -50.79 -74.76
CA LEU D 412 -27.40 -50.23 -75.98
C LEU D 412 -27.82 -51.36 -76.91
N LEU D 413 -28.77 -51.06 -77.79
CA LEU D 413 -29.31 -52.03 -78.74
C LEU D 413 -29.52 -51.36 -80.09
N VAL D 414 -29.71 -52.18 -81.12
CA VAL D 414 -29.93 -51.72 -82.48
C VAL D 414 -31.26 -52.26 -82.98
N THR D 415 -32.01 -51.44 -83.71
CA THR D 415 -33.29 -51.82 -84.28
C THR D 415 -33.30 -51.56 -85.77
N ASP D 416 -34.13 -52.30 -86.48
CA ASP D 416 -34.31 -52.15 -87.91
C ASP D 416 -35.57 -51.36 -88.21
N ILE D 417 -35.61 -50.76 -89.40
CA ILE D 417 -36.77 -50.00 -89.84
C ILE D 417 -37.55 -50.80 -90.88
C1 NAG E . -13.97 14.73 -73.90
C2 NAG E . -12.97 15.75 -73.33
C3 NAG E . -13.50 16.34 -72.02
C4 NAG E . -14.93 16.85 -72.18
C5 NAG E . -15.82 15.79 -72.82
C6 NAG E . -17.21 16.28 -73.15
C7 NAG E . -10.66 15.27 -74.00
C8 NAG E . -9.38 14.58 -73.63
N2 NAG E . -11.67 15.14 -73.14
O3 NAG E . -12.64 17.39 -71.60
O4 NAG E . -15.44 17.16 -70.89
O5 NAG E . -15.25 15.35 -74.05
O6 NAG E . -17.97 15.30 -73.82
O7 NAG E . -10.77 15.91 -75.04
C1 NAG E . -15.88 18.54 -70.77
C2 NAG E . -17.13 18.56 -69.90
C3 NAG E . -17.62 19.99 -69.73
C4 NAG E . -16.50 20.88 -69.20
C5 NAG E . -15.25 20.74 -70.07
C6 NAG E . -14.05 21.48 -69.52
C7 NAG E . -19.17 17.20 -69.74
C8 NAG E . -20.16 16.36 -70.50
N2 NAG E . -18.18 17.72 -70.47
O3 NAG E . -18.73 19.99 -68.84
O4 NAG E . -16.91 22.24 -69.18
O5 NAG E . -14.87 19.36 -70.18
O6 NAG E . -13.17 21.88 -70.55
O7 NAG E . -19.26 17.39 -68.54
C1 BMA E . -17.48 22.57 -67.90
C2 BMA E . -16.40 23.21 -67.01
C3 BMA E . -17.04 24.25 -66.06
C4 BMA E . -18.52 23.95 -65.68
C5 BMA E . -19.38 23.53 -66.89
C6 BMA E . -20.53 24.50 -67.16
O2 BMA E . -15.47 23.92 -67.82
O3 BMA E . -16.91 25.58 -66.57
O4 BMA E . -18.57 22.94 -64.68
O5 BMA E . -18.55 23.47 -68.05
O6 BMA E . -21.16 24.78 -65.92
C1 NAG F . -8.41 -10.59 19.37
C2 NAG F . -9.22 -11.22 20.50
C3 NAG F . -10.57 -11.73 19.98
C4 NAG F . -11.30 -10.64 19.20
C5 NAG F . -10.38 -10.04 18.13
C6 NAG F . -10.96 -8.84 17.44
C7 NAG F . -8.07 -13.42 20.58
C8 NAG F . -7.34 -14.37 21.46
N2 NAG F . -8.49 -12.29 21.17
O3 NAG F . -11.37 -12.16 21.07
O4 NAG F . -12.45 -11.22 18.57
O5 NAG F . -9.17 -9.59 18.74
O6 NAG F . -11.38 -7.86 18.39
O7 NAG F . -8.29 -13.65 19.40
C1 NAG F . -13.63 -10.40 18.77
C2 NAG F . -14.46 -10.51 17.50
C3 NAG F . -15.73 -9.67 17.64
C4 NAG F . -16.49 -10.07 18.89
C5 NAG F . -15.58 -10.04 20.12
C6 NAG F . -16.25 -10.59 21.35
C7 NAG F . -12.97 -10.93 15.59
C8 NAG F . -12.24 -10.33 14.43
N2 NAG F . -13.70 -10.08 16.33
O3 NAG F . -16.54 -9.84 16.48
O4 NAG F . -17.59 -9.18 19.09
O5 NAG F . -14.41 -10.85 19.89
O6 NAG F . -17.65 -10.33 21.35
O7 NAG F . -12.89 -12.12 15.87
C1 NAG G . 8.74 -24.16 -22.56
C2 NAG G . 9.54 -25.45 -22.32
C3 NAG G . 10.86 -25.16 -21.59
C4 NAG G . 11.63 -24.01 -22.25
C5 NAG G . 10.70 -22.82 -22.46
C6 NAG G . 11.32 -21.70 -23.25
C7 NAG G . 8.23 -26.48 -20.40
C8 NAG G . 8.40 -25.23 -19.57
N2 NAG G . 8.76 -26.49 -21.64
O3 NAG G . 11.66 -26.34 -21.57
O4 NAG G . 12.71 -23.65 -21.41
O5 NAG G . 9.55 -23.22 -23.19
O6 NAG G . 11.49 -22.06 -24.62
O7 NAG G . 7.60 -27.45 -19.97
C1 NAG G . 13.95 -23.43 -22.14
C2 NAG G . 14.78 -22.45 -21.33
C3 NAG G . 16.09 -22.15 -22.05
C4 NAG G . 16.83 -23.44 -22.41
C5 NAG G . 15.89 -24.44 -23.11
C6 NAG G . 16.51 -25.79 -23.32
C7 NAG G . 13.81 -20.24 -21.91
C8 NAG G . 13.06 -19.06 -21.36
N2 NAG G . 14.07 -21.22 -21.03
O3 NAG G . 16.87 -21.33 -21.21
O4 NAG G . 17.88 -23.19 -23.33
O5 NAG G . 14.69 -24.64 -22.35
O6 NAG G . 15.53 -26.76 -23.66
O7 NAG G . 14.13 -20.32 -23.08
C1 BMA G . 19.07 -22.47 -22.90
C2 BMA G . 19.15 -21.20 -23.84
C3 BMA G . 19.91 -20.01 -23.23
C4 BMA G . 19.65 -19.87 -21.73
C5 BMA G . 20.02 -21.20 -21.07
C6 BMA G . 19.96 -21.12 -19.55
O2 BMA G . 17.85 -20.72 -24.20
O3 BMA G . 19.57 -18.79 -23.88
O4 BMA G . 20.44 -18.83 -21.19
O5 BMA G . 19.04 -22.16 -21.50
O6 BMA G . 19.93 -22.45 -19.04
C1 FUC G . 11.79 -20.85 -25.34
C2 FUC G . 13.13 -21.07 -26.12
C3 FUC G . 13.09 -20.38 -27.49
C4 FUC G . 12.34 -19.04 -27.41
C5 FUC G . 10.89 -19.28 -26.96
C6 FUC G . 10.34 -18.17 -26.09
O2 FUC G . 13.45 -22.45 -26.24
O3 FUC G . 14.42 -20.11 -27.93
O4 FUC G . 13.00 -18.15 -26.50
O5 FUC G . 10.74 -20.52 -26.22
C1 MAN H . -20.21 6.03 37.01
C2 MAN H . -21.02 6.57 35.81
C3 MAN H . -22.42 7.03 36.28
C4 MAN H . -23.09 5.96 37.13
C5 MAN H . -22.17 5.56 38.29
C6 MAN H . -22.74 4.45 39.15
O2 MAN H . -21.26 5.56 34.83
O3 MAN H . -23.25 7.38 35.17
O4 MAN H . -24.31 6.46 37.66
O5 MAN H . -20.93 5.08 37.75
O6 MAN H . -21.77 4.11 40.14
C1 MAN I . -21.49 13.07 31.24
C2 MAN I . -21.72 14.18 30.20
C3 MAN I . -22.16 15.48 30.89
C4 MAN I . -23.28 15.22 31.92
C5 MAN I . -22.85 14.10 32.87
C6 MAN I . -23.89 13.73 33.90
O2 MAN I . -22.77 13.84 29.29
O3 MAN I . -22.57 16.47 29.95
O4 MAN I . -23.55 16.39 32.66
O5 MAN I . -22.58 12.92 32.09
O6 MAN I . -23.24 12.93 34.89
CA CA J . -7.22 12.85 -3.38
CA CA K . -7.97 12.30 3.14
CA CA L . -7.70 8.14 5.49
CA CA M . -16.56 13.70 52.11
CA CA N . -16.26 11.25 46.19
CA CA O . -18.40 17.22 53.35
CA CA P . -14.01 4.02 -45.64
CA CA Q . -12.64 7.45 -45.13
CA CA R . -14.09 2.62 -51.10
C1 NAG S . -20.29 10.04 -11.19
C2 NAG S . -20.75 9.24 -9.98
C3 NAG S . -21.83 10.02 -9.22
C4 NAG S . -21.35 11.44 -8.92
C5 NAG S . -20.79 12.12 -10.18
C6 NAG S . -20.16 13.46 -9.89
C7 NAG S . -21.72 7.01 -9.52
C8 NAG S . -22.17 5.72 -10.14
N2 NAG S . -21.23 7.93 -10.37
O3 NAG S . -22.16 9.38 -8.01
O4 NAG S . -22.43 12.22 -8.42
O5 NAG S . -19.78 11.30 -10.77
O6 NAG S . -20.51 13.94 -8.59
O7 NAG S . -21.82 7.21 -8.31
C1 MAN T . 18.24 17.68 -24.68
C2 MAN T . 17.87 18.98 -23.96
C3 MAN T . 17.87 20.15 -24.94
C4 MAN T . 19.17 20.18 -25.78
C5 MAN T . 19.37 18.82 -26.46
C6 MAN T . 20.65 18.73 -27.25
O2 MAN T . 18.82 19.30 -22.95
O3 MAN T . 17.70 21.40 -24.26
O4 MAN T . 19.09 21.20 -26.76
O5 MAN T . 19.42 17.82 -25.44
O6 MAN T . 20.76 17.41 -27.78
C1 MAN U . 22.44 10.53 -27.81
C2 MAN U . 22.33 11.82 -26.98
C3 MAN U . 22.87 13.03 -27.78
C4 MAN U . 24.22 12.71 -28.44
C5 MAN U . 24.12 11.41 -29.24
C6 MAN U . 25.45 11.01 -29.86
O2 MAN U . 23.14 11.75 -25.81
O3 MAN U . 22.95 14.19 -26.98
O4 MAN U . 24.58 13.78 -29.30
O5 MAN U . 23.73 10.36 -28.34
O6 MAN U . 25.21 9.97 -30.82
CA CA V . 17.30 8.34 -37.33
CA CA W . 16.32 7.95 -43.56
CA CA X . 16.03 11.17 -45.29
CA CA Y . 3.69 19.81 9.95
CA CA Z . 5.61 17.19 3.89
CA CA AA . 8.16 13.59 3.83
CA CA BA . 5.16 33.25 51.08
CA CA CA . 8.26 32.39 51.63
CA CA DA . 8.31 33.59 57.28
C1 NAG EA . -6.94 49.28 76.38
C2 NAG EA . -7.21 50.73 75.98
C3 NAG EA . -8.72 51.02 76.00
C4 NAG EA . -9.46 50.01 75.14
C5 NAG EA . -9.10 48.59 75.56
C6 NAG EA . -9.70 47.53 74.66
C7 NAG EA . -6.20 52.91 76.51
C8 NAG EA . -5.46 53.72 77.54
N2 NAG EA . -6.51 51.65 76.86
O3 NAG EA . -8.96 52.34 75.53
O4 NAG EA . -10.86 50.19 75.26
O5 NAG EA . -7.67 48.40 75.51
O6 NAG EA . -10.97 47.94 74.18
O7 NAG EA . -6.50 53.38 75.41
C1 NAG FA . 15.33 27.64 17.34
C2 NAG FA . 16.30 26.94 16.38
C3 NAG FA . 16.92 27.96 15.43
C4 NAG FA . 15.84 28.82 14.76
C5 NAG FA . 14.87 29.38 15.81
C6 NAG FA . 13.69 30.10 15.20
C7 NAG FA . 18.29 25.49 16.55
C8 NAG FA . 19.29 24.85 17.47
N2 NAG FA . 17.35 26.24 17.13
O3 NAG FA . 17.66 27.30 14.41
O4 NAG FA . 16.44 29.92 14.09
O5 NAG FA . 14.33 28.31 16.59
O6 NAG FA . 13.54 29.80 13.82
O7 NAG FA . 18.35 25.33 15.33
C1 MAN GA . -34.54 -11.87 -21.21
C2 MAN GA . -35.22 -12.64 -20.07
C3 MAN GA . -36.73 -12.73 -20.32
C4 MAN GA . -37.31 -11.35 -20.66
C5 MAN GA . -36.53 -10.73 -21.83
C6 MAN GA . -36.99 -9.34 -22.19
O2 MAN GA . -35.08 -11.97 -18.82
O3 MAN GA . -37.42 -13.28 -19.21
O4 MAN GA . -38.68 -11.48 -21.02
O5 MAN GA . -35.15 -10.65 -21.48
O6 MAN GA . -36.15 -8.84 -23.23
C1 MAN HA . -31.30 -18.46 -15.56
C2 MAN HA . -30.21 -18.39 -14.48
C3 MAN HA . -29.45 -19.73 -14.41
C4 MAN HA . -30.41 -20.93 -14.38
C5 MAN HA . -31.40 -20.82 -15.54
C6 MAN HA . -32.42 -21.94 -15.55
O2 MAN HA . -30.78 -18.21 -13.18
O3 MAN HA . -28.57 -19.78 -13.28
O4 MAN HA . -29.68 -22.14 -14.48
O5 MAN HA . -32.11 -19.58 -15.42
O6 MAN HA . -33.07 -21.93 -16.82
CA CA IA . -1.22 -11.70 5.62
CA CA JA . -5.45 -11.41 0.32
CA CA KA . -6.94 -7.29 -0.85
CA CA LA . -38.12 -20.76 -35.57
CA CA MA . -35.51 -17.30 -31.00
CA CA NA . -39.65 -24.82 -35.45
CA CA OA . 11.55 -1.65 46.42
CA CA PA . 12.95 -3.45 44.81
CA CA QA . 13.10 0.44 52.36
C1 NAG RA . 30.22 -5.49 74.84
C2 NAG RA . 30.13 -6.72 75.75
C3 NAG RA . 31.42 -7.53 75.67
C4 NAG RA . 31.78 -7.84 74.22
C5 NAG RA . 31.81 -6.56 73.40
C6 NAG RA . 32.06 -6.80 71.93
C7 NAG RA . 29.41 -7.18 78.05
C8 NAG RA . 29.19 -6.59 79.42
N2 NAG RA . 29.86 -6.33 77.12
O3 NAG RA . 31.28 -8.74 76.40
O4 NAG RA . 33.04 -8.48 74.15
O5 NAG RA . 30.54 -5.89 73.51
O6 NAG RA . 33.43 -6.69 71.62
O7 NAG RA . 29.22 -8.37 77.82
C1 MAN SA . 30.73 -10.35 8.58
C2 MAN SA . 30.46 -11.84 8.86
C3 MAN SA . 31.74 -12.55 9.25
C4 MAN SA . 32.88 -12.24 8.25
C5 MAN SA . 33.04 -10.72 8.11
C6 MAN SA . 34.09 -10.33 7.09
O2 MAN SA . 29.99 -12.51 7.69
O3 MAN SA . 31.56 -13.96 9.35
O4 MAN SA . 34.10 -12.81 8.71
O5 MAN SA . 31.79 -10.17 7.69
O6 MAN SA . 34.09 -8.91 7.01
C1 MAN TA . 35.43 -3.29 9.18
C2 MAN TA . 35.34 -4.69 8.56
C3 MAN TA . 36.64 -5.48 8.82
C4 MAN TA . 37.90 -4.64 8.50
C5 MAN TA . 37.82 -3.30 9.23
C6 MAN TA . 38.99 -2.38 8.94
O2 MAN TA . 35.23 -4.62 7.14
O3 MAN TA . 36.67 -6.71 8.10
O4 MAN TA . 39.06 -5.34 8.93
O5 MAN TA . 36.61 -2.63 8.81
O6 MAN TA . 38.97 -1.32 9.89
CA CA UA . 36.30 -1.08 20.82
CA CA VA . 39.19 -1.40 26.27
CA CA WA . 40.51 -4.76 28.33
CA CA XA . 1.77 -16.76 -11.92
CA CA YA . 5.87 -13.33 -7.66
CA CA ZA . 7.33 -9.41 -8.62
CA CA AB . -10.36 -33.13 -51.04
CA CA BB . -12.76 -34.30 -47.60
CA CA CB . -10.81 -35.42 -57.26
C1 NAG DB . -25.02 -55.81 -70.04
C2 NAG DB . -25.34 -57.31 -70.08
C3 NAG DB . -26.74 -57.56 -69.51
C4 NAG DB . -26.88 -56.93 -68.13
C5 NAG DB . -26.51 -55.46 -68.19
C6 NAG DB . -26.52 -54.80 -66.82
C7 NAG DB . -24.09 -58.26 -71.96
C8 NAG DB . -24.16 -58.77 -73.37
N2 NAG DB . -25.24 -57.83 -71.43
O3 NAG DB . -26.99 -58.96 -69.44
O4 NAG DB . -28.23 -57.06 -67.67
O5 NAG DB . -25.17 -55.31 -68.70
O6 NAG DB . -26.79 -53.41 -66.92
O7 NAG DB . -23.03 -58.24 -71.34
#